data_2N4I
#
_entry.id   2N4I
#
_cell.length_a   1.000
_cell.length_b   1.000
_cell.length_c   1.000
_cell.angle_alpha   90.00
_cell.angle_beta   90.00
_cell.angle_gamma   90.00
#
_symmetry.space_group_name_H-M   'P 1'
#
_entity_poly.entity_id   1
_entity_poly.type   'polypeptide(L)'
_entity_poly.pdbx_seq_one_letter_code
;MSSEPFIVNGLEGPVLASLGGNLELSCQLSPPQQAQHMEIRWFRNLYTEPVHLYRDGKDMFGEIISKYVERTELLKDGIG
EGKVTLRIFNVTVDDDGSYHCVFKDGDFYEEHITEVKIT
;
_entity_poly.pdbx_strand_id   A
#
# COMPACT_ATOMS: atom_id res chain seq x y z
N MET A 1 2.66 -28.78 -10.08
CA MET A 1 3.73 -27.76 -10.16
C MET A 1 3.31 -26.50 -9.39
N SER A 2 3.43 -26.56 -8.07
CA SER A 2 3.08 -25.43 -7.23
C SER A 2 4.16 -24.36 -7.28
N SER A 3 3.93 -23.32 -8.05
CA SER A 3 4.88 -22.23 -8.19
C SER A 3 4.19 -20.91 -7.89
N GLU A 4 3.09 -21.00 -7.17
CA GLU A 4 2.33 -19.82 -6.79
C GLU A 4 2.65 -19.44 -5.36
N PRO A 5 3.42 -18.37 -5.16
CA PRO A 5 3.80 -17.89 -3.84
C PRO A 5 2.62 -17.24 -3.13
N PHE A 6 2.25 -16.07 -3.61
CA PHE A 6 1.11 -15.34 -3.08
C PHE A 6 0.63 -14.38 -4.15
N ILE A 7 -0.67 -14.12 -4.20
CA ILE A 7 -1.23 -13.30 -5.26
C ILE A 7 -2.11 -12.19 -4.71
N VAL A 8 -2.62 -11.38 -5.62
CA VAL A 8 -3.50 -10.29 -5.29
C VAL A 8 -4.95 -10.69 -5.56
N ASN A 9 -5.88 -10.16 -4.78
CA ASN A 9 -7.28 -10.47 -4.97
C ASN A 9 -8.09 -9.21 -5.21
N GLY A 10 -9.20 -9.35 -5.93
CA GLY A 10 -10.06 -8.22 -6.19
C GLY A 10 -9.81 -7.60 -7.56
N LEU A 11 -9.60 -6.30 -7.57
CA LEU A 11 -9.39 -5.55 -8.80
C LEU A 11 -8.12 -4.71 -8.69
N GLU A 12 -7.78 -3.99 -9.75
CA GLU A 12 -6.67 -3.05 -9.71
C GLU A 12 -6.86 -2.06 -8.57
N GLY A 13 -8.06 -1.49 -8.49
CA GLY A 13 -8.41 -0.67 -7.36
C GLY A 13 -8.76 0.77 -7.72
N PRO A 14 -10.00 1.04 -8.12
CA PRO A 14 -10.49 2.40 -8.33
C PRO A 14 -10.88 3.05 -7.01
N VAL A 15 -9.89 3.56 -6.28
CA VAL A 15 -10.12 4.15 -4.97
C VAL A 15 -10.54 5.61 -5.08
N LEU A 16 -11.64 5.95 -4.45
CA LEU A 16 -12.18 7.31 -4.53
C LEU A 16 -11.92 8.07 -3.23
N ALA A 17 -11.62 9.36 -3.35
CA ALA A 17 -11.27 10.16 -2.20
C ALA A 17 -11.62 11.63 -2.43
N SER A 18 -11.48 12.42 -1.36
CA SER A 18 -11.75 13.86 -1.42
C SER A 18 -10.47 14.61 -1.06
N LEU A 19 -10.21 15.70 -1.76
CA LEU A 19 -8.97 16.44 -1.59
C LEU A 19 -8.83 16.96 -0.17
N GLY A 20 -7.66 16.78 0.41
CA GLY A 20 -7.41 17.27 1.76
C GLY A 20 -8.01 16.38 2.84
N GLY A 21 -8.94 15.52 2.45
CA GLY A 21 -9.58 14.65 3.39
C GLY A 21 -8.83 13.36 3.60
N ASN A 22 -9.55 12.29 3.89
CA ASN A 22 -8.92 11.01 4.16
C ASN A 22 -8.99 10.09 2.94
N LEU A 23 -7.85 9.53 2.59
CA LEU A 23 -7.77 8.56 1.52
C LEU A 23 -7.62 7.17 2.11
N GLU A 24 -8.65 6.34 1.97
CA GLU A 24 -8.59 4.98 2.42
C GLU A 24 -8.17 4.07 1.27
N LEU A 25 -6.94 3.61 1.32
CA LEU A 25 -6.40 2.76 0.28
C LEU A 25 -6.58 1.31 0.68
N SER A 26 -7.17 0.53 -0.21
CA SER A 26 -7.52 -0.85 0.10
C SER A 26 -6.88 -1.82 -0.88
N CYS A 27 -6.09 -2.74 -0.36
CA CYS A 27 -5.48 -3.78 -1.18
C CYS A 27 -5.79 -5.15 -0.58
N GLN A 28 -6.06 -6.13 -1.43
CA GLN A 28 -6.36 -7.48 -0.97
C GLN A 28 -5.28 -8.45 -1.43
N LEU A 29 -4.78 -9.25 -0.50
CA LEU A 29 -3.72 -10.20 -0.81
C LEU A 29 -4.11 -11.60 -0.34
N SER A 30 -3.53 -12.59 -0.99
CA SER A 30 -3.70 -13.98 -0.58
C SER A 30 -2.34 -14.64 -0.35
N PRO A 31 -1.77 -14.45 0.85
CA PRO A 31 -0.44 -14.94 1.20
C PRO A 31 -0.48 -16.29 1.90
N PRO A 32 0.67 -16.98 1.97
CA PRO A 32 0.78 -18.26 2.67
C PRO A 32 0.93 -18.07 4.18
N GLN A 33 1.24 -16.84 4.58
CA GLN A 33 1.46 -16.52 5.99
C GLN A 33 0.40 -15.52 6.45
N GLN A 34 0.56 -15.00 7.67
CA GLN A 34 -0.38 -14.01 8.20
C GLN A 34 0.06 -12.60 7.80
N ALA A 35 1.28 -12.51 7.28
CA ALA A 35 1.82 -11.28 6.70
C ALA A 35 2.05 -10.17 7.74
N GLN A 36 1.90 -10.51 9.01
CA GLN A 36 2.12 -9.53 10.08
C GLN A 36 3.55 -8.97 10.01
N HIS A 37 4.51 -9.86 9.84
CA HIS A 37 5.92 -9.47 9.78
C HIS A 37 6.33 -9.14 8.35
N MET A 38 5.37 -9.16 7.44
CA MET A 38 5.66 -8.95 6.03
C MET A 38 5.82 -7.47 5.72
N GLU A 39 6.36 -7.16 4.55
CA GLU A 39 6.64 -5.79 4.16
C GLU A 39 5.63 -5.31 3.14
N ILE A 40 5.24 -4.04 3.24
CA ILE A 40 4.27 -3.48 2.33
C ILE A 40 4.68 -2.07 1.87
N ARG A 41 4.38 -1.76 0.62
CA ARG A 41 4.55 -0.41 0.10
C ARG A 41 3.23 0.02 -0.54
N TRP A 42 2.62 1.06 0.00
CA TRP A 42 1.26 1.45 -0.37
C TRP A 42 1.19 2.94 -0.67
N PHE A 43 1.99 3.42 -1.62
CA PHE A 43 2.12 4.87 -1.82
C PHE A 43 2.39 5.23 -3.27
N ARG A 44 2.34 6.52 -3.58
CA ARG A 44 2.66 7.00 -4.92
C ARG A 44 3.58 8.21 -4.83
N ASN A 45 4.71 8.13 -5.53
CA ASN A 45 5.63 9.25 -5.61
C ASN A 45 6.48 9.11 -6.87
N LEU A 46 7.14 10.17 -7.26
CA LEU A 46 7.89 10.18 -8.51
C LEU A 46 9.38 9.92 -8.28
N TYR A 47 9.90 8.93 -8.99
CA TYR A 47 11.33 8.59 -8.99
C TYR A 47 11.73 7.81 -7.75
N THR A 48 12.68 6.91 -7.93
CA THR A 48 13.13 6.03 -6.87
C THR A 48 14.07 6.74 -5.89
N GLU A 49 13.48 7.39 -4.89
CA GLU A 49 14.23 7.97 -3.80
C GLU A 49 13.38 7.94 -2.53
N PRO A 50 12.18 8.56 -2.53
CA PRO A 50 11.22 8.41 -1.45
C PRO A 50 10.20 7.32 -1.76
N VAL A 51 9.53 6.83 -0.73
CA VAL A 51 8.53 5.77 -0.89
C VAL A 51 9.19 4.49 -1.41
N HIS A 52 9.62 3.66 -0.48
CA HIS A 52 10.39 2.47 -0.82
C HIS A 52 9.71 1.22 -0.30
N LEU A 53 9.50 1.17 1.02
CA LEU A 53 8.99 -0.04 1.67
C LEU A 53 8.95 0.16 3.19
N TYR A 54 7.79 -0.12 3.77
CA TYR A 54 7.63 -0.09 5.22
C TYR A 54 7.33 -1.50 5.72
N ARG A 55 7.94 -1.89 6.83
CA ARG A 55 7.97 -3.32 7.17
C ARG A 55 7.70 -3.59 8.64
N ASP A 56 6.92 -4.65 8.90
CA ASP A 56 6.69 -5.15 10.25
C ASP A 56 5.88 -4.18 11.11
N GLY A 57 5.51 -3.06 10.53
CA GLY A 57 4.87 -2.00 11.31
C GLY A 57 5.87 -0.95 11.70
N LYS A 58 7.10 -1.11 11.21
CA LYS A 58 8.17 -0.18 11.47
C LYS A 58 8.51 0.61 10.22
N ASP A 59 8.79 1.89 10.41
CA ASP A 59 9.15 2.79 9.32
C ASP A 59 10.57 2.51 8.83
N MET A 60 10.93 3.10 7.71
CA MET A 60 12.27 2.97 7.17
C MET A 60 12.82 4.33 6.80
N PHE A 61 13.95 4.71 7.40
CA PHE A 61 14.60 5.99 7.11
C PHE A 61 14.91 6.11 5.62
N GLY A 62 15.36 5.01 5.03
CA GLY A 62 15.67 5.00 3.61
C GLY A 62 14.43 4.99 2.74
N GLU A 63 13.27 4.77 3.34
CA GLU A 63 12.00 4.83 2.62
C GLU A 63 11.41 6.22 2.74
N ILE A 64 11.79 6.90 3.83
CA ILE A 64 11.35 8.26 4.15
C ILE A 64 9.85 8.49 3.87
N ILE A 65 9.03 7.84 4.69
CA ILE A 65 7.58 8.03 4.64
C ILE A 65 7.22 9.45 5.07
N SER A 66 8.20 10.15 5.62
CA SER A 66 8.08 11.56 5.94
C SER A 66 7.72 12.38 4.68
N LYS A 67 7.84 11.74 3.51
CA LYS A 67 7.45 12.36 2.25
C LYS A 67 5.95 12.67 2.24
N TYR A 68 5.16 11.80 2.86
CA TYR A 68 3.74 12.04 3.03
C TYR A 68 3.48 12.50 4.47
N VAL A 69 4.56 12.99 5.09
CA VAL A 69 4.54 13.51 6.46
C VAL A 69 4.01 12.45 7.44
N GLU A 70 3.36 12.90 8.51
CA GLU A 70 2.87 11.99 9.54
C GLU A 70 1.38 11.71 9.33
N ARG A 71 0.94 11.80 8.09
CA ARG A 71 -0.46 11.60 7.73
C ARG A 71 -0.68 10.20 7.18
N THR A 72 0.06 9.24 7.73
CA THR A 72 0.03 7.88 7.24
C THR A 72 -0.42 6.88 8.33
N GLU A 73 -1.44 6.09 8.03
CA GLU A 73 -1.89 5.04 8.93
C GLU A 73 -2.17 3.76 8.13
N LEU A 74 -1.22 2.84 8.14
CA LEU A 74 -1.38 1.59 7.43
C LEU A 74 -2.07 0.55 8.31
N LEU A 75 -3.36 0.38 8.10
CA LEU A 75 -4.13 -0.62 8.83
C LEU A 75 -3.67 -2.01 8.43
N LYS A 76 -2.83 -2.59 9.28
CA LYS A 76 -2.26 -3.91 9.07
C LYS A 76 -3.04 -4.94 9.86
N ASP A 77 -3.95 -4.47 10.70
CA ASP A 77 -4.82 -5.36 11.48
C ASP A 77 -5.62 -6.25 10.54
N GLY A 78 -5.91 -5.72 9.36
CA GLY A 78 -6.64 -6.45 8.36
C GLY A 78 -5.79 -7.50 7.65
N ILE A 79 -4.46 -7.36 7.74
CA ILE A 79 -3.55 -8.19 6.96
C ILE A 79 -3.70 -9.67 7.27
N GLY A 80 -4.09 -10.00 8.49
CA GLY A 80 -4.35 -11.39 8.86
C GLY A 80 -5.58 -11.92 8.16
N GLU A 81 -6.38 -11.01 7.64
CA GLU A 81 -7.57 -11.34 6.87
C GLU A 81 -7.28 -11.22 5.38
N GLY A 82 -6.09 -10.75 5.06
CA GLY A 82 -5.70 -10.57 3.67
C GLY A 82 -6.06 -9.21 3.13
N LYS A 83 -6.24 -8.23 4.01
CA LYS A 83 -6.63 -6.90 3.60
C LYS A 83 -5.74 -5.83 4.24
N VAL A 84 -5.24 -4.89 3.46
CA VAL A 84 -4.48 -3.80 4.02
C VAL A 84 -5.16 -2.48 3.70
N THR A 85 -5.31 -1.64 4.70
CA THR A 85 -6.03 -0.38 4.52
C THR A 85 -5.18 0.81 4.94
N LEU A 86 -4.63 1.52 3.97
CA LEU A 86 -3.80 2.67 4.27
C LEU A 86 -4.63 3.94 4.30
N ARG A 87 -4.74 4.53 5.48
CA ARG A 87 -5.40 5.81 5.62
C ARG A 87 -4.36 6.91 5.47
N ILE A 88 -4.38 7.58 4.34
CA ILE A 88 -3.47 8.69 4.09
C ILE A 88 -4.27 9.98 4.07
N PHE A 89 -3.81 10.98 4.79
CA PHE A 89 -4.55 12.23 4.89
C PHE A 89 -4.01 13.25 3.89
N ASN A 90 -4.94 13.95 3.25
CA ASN A 90 -4.65 14.99 2.28
C ASN A 90 -4.22 14.40 0.94
N VAL A 91 -5.18 13.86 0.21
CA VAL A 91 -4.94 13.42 -1.15
C VAL A 91 -5.01 14.62 -2.09
N THR A 92 -4.23 14.60 -3.16
CA THR A 92 -4.15 15.73 -4.06
C THR A 92 -4.44 15.30 -5.50
N VAL A 93 -4.65 16.28 -6.38
CA VAL A 93 -5.07 16.02 -7.75
C VAL A 93 -3.90 15.53 -8.63
N ASP A 94 -2.70 15.57 -8.07
CA ASP A 94 -1.55 14.95 -8.70
C ASP A 94 -1.38 13.54 -8.12
N ASP A 95 -1.68 13.43 -6.83
CA ASP A 95 -1.52 12.18 -6.09
C ASP A 95 -2.56 11.15 -6.49
N ASP A 96 -3.71 11.62 -6.97
CA ASP A 96 -4.81 10.75 -7.34
C ASP A 96 -4.60 10.06 -8.70
N GLY A 97 -3.35 9.92 -9.11
CA GLY A 97 -3.05 9.18 -10.32
C GLY A 97 -3.21 7.68 -10.11
N SER A 98 -2.10 6.97 -10.08
CA SER A 98 -2.13 5.55 -9.76
C SER A 98 -1.23 5.28 -8.57
N TYR A 99 -1.83 4.83 -7.48
CA TYR A 99 -1.08 4.49 -6.28
C TYR A 99 -0.34 3.18 -6.48
N HIS A 100 0.87 3.10 -5.96
CA HIS A 100 1.65 1.90 -6.10
C HIS A 100 1.49 1.01 -4.89
N CYS A 101 0.74 -0.06 -5.07
CA CYS A 101 0.54 -1.06 -4.04
C CYS A 101 1.47 -2.23 -4.30
N VAL A 102 2.37 -2.48 -3.37
CA VAL A 102 3.34 -3.55 -3.49
C VAL A 102 3.39 -4.34 -2.20
N PHE A 103 3.18 -5.63 -2.30
CA PHE A 103 3.19 -6.50 -1.13
C PHE A 103 4.40 -7.41 -1.16
N LYS A 104 5.06 -7.54 -0.02
CA LYS A 104 6.23 -8.41 0.08
C LYS A 104 6.03 -9.44 1.18
N ASP A 105 5.75 -10.67 0.77
CA ASP A 105 5.57 -11.78 1.70
C ASP A 105 6.90 -12.49 1.90
N GLY A 106 7.73 -11.93 2.77
CA GLY A 106 9.05 -12.47 2.99
C GLY A 106 9.93 -12.33 1.77
N ASP A 107 10.07 -13.41 1.02
CA ASP A 107 10.87 -13.41 -0.18
C ASP A 107 10.01 -13.18 -1.41
N PHE A 108 8.69 -13.24 -1.23
CA PHE A 108 7.76 -13.07 -2.34
C PHE A 108 7.32 -11.62 -2.45
N TYR A 109 6.91 -11.21 -3.63
CA TYR A 109 6.44 -9.85 -3.86
C TYR A 109 5.42 -9.79 -4.99
N GLU A 110 4.47 -8.90 -4.87
CA GLU A 110 3.44 -8.70 -5.90
C GLU A 110 3.16 -7.21 -6.07
N GLU A 111 2.59 -6.84 -7.21
CA GLU A 111 2.40 -5.45 -7.57
C GLU A 111 0.94 -5.16 -7.91
N HIS A 112 0.53 -3.91 -7.74
CA HIS A 112 -0.81 -3.49 -8.12
C HIS A 112 -0.85 -1.97 -8.32
N ILE A 113 -1.60 -1.55 -9.33
CA ILE A 113 -1.75 -0.13 -9.61
C ILE A 113 -3.15 0.33 -9.25
N THR A 114 -3.26 1.07 -8.16
CA THR A 114 -4.54 1.51 -7.64
C THR A 114 -4.87 2.91 -8.15
N GLU A 115 -5.75 2.98 -9.15
CA GLU A 115 -6.13 4.26 -9.73
C GLU A 115 -7.02 5.05 -8.79
N VAL A 116 -6.52 6.21 -8.36
CA VAL A 116 -7.24 7.05 -7.42
C VAL A 116 -8.20 7.97 -8.15
N LYS A 117 -9.29 8.34 -7.50
CA LYS A 117 -10.30 9.21 -8.12
C LYS A 117 -10.81 10.24 -7.12
N ILE A 118 -10.51 11.50 -7.37
CA ILE A 118 -11.07 12.57 -6.56
C ILE A 118 -12.51 12.82 -6.98
N THR A 119 -13.43 12.47 -6.10
CA THR A 119 -14.84 12.55 -6.42
C THR A 119 -15.45 13.85 -5.90
N MET A 1 0.63 -26.26 -3.24
CA MET A 1 1.13 -25.82 -4.56
C MET A 1 2.02 -24.60 -4.40
N SER A 2 3.32 -24.81 -4.49
CA SER A 2 4.29 -23.74 -4.30
C SER A 2 4.71 -23.13 -5.63
N SER A 3 4.16 -23.67 -6.72
CA SER A 3 4.45 -23.14 -8.04
C SER A 3 3.77 -21.79 -8.19
N GLU A 4 2.60 -21.70 -7.58
CA GLU A 4 1.91 -20.43 -7.43
C GLU A 4 1.98 -20.02 -5.97
N PRO A 5 2.92 -19.13 -5.64
CA PRO A 5 3.21 -18.75 -4.25
C PRO A 5 2.12 -17.86 -3.64
N PHE A 6 2.13 -16.60 -4.03
CA PHE A 6 1.19 -15.62 -3.50
C PHE A 6 0.98 -14.52 -4.54
N ILE A 7 -0.20 -13.94 -4.56
CA ILE A 7 -0.49 -12.86 -5.49
C ILE A 7 -1.39 -11.81 -4.84
N VAL A 8 -1.56 -10.70 -5.53
CA VAL A 8 -2.46 -9.64 -5.09
C VAL A 8 -3.79 -9.80 -5.82
N ASN A 9 -4.88 -9.42 -5.16
CA ASN A 9 -6.20 -9.54 -5.75
C ASN A 9 -6.33 -8.59 -6.94
N GLY A 10 -6.91 -9.09 -8.03
CA GLY A 10 -7.01 -8.31 -9.25
C GLY A 10 -8.07 -7.23 -9.17
N LEU A 11 -7.73 -6.14 -8.51
CA LEU A 11 -8.64 -5.01 -8.37
C LEU A 11 -7.90 -3.70 -8.62
N GLU A 12 -8.29 -3.00 -9.67
CA GLU A 12 -7.73 -1.69 -9.96
C GLU A 12 -8.34 -0.65 -9.04
N GLY A 13 -9.66 -0.73 -8.88
CA GLY A 13 -10.35 0.10 -7.93
C GLY A 13 -10.51 1.54 -8.39
N PRO A 14 -11.74 1.98 -8.69
CA PRO A 14 -12.04 3.38 -8.92
C PRO A 14 -12.18 4.12 -7.59
N VAL A 15 -11.09 4.15 -6.82
CA VAL A 15 -11.09 4.72 -5.49
C VAL A 15 -11.26 6.22 -5.54
N LEU A 16 -12.46 6.69 -5.22
CA LEU A 16 -12.77 8.10 -5.25
C LEU A 16 -12.56 8.73 -3.88
N ALA A 17 -11.72 9.74 -3.84
CA ALA A 17 -11.44 10.46 -2.61
C ALA A 17 -11.68 11.94 -2.82
N SER A 18 -11.73 12.70 -1.74
CA SER A 18 -11.95 14.13 -1.85
C SER A 18 -10.69 14.86 -1.44
N LEU A 19 -10.37 15.92 -2.15
CA LEU A 19 -9.15 16.67 -1.89
C LEU A 19 -9.18 17.26 -0.49
N GLY A 20 -8.15 16.98 0.29
CA GLY A 20 -8.10 17.45 1.66
C GLY A 20 -8.81 16.51 2.61
N GLY A 21 -9.53 15.54 2.04
CA GLY A 21 -10.27 14.60 2.85
C GLY A 21 -9.47 13.37 3.19
N ASN A 22 -10.14 12.34 3.66
CA ASN A 22 -9.48 11.12 4.07
C ASN A 22 -9.62 10.04 3.00
N LEU A 23 -8.51 9.39 2.69
CA LEU A 23 -8.47 8.31 1.72
C LEU A 23 -7.98 7.04 2.41
N GLU A 24 -8.84 6.03 2.50
CA GLU A 24 -8.45 4.77 3.09
C GLU A 24 -8.10 3.77 2.00
N LEU A 25 -6.83 3.40 1.94
CA LEU A 25 -6.37 2.50 0.92
C LEU A 25 -6.34 1.08 1.45
N SER A 26 -6.96 0.18 0.72
CA SER A 26 -7.02 -1.21 1.13
C SER A 26 -6.45 -2.11 0.05
N CYS A 27 -5.45 -2.88 0.41
CA CYS A 27 -4.86 -3.84 -0.52
C CYS A 27 -5.07 -5.24 0.02
N GLN A 28 -5.38 -6.18 -0.87
CA GLN A 28 -5.73 -7.53 -0.46
C GLN A 28 -4.91 -8.57 -1.21
N LEU A 29 -4.38 -9.53 -0.48
CA LEU A 29 -3.57 -10.59 -1.08
C LEU A 29 -4.09 -11.96 -0.68
N SER A 30 -3.65 -13.00 -1.38
CA SER A 30 -3.93 -14.37 -0.97
C SER A 30 -2.95 -14.77 0.13
N PRO A 31 -3.41 -14.82 1.38
CA PRO A 31 -2.55 -14.99 2.55
C PRO A 31 -1.96 -16.39 2.68
N PRO A 32 -0.62 -16.51 2.56
CA PRO A 32 0.08 -17.74 2.87
C PRO A 32 0.46 -17.81 4.35
N GLN A 33 0.35 -16.66 5.01
CA GLN A 33 0.68 -16.49 6.40
C GLN A 33 -0.09 -15.29 6.94
N GLN A 34 0.22 -14.86 8.17
CA GLN A 34 -0.47 -13.72 8.79
C GLN A 34 -0.13 -12.41 8.08
N ALA A 35 0.83 -12.49 7.16
CA ALA A 35 1.16 -11.40 6.21
C ALA A 35 1.93 -10.24 6.85
N GLN A 36 1.66 -9.95 8.11
CA GLN A 36 2.24 -8.78 8.79
C GLN A 36 3.76 -8.72 8.65
N HIS A 37 4.42 -9.86 8.75
CA HIS A 37 5.89 -9.89 8.77
C HIS A 37 6.47 -9.86 7.35
N MET A 38 5.63 -9.51 6.39
CA MET A 38 6.07 -9.35 5.01
C MET A 38 6.44 -7.88 4.75
N GLU A 39 7.21 -7.64 3.70
CA GLU A 39 7.59 -6.28 3.34
C GLU A 39 6.52 -5.69 2.43
N ILE A 40 6.07 -4.48 2.73
CA ILE A 40 4.99 -3.88 1.98
C ILE A 40 5.29 -2.44 1.56
N ARG A 41 5.00 -2.13 0.31
CA ARG A 41 5.07 -0.77 -0.21
C ARG A 41 3.67 -0.35 -0.68
N TRP A 42 3.13 0.68 -0.04
CA TRP A 42 1.79 1.16 -0.35
C TRP A 42 1.83 2.65 -0.65
N PHE A 43 2.51 3.02 -1.73
CA PHE A 43 2.78 4.44 -1.97
C PHE A 43 2.85 4.75 -3.47
N ARG A 44 2.57 6.00 -3.81
CA ARG A 44 2.70 6.46 -5.18
C ARG A 44 4.18 6.57 -5.57
N ASN A 45 4.42 6.80 -6.84
CA ASN A 45 5.79 6.96 -7.32
C ASN A 45 5.88 8.18 -8.23
N LEU A 46 6.73 9.12 -7.87
CA LEU A 46 6.93 10.31 -8.65
C LEU A 46 8.40 10.72 -8.66
N TYR A 47 8.92 10.99 -9.85
CA TYR A 47 10.29 11.48 -10.04
C TYR A 47 11.32 10.48 -9.49
N THR A 48 11.88 10.77 -8.33
CA THR A 48 12.94 9.95 -7.76
C THR A 48 12.50 9.33 -6.43
N GLU A 49 11.21 9.02 -6.32
CA GLU A 49 10.67 8.39 -5.13
C GLU A 49 11.35 7.05 -4.85
N PRO A 50 12.11 6.96 -3.75
CA PRO A 50 12.86 5.75 -3.39
C PRO A 50 11.95 4.62 -2.90
N VAL A 51 12.56 3.50 -2.52
CA VAL A 51 11.82 2.35 -2.02
C VAL A 51 11.24 2.63 -0.64
N HIS A 52 10.04 3.16 -0.62
CA HIS A 52 9.34 3.42 0.64
C HIS A 52 8.72 2.11 1.15
N LEU A 53 9.53 1.30 1.80
CA LEU A 53 9.10 -0.02 2.23
C LEU A 53 9.04 -0.12 3.75
N TYR A 54 7.92 -0.61 4.25
CA TYR A 54 7.72 -0.79 5.68
C TYR A 54 7.32 -2.24 5.96
N ARG A 55 7.63 -2.73 7.16
CA ARG A 55 7.28 -4.10 7.53
C ARG A 55 6.85 -4.14 8.98
N ASP A 56 5.86 -4.97 9.30
CA ASP A 56 5.45 -5.11 10.70
C ASP A 56 6.58 -5.75 11.49
N GLY A 57 7.15 -4.98 12.40
CA GLY A 57 8.31 -5.43 13.14
C GLY A 57 9.61 -4.88 12.57
N LYS A 58 9.52 -4.19 11.43
CA LYS A 58 10.70 -3.57 10.84
C LYS A 58 10.37 -2.19 10.27
N ASP A 59 11.08 -1.19 10.76
CA ASP A 59 10.85 0.19 10.36
C ASP A 59 12.15 0.84 9.94
N MET A 60 12.07 1.93 9.20
CA MET A 60 13.26 2.63 8.73
C MET A 60 12.89 3.99 8.18
N PHE A 61 13.88 4.86 8.03
CA PHE A 61 13.67 6.18 7.45
C PHE A 61 13.37 6.07 5.97
N GLY A 62 13.57 4.89 5.41
CA GLY A 62 13.33 4.64 4.01
C GLY A 62 11.85 4.68 3.64
N GLU A 63 11.00 4.18 4.55
CA GLU A 63 9.57 4.17 4.28
C GLU A 63 8.98 5.56 4.47
N ILE A 64 9.46 6.24 5.52
CA ILE A 64 8.98 7.57 5.93
C ILE A 64 7.57 7.89 5.39
N ILE A 65 6.59 7.22 5.96
CA ILE A 65 5.19 7.38 5.55
C ILE A 65 4.71 8.81 5.68
N SER A 66 5.37 9.57 6.55
CA SER A 66 5.07 10.97 6.73
C SER A 66 5.39 11.78 5.47
N LYS A 67 6.13 11.17 4.56
CA LYS A 67 6.58 11.85 3.34
C LYS A 67 5.44 12.03 2.34
N TYR A 68 4.37 11.25 2.50
CA TYR A 68 3.26 11.31 1.57
C TYR A 68 2.58 12.67 1.61
N VAL A 69 1.86 12.95 2.71
CA VAL A 69 1.19 14.24 2.86
C VAL A 69 1.42 14.80 4.26
N GLU A 70 0.85 14.15 5.26
CA GLU A 70 0.94 14.63 6.63
C GLU A 70 0.45 13.55 7.59
N ARG A 71 -0.83 13.20 7.47
CA ARG A 71 -1.41 12.15 8.30
C ARG A 71 -1.50 10.86 7.51
N THR A 72 -0.53 9.99 7.73
CA THR A 72 -0.48 8.71 7.05
C THR A 72 -0.26 7.58 8.04
N GLU A 73 -1.26 6.70 8.18
CA GLU A 73 -1.18 5.59 9.12
C GLU A 73 -1.45 4.26 8.42
N LEU A 74 -0.62 3.28 8.70
CA LEU A 74 -0.79 1.95 8.09
C LEU A 74 -1.41 0.98 9.09
N LEU A 75 -2.68 0.70 8.90
CA LEU A 75 -3.40 -0.24 9.73
C LEU A 75 -3.08 -1.67 9.32
N LYS A 76 -2.56 -2.43 10.27
CA LYS A 76 -2.04 -3.77 9.99
C LYS A 76 -2.95 -4.85 10.56
N ASP A 77 -4.00 -4.44 11.28
CA ASP A 77 -4.88 -5.40 11.93
C ASP A 77 -5.60 -6.27 10.89
N GLY A 78 -5.92 -5.67 9.76
CA GLY A 78 -6.55 -6.39 8.67
C GLY A 78 -5.60 -7.37 7.99
N ILE A 79 -4.30 -7.18 8.20
CA ILE A 79 -3.28 -7.95 7.49
C ILE A 79 -3.39 -9.44 7.81
N GLY A 80 -3.93 -9.76 8.98
CA GLY A 80 -4.13 -11.15 9.35
C GLY A 80 -5.14 -11.83 8.45
N GLU A 81 -5.92 -11.03 7.75
CA GLU A 81 -6.90 -11.54 6.79
C GLU A 81 -6.45 -11.24 5.37
N GLY A 82 -5.24 -10.71 5.24
CA GLY A 82 -4.67 -10.43 3.93
C GLY A 82 -5.01 -9.04 3.42
N LYS A 83 -5.33 -8.11 4.33
CA LYS A 83 -5.69 -6.76 3.92
C LYS A 83 -4.88 -5.71 4.66
N VAL A 84 -4.36 -4.73 3.95
CA VAL A 84 -3.65 -3.63 4.60
C VAL A 84 -4.41 -2.34 4.37
N THR A 85 -4.61 -1.57 5.43
CA THR A 85 -5.40 -0.35 5.35
C THR A 85 -4.55 0.89 5.60
N LEU A 86 -4.21 1.58 4.53
CA LEU A 86 -3.41 2.79 4.64
C LEU A 86 -4.32 4.01 4.71
N ARG A 87 -4.36 4.65 5.87
CA ARG A 87 -5.14 5.85 6.06
C ARG A 87 -4.33 7.08 5.67
N ILE A 88 -4.68 7.67 4.55
CA ILE A 88 -4.00 8.86 4.06
C ILE A 88 -4.93 10.07 4.16
N PHE A 89 -4.46 11.13 4.79
CA PHE A 89 -5.26 12.34 4.93
C PHE A 89 -4.73 13.42 4.00
N ASN A 90 -5.67 14.20 3.45
CA ASN A 90 -5.36 15.38 2.63
C ASN A 90 -4.72 14.98 1.30
N VAL A 91 -5.40 14.13 0.55
CA VAL A 91 -4.95 13.72 -0.78
C VAL A 91 -4.97 14.92 -1.73
N THR A 92 -4.11 14.90 -2.74
CA THR A 92 -3.96 16.06 -3.61
C THR A 92 -4.23 15.72 -5.08
N VAL A 93 -4.68 16.73 -5.83
CA VAL A 93 -4.96 16.57 -7.25
C VAL A 93 -3.67 16.29 -8.01
N ASP A 94 -2.55 16.60 -7.39
CA ASP A 94 -1.25 16.28 -7.94
C ASP A 94 -1.01 14.78 -7.87
N ASP A 95 -1.44 14.18 -6.78
CA ASP A 95 -1.24 12.74 -6.56
C ASP A 95 -2.48 11.95 -6.97
N ASP A 96 -3.43 12.64 -7.57
CA ASP A 96 -4.61 12.04 -8.24
C ASP A 96 -4.22 11.00 -9.34
N GLY A 97 -3.06 10.40 -9.23
CA GLY A 97 -2.63 9.40 -10.19
C GLY A 97 -2.90 7.99 -9.72
N SER A 98 -1.89 7.13 -9.85
CA SER A 98 -2.01 5.75 -9.42
C SER A 98 -0.84 5.38 -8.50
N TYR A 99 -1.16 4.85 -7.33
CA TYR A 99 -0.14 4.47 -6.37
C TYR A 99 0.30 3.03 -6.58
N HIS A 100 1.45 2.69 -6.04
CA HIS A 100 2.02 1.36 -6.20
C HIS A 100 1.81 0.53 -4.95
N CYS A 101 1.09 -0.57 -5.10
CA CYS A 101 0.95 -1.54 -4.02
C CYS A 101 1.86 -2.72 -4.30
N VAL A 102 2.83 -2.93 -3.44
CA VAL A 102 3.82 -3.97 -3.62
C VAL A 102 3.93 -4.82 -2.35
N PHE A 103 3.61 -6.09 -2.48
CA PHE A 103 3.70 -7.01 -1.36
C PHE A 103 4.89 -7.94 -1.57
N LYS A 104 5.74 -8.06 -0.58
CA LYS A 104 6.91 -8.93 -0.68
C LYS A 104 6.91 -9.96 0.44
N ASP A 105 6.56 -11.19 0.11
CA ASP A 105 6.56 -12.28 1.08
C ASP A 105 7.91 -12.98 1.06
N GLY A 106 8.90 -12.31 1.63
CA GLY A 106 10.24 -12.86 1.68
C GLY A 106 10.95 -12.73 0.34
N ASP A 107 10.69 -13.66 -0.56
CA ASP A 107 11.34 -13.65 -1.86
C ASP A 107 10.34 -13.46 -2.98
N PHE A 108 9.10 -13.89 -2.76
CA PHE A 108 8.06 -13.73 -3.78
C PHE A 108 7.37 -12.39 -3.58
N TYR A 109 7.32 -11.60 -4.63
CA TYR A 109 6.75 -10.27 -4.55
C TYR A 109 5.68 -10.07 -5.62
N GLU A 110 4.72 -9.23 -5.30
CA GLU A 110 3.65 -8.91 -6.24
C GLU A 110 3.46 -7.40 -6.31
N GLU A 111 3.11 -6.91 -7.49
CA GLU A 111 2.99 -5.48 -7.70
C GLU A 111 1.68 -5.14 -8.41
N HIS A 112 0.91 -4.24 -7.83
CA HIS A 112 -0.35 -3.82 -8.41
C HIS A 112 -0.42 -2.30 -8.46
N ILE A 113 -1.02 -1.78 -9.52
CA ILE A 113 -1.22 -0.34 -9.65
C ILE A 113 -2.66 0.03 -9.31
N THR A 114 -2.82 0.76 -8.24
CA THR A 114 -4.12 1.19 -7.79
C THR A 114 -4.33 2.67 -8.09
N GLU A 115 -5.55 3.08 -8.39
CA GLU A 115 -5.80 4.44 -8.82
C GLU A 115 -6.55 5.24 -7.75
N VAL A 116 -6.31 6.54 -7.71
CA VAL A 116 -7.08 7.43 -6.85
C VAL A 116 -7.73 8.52 -7.70
N LYS A 117 -9.02 8.72 -7.49
CA LYS A 117 -9.74 9.75 -8.19
C LYS A 117 -10.15 10.85 -7.22
N ILE A 118 -9.44 11.96 -7.27
CA ILE A 118 -9.75 13.10 -6.43
C ILE A 118 -11.01 13.78 -6.94
N THR A 119 -11.99 13.92 -6.08
CA THR A 119 -13.27 14.48 -6.45
C THR A 119 -13.68 15.59 -5.49
N MET A 1 -2.95 -23.02 -11.39
CA MET A 1 -1.61 -23.65 -11.23
C MET A 1 -1.02 -23.26 -9.89
N SER A 2 -0.72 -24.26 -9.07
CA SER A 2 -0.16 -24.01 -7.75
C SER A 2 1.37 -23.88 -7.85
N SER A 3 1.81 -22.74 -8.38
CA SER A 3 3.22 -22.46 -8.53
C SER A 3 3.54 -21.12 -7.90
N GLU A 4 2.69 -20.15 -8.20
CA GLU A 4 2.80 -18.82 -7.62
C GLU A 4 2.45 -18.85 -6.14
N PRO A 5 3.44 -18.62 -5.26
CA PRO A 5 3.23 -18.63 -3.81
C PRO A 5 2.60 -17.33 -3.30
N PHE A 6 2.66 -16.30 -4.12
CA PHE A 6 2.10 -15.02 -3.77
C PHE A 6 1.34 -14.43 -4.96
N ILE A 7 0.15 -13.91 -4.69
CA ILE A 7 -0.63 -13.22 -5.70
C ILE A 7 -1.51 -12.17 -5.06
N VAL A 8 -1.97 -11.23 -5.88
CA VAL A 8 -2.89 -10.22 -5.44
C VAL A 8 -4.33 -10.69 -5.68
N ASN A 9 -5.24 -10.31 -4.80
CA ASN A 9 -6.65 -10.66 -4.94
C ASN A 9 -7.24 -9.93 -6.15
N GLY A 10 -8.38 -10.40 -6.63
CA GLY A 10 -8.99 -9.85 -7.82
C GLY A 10 -9.65 -8.50 -7.59
N LEU A 11 -8.85 -7.53 -7.21
CA LEU A 11 -9.32 -6.17 -6.97
C LEU A 11 -8.34 -5.18 -7.57
N GLU A 12 -8.82 -4.32 -8.46
CA GLU A 12 -7.97 -3.32 -9.08
C GLU A 12 -7.88 -2.10 -8.17
N GLY A 13 -9.03 -1.64 -7.72
CA GLY A 13 -9.07 -0.56 -6.74
C GLY A 13 -9.51 0.76 -7.33
N PRO A 14 -10.80 0.91 -7.65
CA PRO A 14 -11.36 2.18 -8.11
C PRO A 14 -11.61 3.12 -6.94
N VAL A 15 -10.54 3.65 -6.38
CA VAL A 15 -10.64 4.50 -5.19
C VAL A 15 -10.90 5.95 -5.58
N LEU A 16 -12.14 6.38 -5.42
CA LEU A 16 -12.51 7.76 -5.70
C LEU A 16 -12.53 8.55 -4.40
N ALA A 17 -12.02 9.77 -4.44
CA ALA A 17 -11.92 10.59 -3.25
C ALA A 17 -12.15 12.05 -3.58
N SER A 18 -12.25 12.88 -2.55
CA SER A 18 -12.43 14.31 -2.72
C SER A 18 -11.20 15.01 -2.17
N LEU A 19 -10.92 16.20 -2.67
CA LEU A 19 -9.72 16.91 -2.26
C LEU A 19 -9.86 17.38 -0.82
N GLY A 20 -8.83 17.09 -0.02
CA GLY A 20 -8.88 17.45 1.39
C GLY A 20 -9.75 16.51 2.20
N GLY A 21 -10.19 15.43 1.57
CA GLY A 21 -11.03 14.46 2.25
C GLY A 21 -10.21 13.30 2.79
N ASN A 22 -10.87 12.19 3.02
CA ASN A 22 -10.21 10.99 3.54
C ASN A 22 -10.00 9.98 2.42
N LEU A 23 -8.77 9.49 2.31
CA LEU A 23 -8.45 8.50 1.30
C LEU A 23 -8.04 7.20 1.97
N GLU A 24 -8.86 6.18 1.86
CA GLU A 24 -8.55 4.89 2.42
C GLU A 24 -8.16 3.92 1.32
N LEU A 25 -6.89 3.56 1.27
CA LEU A 25 -6.39 2.66 0.26
C LEU A 25 -6.38 1.24 0.80
N SER A 26 -6.97 0.32 0.06
CA SER A 26 -7.03 -1.06 0.49
C SER A 26 -6.37 -1.97 -0.54
N CYS A 27 -5.43 -2.76 -0.09
CA CYS A 27 -4.77 -3.73 -0.95
C CYS A 27 -5.04 -5.13 -0.41
N GLN A 28 -5.29 -6.08 -1.29
CA GLN A 28 -5.71 -7.41 -0.90
C GLN A 28 -4.75 -8.47 -1.40
N LEU A 29 -4.34 -9.35 -0.51
CA LEU A 29 -3.38 -10.39 -0.82
C LEU A 29 -3.91 -11.76 -0.39
N SER A 30 -3.27 -12.81 -0.87
CA SER A 30 -3.52 -14.16 -0.38
C SER A 30 -2.24 -14.72 0.25
N PRO A 31 -1.98 -14.38 1.52
CA PRO A 31 -0.77 -14.77 2.22
C PRO A 31 -0.90 -16.11 2.95
N PRO A 32 0.16 -16.92 2.94
CA PRO A 32 0.16 -18.21 3.62
C PRO A 32 0.44 -18.09 5.12
N GLN A 33 0.60 -16.85 5.59
CA GLN A 33 0.86 -16.59 6.99
C GLN A 33 0.33 -15.21 7.38
N GLN A 34 0.61 -14.80 8.62
CA GLN A 34 0.08 -13.55 9.15
C GLN A 34 0.83 -12.34 8.60
N ALA A 35 2.03 -12.61 8.08
CA ALA A 35 2.80 -11.62 7.33
C ALA A 35 3.19 -10.39 8.16
N GLN A 36 3.45 -10.58 9.44
CA GLN A 36 3.90 -9.48 10.28
C GLN A 36 5.26 -9.00 9.81
N HIS A 37 6.07 -9.95 9.38
CA HIS A 37 7.42 -9.67 8.89
C HIS A 37 7.39 -9.16 7.45
N MET A 38 6.20 -9.10 6.86
CA MET A 38 6.05 -8.71 5.46
C MET A 38 6.36 -7.23 5.27
N GLU A 39 7.02 -6.94 4.15
CA GLU A 39 7.31 -5.58 3.75
C GLU A 39 6.27 -5.12 2.74
N ILE A 40 5.51 -4.10 3.10
CA ILE A 40 4.41 -3.65 2.27
C ILE A 40 4.64 -2.22 1.77
N ARG A 41 4.15 -1.95 0.57
CA ARG A 41 4.23 -0.63 -0.02
C ARG A 41 2.85 -0.21 -0.49
N TRP A 42 2.50 1.04 -0.24
CA TRP A 42 1.18 1.56 -0.59
C TRP A 42 1.26 3.06 -0.84
N PHE A 43 2.31 3.48 -1.55
CA PHE A 43 2.62 4.91 -1.64
C PHE A 43 2.92 5.31 -3.07
N ARG A 44 2.77 6.59 -3.36
CA ARG A 44 3.07 7.11 -4.68
C ARG A 44 4.34 7.97 -4.63
N ASN A 45 5.29 7.61 -5.48
CA ASN A 45 6.52 8.39 -5.62
C ASN A 45 7.14 8.08 -6.97
N LEU A 46 7.91 9.02 -7.49
CA LEU A 46 8.55 8.86 -8.80
C LEU A 46 9.56 7.72 -8.76
N TYR A 47 9.22 6.62 -9.44
CA TYR A 47 10.08 5.45 -9.52
C TYR A 47 10.34 4.86 -8.14
N THR A 48 9.30 4.32 -7.52
CA THR A 48 9.41 3.76 -6.18
C THR A 48 9.85 2.31 -6.22
N GLU A 49 11.01 2.08 -6.82
CA GLU A 49 11.54 0.72 -6.95
C GLU A 49 12.20 0.25 -5.65
N PRO A 50 13.25 0.94 -5.16
CA PRO A 50 13.93 0.53 -3.93
C PRO A 50 13.38 1.21 -2.68
N VAL A 51 13.24 2.53 -2.74
CA VAL A 51 12.88 3.33 -1.57
C VAL A 51 11.36 3.38 -1.35
N HIS A 52 10.97 3.79 -0.14
CA HIS A 52 9.58 3.89 0.29
C HIS A 52 9.00 2.49 0.54
N LEU A 53 9.02 2.09 1.81
CA LEU A 53 8.66 0.73 2.19
C LEU A 53 8.32 0.63 3.67
N TYR A 54 7.25 -0.09 3.97
CA TYR A 54 6.87 -0.38 5.34
C TYR A 54 7.27 -1.82 5.66
N ARG A 55 8.28 -2.00 6.49
CA ARG A 55 8.89 -3.31 6.64
C ARG A 55 8.71 -3.83 8.06
N ASP A 56 8.23 -5.07 8.18
CA ASP A 56 8.11 -5.76 9.47
C ASP A 56 7.21 -4.98 10.44
N GLY A 57 6.38 -4.10 9.89
CA GLY A 57 5.54 -3.27 10.72
C GLY A 57 6.28 -2.06 11.26
N LYS A 58 7.34 -1.67 10.57
CA LYS A 58 8.12 -0.52 10.95
C LYS A 58 8.35 0.40 9.75
N ASP A 59 8.25 1.70 10.00
CA ASP A 59 8.49 2.71 8.99
C ASP A 59 9.99 2.89 8.77
N MET A 60 10.36 3.64 7.74
CA MET A 60 11.76 3.85 7.42
C MET A 60 12.06 5.35 7.27
N PHE A 61 13.15 5.79 7.86
CA PHE A 61 13.53 7.20 7.81
C PHE A 61 14.36 7.50 6.57
N GLY A 62 14.66 6.47 5.80
CA GLY A 62 15.32 6.65 4.54
C GLY A 62 14.34 7.00 3.44
N GLU A 63 13.07 6.72 3.69
CA GLU A 63 12.01 7.01 2.72
C GLU A 63 11.13 8.15 3.22
N ILE A 64 10.85 8.14 4.52
CA ILE A 64 10.10 9.20 5.17
C ILE A 64 8.65 9.26 4.66
N ILE A 65 7.79 8.44 5.26
CA ILE A 65 6.35 8.53 5.01
C ILE A 65 5.81 9.83 5.58
N SER A 66 6.56 10.41 6.51
CA SER A 66 6.26 11.71 7.06
C SER A 66 6.23 12.78 5.95
N LYS A 67 6.75 12.41 4.77
CA LYS A 67 6.76 13.31 3.62
C LYS A 67 5.34 13.51 3.10
N TYR A 68 4.48 12.56 3.40
CA TYR A 68 3.08 12.67 3.02
C TYR A 68 2.38 13.67 3.94
N VAL A 69 2.79 13.65 5.21
CA VAL A 69 2.27 14.54 6.24
C VAL A 69 0.80 14.26 6.54
N GLU A 70 0.23 15.02 7.50
CA GLU A 70 -1.14 14.83 7.95
C GLU A 70 -1.29 13.49 8.65
N ARG A 71 -2.47 12.91 8.59
CA ARG A 71 -2.74 11.66 9.28
C ARG A 71 -2.61 10.48 8.34
N THR A 72 -1.55 9.71 8.54
CA THR A 72 -1.29 8.50 7.75
C THR A 72 -1.35 7.26 8.64
N GLU A 73 -2.51 6.61 8.67
CA GLU A 73 -2.71 5.45 9.51
C GLU A 73 -2.70 4.18 8.67
N LEU A 74 -1.63 3.40 8.80
CA LEU A 74 -1.52 2.15 8.06
C LEU A 74 -2.06 1.00 8.89
N LEU A 75 -3.31 0.65 8.65
CA LEU A 75 -3.94 -0.48 9.31
C LEU A 75 -3.36 -1.78 8.78
N LYS A 76 -2.50 -2.40 9.60
CA LYS A 76 -1.79 -3.59 9.20
C LYS A 76 -2.41 -4.83 9.82
N ASP A 77 -3.36 -4.62 10.75
CA ASP A 77 -4.03 -5.74 11.42
C ASP A 77 -4.59 -6.73 10.41
N GLY A 78 -5.14 -6.19 9.32
CA GLY A 78 -5.73 -7.01 8.29
C GLY A 78 -4.75 -7.92 7.60
N ILE A 79 -3.44 -7.63 7.72
CA ILE A 79 -2.41 -8.38 7.00
C ILE A 79 -2.45 -9.87 7.34
N GLY A 80 -2.96 -10.20 8.54
CA GLY A 80 -3.10 -11.60 8.92
C GLY A 80 -4.08 -12.33 8.02
N GLU A 81 -4.96 -11.57 7.40
CA GLU A 81 -5.92 -12.09 6.45
C GLU A 81 -5.50 -11.69 5.02
N GLY A 82 -4.46 -10.88 4.93
CA GLY A 82 -3.97 -10.39 3.65
C GLY A 82 -4.66 -9.13 3.21
N LYS A 83 -4.87 -8.20 4.13
CA LYS A 83 -5.48 -6.92 3.78
C LYS A 83 -4.74 -5.77 4.46
N VAL A 84 -4.44 -4.74 3.70
CA VAL A 84 -3.87 -3.53 4.29
C VAL A 84 -4.75 -2.33 3.99
N THR A 85 -5.01 -1.54 5.02
CA THR A 85 -5.86 -0.37 4.86
C THR A 85 -5.11 0.90 5.26
N LEU A 86 -4.69 1.64 4.25
CA LEU A 86 -3.95 2.87 4.48
C LEU A 86 -4.89 4.06 4.54
N ARG A 87 -5.03 4.62 5.72
CA ARG A 87 -5.84 5.81 5.91
C ARG A 87 -4.97 7.04 5.70
N ILE A 88 -5.14 7.70 4.58
CA ILE A 88 -4.40 8.92 4.27
C ILE A 88 -5.37 10.10 4.26
N PHE A 89 -5.14 11.05 5.14
CA PHE A 89 -5.98 12.22 5.20
C PHE A 89 -5.37 13.35 4.38
N ASN A 90 -6.24 14.08 3.67
CA ASN A 90 -5.84 15.21 2.83
C ASN A 90 -5.17 14.73 1.55
N VAL A 91 -5.96 14.09 0.70
CA VAL A 91 -5.52 13.66 -0.61
C VAL A 91 -5.12 14.88 -1.44
N THR A 92 -3.97 14.82 -2.10
CA THR A 92 -3.47 15.95 -2.85
C THR A 92 -3.69 15.78 -4.35
N VAL A 93 -3.87 16.91 -5.03
CA VAL A 93 -4.14 16.89 -6.47
C VAL A 93 -2.92 16.41 -7.25
N ASP A 94 -1.75 16.53 -6.63
CA ASP A 94 -0.53 16.00 -7.22
C ASP A 94 -0.48 14.49 -7.08
N ASP A 95 -0.98 13.98 -5.95
CA ASP A 95 -0.95 12.55 -5.68
C ASP A 95 -2.19 11.86 -6.21
N ASP A 96 -3.06 12.64 -6.87
CA ASP A 96 -4.20 12.13 -7.65
C ASP A 96 -3.76 11.18 -8.80
N GLY A 97 -2.63 10.50 -8.64
CA GLY A 97 -2.15 9.60 -9.66
C GLY A 97 -2.36 8.15 -9.30
N SER A 98 -1.45 7.29 -9.73
CA SER A 98 -1.54 5.87 -9.48
C SER A 98 -0.62 5.47 -8.32
N TYR A 99 -1.20 4.92 -7.27
CA TYR A 99 -0.45 4.54 -6.08
C TYR A 99 0.30 3.23 -6.31
N HIS A 100 1.47 3.13 -5.70
CA HIS A 100 2.33 1.97 -5.86
C HIS A 100 2.18 1.03 -4.67
N CYS A 101 1.45 -0.07 -4.90
CA CYS A 101 1.21 -1.07 -3.86
C CYS A 101 2.05 -2.33 -4.14
N VAL A 102 2.75 -2.81 -3.13
CA VAL A 102 3.58 -4.00 -3.27
C VAL A 102 3.56 -4.82 -1.98
N PHE A 103 3.45 -6.12 -2.11
CA PHE A 103 3.50 -7.02 -0.96
C PHE A 103 4.72 -7.92 -1.07
N LYS A 104 5.68 -7.72 -0.18
CA LYS A 104 6.91 -8.50 -0.20
C LYS A 104 7.10 -9.30 1.07
N ASP A 105 6.87 -10.61 0.98
CA ASP A 105 7.04 -11.49 2.13
C ASP A 105 8.22 -12.42 1.90
N GLY A 106 9.34 -12.07 2.48
CA GLY A 106 10.55 -12.84 2.26
C GLY A 106 11.19 -12.47 0.94
N ASP A 107 11.02 -13.34 -0.05
CA ASP A 107 11.57 -13.09 -1.37
C ASP A 107 10.45 -12.86 -2.39
N PHE A 108 9.26 -13.40 -2.12
CA PHE A 108 8.14 -13.22 -3.04
C PHE A 108 7.57 -11.82 -2.88
N TYR A 109 7.41 -11.13 -3.99
CA TYR A 109 6.85 -9.79 -3.99
C TYR A 109 5.86 -9.63 -5.12
N GLU A 110 4.66 -9.18 -4.79
CA GLU A 110 3.63 -8.92 -5.80
C GLU A 110 3.37 -7.42 -5.89
N GLU A 111 3.27 -6.93 -7.11
CA GLU A 111 3.10 -5.51 -7.34
C GLU A 111 1.69 -5.21 -7.87
N HIS A 112 1.17 -4.05 -7.49
CA HIS A 112 -0.12 -3.62 -7.98
C HIS A 112 -0.17 -2.10 -8.07
N ILE A 113 -0.55 -1.60 -9.24
CA ILE A 113 -0.71 -0.17 -9.45
C ILE A 113 -2.17 0.20 -9.32
N THR A 114 -2.50 0.91 -8.26
CA THR A 114 -3.88 1.30 -7.98
C THR A 114 -4.00 2.81 -7.90
N GLU A 115 -4.68 3.40 -8.87
CA GLU A 115 -4.78 4.86 -8.95
C GLU A 115 -5.96 5.39 -8.15
N VAL A 116 -5.79 6.61 -7.65
CA VAL A 116 -6.84 7.31 -6.94
C VAL A 116 -7.56 8.26 -7.89
N LYS A 117 -8.83 8.51 -7.62
CA LYS A 117 -9.61 9.42 -8.43
C LYS A 117 -10.17 10.55 -7.58
N ILE A 118 -9.43 11.64 -7.47
CA ILE A 118 -9.95 12.83 -6.81
C ILE A 118 -10.90 13.54 -7.77
N THR A 119 -12.17 13.45 -7.47
CA THR A 119 -13.20 13.93 -8.37
C THR A 119 -13.67 15.31 -7.95
N MET A 1 5.44 -24.89 -10.60
CA MET A 1 5.91 -25.91 -9.62
C MET A 1 5.99 -25.29 -8.24
N SER A 2 6.82 -25.88 -7.37
CA SER A 2 6.96 -25.43 -6.00
C SER A 2 7.86 -24.18 -5.90
N SER A 3 7.59 -23.20 -6.74
CA SER A 3 8.32 -21.95 -6.75
C SER A 3 7.46 -20.86 -7.40
N GLU A 4 6.33 -20.57 -6.76
CA GLU A 4 5.36 -19.66 -7.30
C GLU A 4 4.98 -18.61 -6.27
N PRO A 5 5.16 -17.33 -6.59
CA PRO A 5 4.80 -16.22 -5.70
C PRO A 5 3.30 -16.05 -5.58
N PHE A 6 2.87 -15.37 -4.53
CA PHE A 6 1.46 -15.08 -4.31
C PHE A 6 1.04 -13.90 -5.20
N ILE A 7 -0.26 -13.71 -5.36
CA ILE A 7 -0.77 -12.67 -6.25
C ILE A 7 -1.79 -11.78 -5.55
N VAL A 8 -2.21 -10.72 -6.24
CA VAL A 8 -3.20 -9.79 -5.71
C VAL A 8 -4.61 -10.25 -6.08
N ASN A 9 -5.56 -10.07 -5.17
CA ASN A 9 -6.91 -10.56 -5.35
C ASN A 9 -7.91 -9.40 -5.30
N GLY A 10 -9.17 -9.71 -5.56
CA GLY A 10 -10.20 -8.71 -5.50
C GLY A 10 -10.33 -7.92 -6.80
N LEU A 11 -10.01 -6.64 -6.73
CA LEU A 11 -10.16 -5.76 -7.88
C LEU A 11 -9.02 -4.73 -7.90
N GLU A 12 -9.01 -3.91 -8.94
CA GLU A 12 -8.02 -2.84 -9.05
C GLU A 12 -8.29 -1.79 -7.97
N GLY A 13 -9.54 -1.37 -7.87
CA GLY A 13 -9.95 -0.48 -6.80
C GLY A 13 -9.54 0.96 -7.00
N PRO A 14 -10.18 1.69 -7.92
CA PRO A 14 -9.99 3.14 -8.07
C PRO A 14 -10.63 3.88 -6.90
N VAL A 15 -9.85 4.06 -5.85
CA VAL A 15 -10.36 4.66 -4.61
C VAL A 15 -10.74 6.12 -4.79
N LEU A 16 -11.95 6.44 -4.36
CA LEU A 16 -12.47 7.79 -4.45
C LEU A 16 -12.07 8.55 -3.20
N ALA A 17 -11.48 9.72 -3.37
CA ALA A 17 -11.01 10.49 -2.23
C ALA A 17 -11.40 11.95 -2.34
N SER A 18 -11.20 12.69 -1.25
CA SER A 18 -11.47 14.11 -1.22
C SER A 18 -10.20 14.87 -0.92
N LEU A 19 -9.90 15.87 -1.74
CA LEU A 19 -8.67 16.63 -1.59
C LEU A 19 -8.63 17.35 -0.24
N GLY A 20 -7.59 17.09 0.53
CA GLY A 20 -7.48 17.67 1.85
C GLY A 20 -8.12 16.81 2.92
N GLY A 21 -8.84 15.79 2.49
CA GLY A 21 -9.48 14.88 3.42
C GLY A 21 -8.64 13.65 3.69
N ASN A 22 -9.21 12.68 4.38
CA ASN A 22 -8.49 11.46 4.69
C ASN A 22 -8.59 10.48 3.53
N LEU A 23 -7.48 9.84 3.21
CA LEU A 23 -7.45 8.85 2.16
C LEU A 23 -7.20 7.47 2.75
N GLU A 24 -8.20 6.60 2.66
CA GLU A 24 -8.07 5.24 3.14
C GLU A 24 -7.90 4.29 1.97
N LEU A 25 -6.70 3.76 1.80
CA LEU A 25 -6.41 2.86 0.72
C LEU A 25 -6.53 1.41 1.16
N SER A 26 -7.30 0.63 0.43
CA SER A 26 -7.50 -0.77 0.76
C SER A 26 -6.91 -1.67 -0.32
N CYS A 27 -6.02 -2.55 0.08
CA CYS A 27 -5.42 -3.50 -0.84
C CYS A 27 -5.70 -4.92 -0.36
N GLN A 28 -5.97 -5.81 -1.30
CA GLN A 28 -6.29 -7.20 -0.96
C GLN A 28 -5.33 -8.15 -1.66
N LEU A 29 -4.76 -9.09 -0.92
CA LEU A 29 -3.86 -10.06 -1.51
C LEU A 29 -4.42 -11.46 -1.35
N SER A 30 -3.86 -12.40 -2.11
CA SER A 30 -4.15 -13.81 -1.92
C SER A 30 -3.12 -14.39 -0.96
N PRO A 31 -3.50 -14.53 0.31
CA PRO A 31 -2.56 -14.81 1.39
C PRO A 31 -2.23 -16.29 1.55
N PRO A 32 -0.95 -16.66 1.42
CA PRO A 32 -0.48 -17.99 1.79
C PRO A 32 -0.26 -18.09 3.30
N GLN A 33 -0.40 -16.93 3.94
CA GLN A 33 -0.33 -16.80 5.39
C GLN A 33 -0.88 -15.43 5.75
N GLN A 34 -0.89 -15.09 7.03
CA GLN A 34 -1.45 -13.80 7.48
C GLN A 34 -0.55 -12.64 7.09
N ALA A 35 0.71 -12.94 6.78
CA ALA A 35 1.69 -11.93 6.39
C ALA A 35 1.86 -10.88 7.48
N GLN A 36 1.67 -11.31 8.73
CA GLN A 36 1.71 -10.44 9.88
C GLN A 36 2.99 -9.61 9.93
N HIS A 37 4.13 -10.29 9.95
CA HIS A 37 5.41 -9.61 10.02
C HIS A 37 6.02 -9.45 8.64
N MET A 38 5.17 -9.40 7.62
CA MET A 38 5.64 -9.23 6.25
C MET A 38 5.69 -7.76 5.87
N GLU A 39 6.32 -7.45 4.75
CA GLU A 39 6.58 -6.06 4.36
C GLU A 39 5.52 -5.57 3.38
N ILE A 40 5.23 -4.29 3.40
CA ILE A 40 4.21 -3.73 2.53
C ILE A 40 4.65 -2.39 1.91
N ARG A 41 4.19 -2.16 0.69
CA ARG A 41 4.32 -0.85 0.04
C ARG A 41 2.94 -0.40 -0.43
N TRP A 42 2.53 0.77 -0.03
CA TRP A 42 1.19 1.28 -0.33
C TRP A 42 1.26 2.79 -0.59
N PHE A 43 2.13 3.19 -1.51
CA PHE A 43 2.47 4.61 -1.61
C PHE A 43 2.51 5.09 -3.06
N ARG A 44 2.29 6.38 -3.23
CA ARG A 44 2.35 7.00 -4.55
C ARG A 44 3.80 7.26 -4.92
N ASN A 45 4.28 6.52 -5.91
CA ASN A 45 5.64 6.70 -6.40
C ASN A 45 5.68 6.34 -7.87
N LEU A 46 5.83 7.36 -8.71
CA LEU A 46 5.87 7.15 -10.15
C LEU A 46 7.18 6.46 -10.55
N TYR A 47 7.10 5.61 -11.56
CA TYR A 47 8.23 4.78 -11.99
C TYR A 47 8.64 3.82 -10.86
N THR A 48 9.90 3.43 -10.82
CA THR A 48 10.38 2.55 -9.78
C THR A 48 11.64 3.11 -9.11
N GLU A 49 11.44 3.89 -8.07
CA GLU A 49 12.53 4.39 -7.26
C GLU A 49 12.44 3.78 -5.86
N PRO A 50 13.58 3.44 -5.24
CA PRO A 50 13.61 2.73 -3.95
C PRO A 50 13.20 3.60 -2.75
N VAL A 51 12.13 4.37 -2.92
CA VAL A 51 11.61 5.20 -1.85
C VAL A 51 10.20 4.74 -1.50
N HIS A 52 9.75 5.07 -0.30
CA HIS A 52 8.43 4.66 0.20
C HIS A 52 8.39 3.15 0.46
N LEU A 53 8.39 2.78 1.73
CA LEU A 53 8.51 1.38 2.13
C LEU A 53 8.11 1.20 3.59
N TYR A 54 7.16 0.31 3.83
CA TYR A 54 6.72 0.01 5.19
C TYR A 54 7.21 -1.37 5.60
N ARG A 55 8.13 -1.40 6.55
CA ARG A 55 8.70 -2.65 7.03
C ARG A 55 8.39 -2.81 8.51
N ASP A 56 8.15 -4.06 8.93
CA ASP A 56 7.82 -4.37 10.33
C ASP A 56 6.44 -3.82 10.69
N GLY A 57 5.82 -3.12 9.74
CA GLY A 57 4.56 -2.46 10.01
C GLY A 57 4.75 -0.98 10.29
N LYS A 58 5.96 -0.50 10.08
CA LYS A 58 6.29 0.89 10.35
C LYS A 58 7.08 1.48 9.17
N ASP A 59 7.23 2.80 9.17
CA ASP A 59 7.99 3.47 8.12
C ASP A 59 9.47 3.51 8.49
N MET A 60 10.32 3.54 7.47
CA MET A 60 11.75 3.62 7.69
C MET A 60 12.25 5.00 7.26
N PHE A 61 13.45 5.35 7.69
CA PHE A 61 13.99 6.69 7.44
C PHE A 61 14.28 6.91 5.96
N GLY A 62 14.49 5.81 5.23
CA GLY A 62 14.69 5.92 3.80
C GLY A 62 13.40 6.28 3.09
N GLU A 63 12.29 5.88 3.67
CA GLU A 63 10.98 6.22 3.14
C GLU A 63 10.54 7.58 3.68
N ILE A 64 10.80 7.77 4.98
CA ILE A 64 10.46 8.98 5.71
C ILE A 64 9.04 9.51 5.38
N ILE A 65 8.07 9.04 6.16
CA ILE A 65 6.66 9.37 5.92
C ILE A 65 6.37 10.86 6.13
N SER A 66 7.32 11.57 6.72
CA SER A 66 7.22 13.02 6.85
C SER A 66 7.26 13.66 5.47
N LYS A 67 7.67 12.88 4.48
CA LYS A 67 7.71 13.35 3.10
C LYS A 67 6.32 13.37 2.50
N TYR A 68 5.42 12.59 3.10
CA TYR A 68 4.03 12.58 2.69
C TYR A 68 3.31 13.75 3.33
N VAL A 69 3.28 13.75 4.66
CA VAL A 69 2.70 14.84 5.41
C VAL A 69 3.04 14.69 6.90
N GLU A 70 2.42 13.71 7.56
CA GLU A 70 2.61 13.48 8.98
C GLU A 70 1.74 12.32 9.45
N ARG A 71 0.43 12.56 9.42
CA ARG A 71 -0.53 11.55 9.88
C ARG A 71 -0.71 10.46 8.83
N THR A 72 -0.14 9.30 9.12
CA THR A 72 -0.22 8.17 8.23
C THR A 72 -0.11 6.87 9.03
N GLU A 73 -1.22 6.16 9.15
CA GLU A 73 -1.24 4.92 9.90
C GLU A 73 -1.65 3.76 9.00
N LEU A 74 -0.89 2.68 9.04
CA LEU A 74 -1.20 1.51 8.23
C LEU A 74 -1.91 0.47 9.08
N LEU A 75 -3.17 0.23 8.78
CA LEU A 75 -3.95 -0.77 9.46
C LEU A 75 -3.62 -2.16 8.92
N LYS A 76 -2.88 -2.91 9.72
CA LYS A 76 -2.48 -4.26 9.34
C LYS A 76 -3.37 -5.28 10.03
N ASP A 77 -4.34 -4.80 10.80
CA ASP A 77 -5.28 -5.68 11.49
C ASP A 77 -6.08 -6.50 10.46
N GLY A 78 -6.24 -5.91 9.28
CA GLY A 78 -6.95 -6.55 8.21
C GLY A 78 -6.12 -7.60 7.49
N ILE A 79 -4.79 -7.55 7.68
CA ILE A 79 -3.88 -8.43 6.95
C ILE A 79 -4.20 -9.91 7.21
N GLY A 80 -4.75 -10.21 8.37
CA GLY A 80 -5.15 -11.57 8.67
C GLY A 80 -6.31 -12.02 7.80
N GLU A 81 -6.98 -11.06 7.19
CA GLU A 81 -8.07 -11.33 6.25
C GLU A 81 -7.58 -11.13 4.82
N GLY A 82 -6.34 -10.67 4.67
CA GLY A 82 -5.79 -10.45 3.35
C GLY A 82 -5.99 -9.02 2.86
N LYS A 83 -6.25 -8.10 3.78
CA LYS A 83 -6.49 -6.71 3.40
C LYS A 83 -5.61 -5.76 4.20
N VAL A 84 -4.98 -4.81 3.52
CA VAL A 84 -4.19 -3.79 4.19
C VAL A 84 -4.82 -2.43 3.96
N THR A 85 -4.98 -1.65 5.01
CA THR A 85 -5.63 -0.35 4.89
C THR A 85 -4.70 0.79 5.33
N LEU A 86 -4.23 1.56 4.38
CA LEU A 86 -3.38 2.69 4.70
C LEU A 86 -4.21 3.95 4.89
N ARG A 87 -4.10 4.55 6.06
CA ARG A 87 -4.79 5.78 6.35
C ARG A 87 -3.82 6.95 6.19
N ILE A 88 -3.99 7.71 5.12
CA ILE A 88 -3.15 8.86 4.85
C ILE A 88 -3.97 10.14 4.97
N PHE A 89 -3.49 11.08 5.76
CA PHE A 89 -4.17 12.37 5.89
C PHE A 89 -3.77 13.31 4.75
N ASN A 90 -4.78 13.77 4.01
CA ASN A 90 -4.59 14.72 2.90
C ASN A 90 -4.11 14.03 1.62
N VAL A 91 -4.93 14.14 0.59
CA VAL A 91 -4.58 13.60 -0.72
C VAL A 91 -4.49 14.74 -1.74
N THR A 92 -3.45 14.74 -2.56
CA THR A 92 -3.25 15.80 -3.53
C THR A 92 -3.62 15.37 -4.95
N VAL A 93 -3.64 16.34 -5.86
CA VAL A 93 -3.91 16.06 -7.26
C VAL A 93 -2.77 15.24 -7.87
N ASP A 94 -1.65 15.18 -7.16
CA ASP A 94 -0.53 14.34 -7.58
C ASP A 94 -0.79 12.91 -7.14
N ASP A 95 -1.45 12.76 -6.00
CA ASP A 95 -1.85 11.45 -5.49
C ASP A 95 -2.99 10.89 -6.32
N ASP A 96 -3.73 11.81 -6.95
CA ASP A 96 -4.81 11.45 -7.88
C ASP A 96 -4.29 10.64 -9.08
N GLY A 97 -2.98 10.46 -9.14
CA GLY A 97 -2.40 9.60 -10.15
C GLY A 97 -2.45 8.13 -9.75
N SER A 98 -1.34 7.43 -9.88
CA SER A 98 -1.29 6.02 -9.57
C SER A 98 -0.54 5.76 -8.28
N TYR A 99 -1.17 5.04 -7.37
CA TYR A 99 -0.51 4.57 -6.17
C TYR A 99 0.09 3.21 -6.43
N HIS A 100 1.20 2.92 -5.78
CA HIS A 100 1.87 1.64 -5.97
C HIS A 100 1.64 0.76 -4.77
N CYS A 101 0.91 -0.33 -4.99
CA CYS A 101 0.68 -1.32 -3.95
C CYS A 101 1.56 -2.53 -4.21
N VAL A 102 2.48 -2.79 -3.30
CA VAL A 102 3.41 -3.89 -3.44
C VAL A 102 3.47 -4.68 -2.15
N PHE A 103 3.00 -5.92 -2.20
CA PHE A 103 3.03 -6.78 -1.03
C PHE A 103 4.30 -7.61 -1.02
N LYS A 104 4.93 -7.72 0.12
CA LYS A 104 6.11 -8.55 0.27
C LYS A 104 5.87 -9.61 1.33
N ASP A 105 5.61 -10.83 0.89
CA ASP A 105 5.38 -11.95 1.79
C ASP A 105 6.66 -12.77 1.93
N GLY A 106 7.62 -12.23 2.67
CA GLY A 106 8.88 -12.90 2.84
C GLY A 106 9.67 -12.96 1.55
N ASP A 107 9.58 -14.08 0.86
CA ASP A 107 10.30 -14.28 -0.39
C ASP A 107 9.48 -13.85 -1.59
N PHE A 108 8.17 -13.94 -1.47
CA PHE A 108 7.28 -13.61 -2.59
C PHE A 108 6.91 -12.13 -2.54
N TYR A 109 6.71 -11.54 -3.71
CA TYR A 109 6.27 -10.15 -3.80
C TYR A 109 5.36 -9.96 -5.00
N GLU A 110 4.44 -9.00 -4.89
CA GLU A 110 3.55 -8.67 -5.99
C GLU A 110 3.30 -7.17 -6.02
N GLU A 111 3.40 -6.59 -7.21
CA GLU A 111 3.16 -5.16 -7.39
C GLU A 111 1.93 -4.96 -8.26
N HIS A 112 0.95 -4.25 -7.72
CA HIS A 112 -0.25 -3.91 -8.45
C HIS A 112 -0.48 -2.42 -8.39
N ILE A 113 -1.07 -1.87 -9.44
CA ILE A 113 -1.28 -0.44 -9.53
C ILE A 113 -2.66 -0.07 -9.00
N THR A 114 -2.72 0.96 -8.16
CA THR A 114 -3.98 1.41 -7.60
C THR A 114 -4.13 2.91 -7.80
N GLU A 115 -4.94 3.29 -8.77
CA GLU A 115 -5.15 4.69 -9.10
C GLU A 115 -6.11 5.35 -8.11
N VAL A 116 -5.78 6.56 -7.70
CA VAL A 116 -6.65 7.33 -6.81
C VAL A 116 -7.52 8.25 -7.65
N LYS A 117 -8.76 8.42 -7.23
CA LYS A 117 -9.68 9.28 -7.95
C LYS A 117 -10.33 10.28 -7.02
N ILE A 118 -9.85 11.51 -7.02
CA ILE A 118 -10.47 12.58 -6.27
C ILE A 118 -11.65 13.13 -7.05
N THR A 119 -12.84 12.66 -6.73
CA THR A 119 -14.04 13.00 -7.47
C THR A 119 -14.53 14.40 -7.13
N MET A 1 4.05 -27.24 -11.21
CA MET A 1 4.96 -26.08 -11.34
C MET A 1 4.49 -24.93 -10.45
N SER A 2 5.11 -24.81 -9.29
CA SER A 2 4.73 -23.80 -8.33
C SER A 2 5.39 -22.46 -8.65
N SER A 3 5.08 -21.92 -9.83
CA SER A 3 5.61 -20.65 -10.26
C SER A 3 4.70 -19.54 -9.79
N GLU A 4 4.21 -19.68 -8.57
CA GLU A 4 3.28 -18.75 -7.99
C GLU A 4 3.60 -18.53 -6.51
N PRO A 5 4.02 -17.31 -6.15
CA PRO A 5 4.23 -16.93 -4.76
C PRO A 5 2.90 -16.67 -4.06
N PHE A 6 2.44 -15.42 -4.14
CA PHE A 6 1.12 -15.05 -3.67
C PHE A 6 0.53 -14.05 -4.66
N ILE A 7 -0.79 -13.88 -4.65
CA ILE A 7 -1.43 -13.00 -5.61
C ILE A 7 -2.21 -11.89 -4.95
N VAL A 8 -2.69 -10.96 -5.76
CA VAL A 8 -3.50 -9.85 -5.31
C VAL A 8 -4.98 -10.23 -5.37
N ASN A 9 -5.78 -9.69 -4.47
CA ASN A 9 -7.20 -10.01 -4.44
C ASN A 9 -8.01 -8.90 -5.11
N GLY A 10 -9.29 -9.19 -5.38
CA GLY A 10 -10.16 -8.21 -5.98
C GLY A 10 -10.30 -6.96 -5.12
N LEU A 11 -10.07 -5.81 -5.74
CA LEU A 11 -10.07 -4.56 -5.02
C LEU A 11 -11.24 -3.70 -5.45
N GLU A 12 -11.39 -2.54 -4.81
CA GLU A 12 -12.41 -1.58 -5.19
C GLU A 12 -12.00 -0.89 -6.49
N GLY A 13 -10.76 -1.07 -6.88
CA GLY A 13 -10.24 -0.46 -8.08
C GLY A 13 -9.77 0.95 -7.84
N PRO A 14 -10.17 1.91 -8.68
CA PRO A 14 -9.84 3.32 -8.49
C PRO A 14 -10.63 3.91 -7.32
N VAL A 15 -9.99 3.97 -6.17
CA VAL A 15 -10.61 4.52 -4.96
C VAL A 15 -11.06 5.95 -5.20
N LEU A 16 -12.38 6.15 -5.19
CA LEU A 16 -12.95 7.45 -5.51
C LEU A 16 -13.24 8.23 -4.25
N ALA A 17 -12.30 9.11 -3.89
CA ALA A 17 -12.43 9.92 -2.70
C ALA A 17 -12.23 11.38 -3.05
N SER A 18 -12.50 12.28 -2.12
CA SER A 18 -12.53 13.69 -2.42
C SER A 18 -11.21 14.34 -2.05
N LEU A 19 -10.81 15.32 -2.83
CA LEU A 19 -9.50 15.93 -2.68
C LEU A 19 -9.44 16.77 -1.41
N GLY A 20 -8.29 16.74 -0.74
CA GLY A 20 -8.11 17.51 0.46
C GLY A 20 -8.60 16.79 1.70
N GLY A 21 -9.27 15.67 1.50
CA GLY A 21 -9.81 14.91 2.61
C GLY A 21 -8.87 13.81 3.05
N ASN A 22 -9.36 12.91 3.90
CA ASN A 22 -8.57 11.79 4.38
C ASN A 22 -8.72 10.60 3.44
N LEU A 23 -7.59 9.97 3.12
CA LEU A 23 -7.55 8.82 2.24
C LEU A 23 -7.29 7.55 3.02
N GLU A 24 -8.29 6.70 3.10
CA GLU A 24 -8.10 5.38 3.69
C GLU A 24 -8.08 4.34 2.58
N LEU A 25 -6.88 3.97 2.17
CA LEU A 25 -6.70 3.08 1.03
C LEU A 25 -6.54 1.64 1.48
N SER A 26 -7.33 0.77 0.87
CA SER A 26 -7.29 -0.64 1.21
C SER A 26 -6.64 -1.44 0.08
N CYS A 27 -5.67 -2.26 0.44
CA CYS A 27 -5.08 -3.19 -0.51
C CYS A 27 -5.31 -4.61 -0.02
N GLN A 28 -5.61 -5.51 -0.94
CA GLN A 28 -5.95 -6.88 -0.56
C GLN A 28 -5.07 -7.87 -1.29
N LEU A 29 -4.47 -8.79 -0.56
CA LEU A 29 -3.64 -9.82 -1.17
C LEU A 29 -4.04 -11.20 -0.66
N SER A 30 -3.57 -12.24 -1.35
CA SER A 30 -3.83 -13.61 -0.93
C SER A 30 -2.51 -14.35 -0.72
N PRO A 31 -1.89 -14.19 0.45
CA PRO A 31 -0.61 -14.81 0.78
C PRO A 31 -0.76 -16.14 1.53
N PRO A 32 0.30 -16.95 1.56
CA PRO A 32 0.33 -18.19 2.35
C PRO A 32 0.82 -17.95 3.77
N GLN A 33 0.41 -16.81 4.33
CA GLN A 33 0.87 -16.39 5.65
C GLN A 33 -0.09 -15.36 6.23
N GLN A 34 0.18 -14.91 7.45
CA GLN A 34 -0.64 -13.87 8.07
C GLN A 34 -0.07 -12.50 7.72
N ALA A 35 1.00 -12.51 6.93
CA ALA A 35 1.59 -11.30 6.36
C ALA A 35 2.12 -10.34 7.43
N GLN A 36 2.46 -10.87 8.60
CA GLN A 36 3.01 -10.04 9.67
C GLN A 36 4.39 -9.53 9.27
N HIS A 37 5.04 -10.26 8.37
CA HIS A 37 6.36 -9.91 7.87
C HIS A 37 6.24 -9.33 6.46
N MET A 38 5.04 -8.92 6.08
CA MET A 38 4.82 -8.40 4.73
C MET A 38 5.35 -6.98 4.60
N GLU A 39 6.30 -6.81 3.70
CA GLU A 39 6.79 -5.49 3.34
C GLU A 39 5.80 -4.85 2.38
N ILE A 40 4.94 -4.00 2.90
CA ILE A 40 3.85 -3.45 2.12
C ILE A 40 4.05 -1.96 1.86
N ARG A 41 3.71 -1.55 0.66
CA ARG A 41 3.79 -0.15 0.28
C ARG A 41 2.56 0.25 -0.54
N TRP A 42 1.81 1.20 -0.01
CA TRP A 42 0.64 1.74 -0.67
C TRP A 42 0.91 3.20 -1.02
N PHE A 43 1.89 3.43 -1.87
CA PHE A 43 2.39 4.79 -2.08
C PHE A 43 2.60 5.09 -3.56
N ARG A 44 2.47 6.36 -3.91
CA ARG A 44 2.74 6.82 -5.27
C ARG A 44 4.22 7.16 -5.41
N ASN A 45 4.80 6.85 -6.56
CA ASN A 45 6.17 7.24 -6.84
C ASN A 45 6.48 7.10 -8.32
N LEU A 46 6.58 8.22 -9.02
CA LEU A 46 7.10 8.20 -10.37
C LEU A 46 8.61 7.97 -10.26
N TYR A 47 9.14 7.07 -11.08
CA TYR A 47 10.45 6.49 -10.84
C TYR A 47 10.38 5.70 -9.54
N THR A 48 10.06 4.42 -9.67
CA THR A 48 9.74 3.57 -8.53
C THR A 48 10.93 3.38 -7.60
N GLU A 49 10.89 4.11 -6.48
CA GLU A 49 11.87 3.93 -5.42
C GLU A 49 11.23 3.17 -4.26
N PRO A 50 11.80 2.02 -3.89
CA PRO A 50 11.27 1.19 -2.81
C PRO A 50 11.61 1.75 -1.42
N VAL A 51 12.29 2.89 -1.39
CA VAL A 51 12.68 3.52 -0.14
C VAL A 51 11.50 4.29 0.48
N HIS A 52 10.37 3.62 0.58
CA HIS A 52 9.17 4.18 1.18
C HIS A 52 8.12 3.09 1.34
N LEU A 53 8.41 2.13 2.22
CA LEU A 53 7.54 0.99 2.41
C LEU A 53 7.57 0.52 3.86
N TYR A 54 6.47 -0.08 4.30
CA TYR A 54 6.33 -0.47 5.70
C TYR A 54 6.73 -1.93 5.88
N ARG A 55 7.61 -2.17 6.86
CA ARG A 55 8.16 -3.51 7.08
C ARG A 55 8.14 -3.88 8.55
N ASP A 56 7.59 -5.05 8.87
CA ASP A 56 7.59 -5.58 10.25
C ASP A 56 6.81 -4.66 11.19
N GLY A 57 6.03 -3.74 10.62
CA GLY A 57 5.30 -2.79 11.42
C GLY A 57 6.17 -1.61 11.81
N LYS A 58 7.24 -1.40 11.07
CA LYS A 58 8.14 -0.30 11.33
C LYS A 58 8.60 0.36 10.03
N ASP A 59 8.96 1.63 10.14
CA ASP A 59 9.56 2.37 9.05
C ASP A 59 10.80 3.10 9.56
N MET A 60 11.85 3.10 8.78
CA MET A 60 13.09 3.77 9.19
C MET A 60 13.13 5.19 8.63
N PHE A 61 14.22 5.90 8.89
CA PHE A 61 14.34 7.30 8.52
C PHE A 61 14.36 7.49 7.01
N GLY A 62 14.78 6.45 6.28
CA GLY A 62 14.80 6.54 4.83
C GLY A 62 13.42 6.40 4.23
N GLU A 63 12.73 5.33 4.61
CA GLU A 63 11.42 5.01 4.05
C GLU A 63 10.28 5.58 4.90
N ILE A 64 10.64 6.51 5.79
CA ILE A 64 9.69 7.11 6.74
C ILE A 64 8.35 7.45 6.09
N ILE A 65 7.29 6.85 6.63
CA ILE A 65 5.96 6.95 6.05
C ILE A 65 5.36 8.34 6.25
N SER A 66 5.63 8.93 7.40
CA SER A 66 5.13 10.25 7.74
C SER A 66 5.64 11.30 6.75
N LYS A 67 6.64 10.92 5.98
CA LYS A 67 7.27 11.83 5.03
C LYS A 67 6.34 12.13 3.85
N TYR A 68 5.27 11.35 3.72
CA TYR A 68 4.31 11.54 2.64
C TYR A 68 3.71 12.94 2.67
N VAL A 69 3.03 13.26 3.78
CA VAL A 69 2.40 14.57 3.94
C VAL A 69 2.34 14.95 5.42
N GLU A 70 1.59 14.18 6.19
CA GLU A 70 1.46 14.39 7.62
C GLU A 70 0.94 13.12 8.30
N ARG A 71 -0.38 13.02 8.42
CA ARG A 71 -0.99 11.82 8.99
C ARG A 71 -0.88 10.68 7.99
N THR A 72 -0.07 9.69 8.34
CA THR A 72 0.16 8.53 7.50
C THR A 72 0.24 7.26 8.36
N GLU A 73 -0.90 6.63 8.56
CA GLU A 73 -1.00 5.48 9.46
C GLU A 73 -1.34 4.21 8.70
N LEU A 74 -0.54 3.18 8.89
CA LEU A 74 -0.75 1.91 8.21
C LEU A 74 -1.50 0.92 9.10
N LEU A 75 -2.80 0.80 8.88
CA LEU A 75 -3.62 -0.12 9.62
C LEU A 75 -3.33 -1.56 9.19
N LYS A 76 -2.71 -2.32 10.09
CA LYS A 76 -2.24 -3.66 9.78
C LYS A 76 -3.19 -4.72 10.32
N ASP A 77 -4.21 -4.29 11.05
CA ASP A 77 -5.11 -5.23 11.71
C ASP A 77 -5.79 -6.15 10.69
N GLY A 78 -5.97 -5.63 9.50
CA GLY A 78 -6.59 -6.38 8.44
C GLY A 78 -5.65 -7.39 7.80
N ILE A 79 -4.34 -7.21 8.01
CA ILE A 79 -3.32 -7.99 7.29
C ILE A 79 -3.45 -9.50 7.55
N GLY A 80 -4.03 -9.86 8.69
CA GLY A 80 -4.26 -11.27 8.98
C GLY A 80 -5.27 -11.88 8.02
N GLU A 81 -6.08 -11.02 7.42
CA GLU A 81 -7.06 -11.44 6.42
C GLU A 81 -6.61 -10.99 5.02
N GLY A 82 -5.41 -10.43 4.95
CA GLY A 82 -4.87 -9.98 3.69
C GLY A 82 -5.35 -8.60 3.30
N LYS A 83 -5.61 -7.73 4.29
CA LYS A 83 -6.06 -6.38 4.01
C LYS A 83 -5.15 -5.36 4.66
N VAL A 84 -4.74 -4.36 3.92
CA VAL A 84 -3.96 -3.27 4.49
C VAL A 84 -4.68 -1.95 4.28
N THR A 85 -4.79 -1.16 5.33
CA THR A 85 -5.50 0.11 5.26
C THR A 85 -4.59 1.28 5.57
N LEU A 86 -4.20 2.02 4.54
CA LEU A 86 -3.31 3.15 4.73
C LEU A 86 -4.12 4.44 4.85
N ARG A 87 -3.99 5.08 6.00
CA ARG A 87 -4.64 6.36 6.24
C ARG A 87 -3.68 7.49 5.94
N ILE A 88 -3.92 8.17 4.83
CA ILE A 88 -3.11 9.30 4.41
C ILE A 88 -3.97 10.56 4.36
N PHE A 89 -3.50 11.63 4.98
CA PHE A 89 -4.26 12.88 5.00
C PHE A 89 -3.90 13.77 3.81
N ASN A 90 -4.94 14.32 3.17
CA ASN A 90 -4.79 15.30 2.09
C ASN A 90 -4.30 14.67 0.80
N VAL A 91 -5.23 14.07 0.06
CA VAL A 91 -4.94 13.53 -1.26
C VAL A 91 -4.98 14.65 -2.31
N THR A 92 -4.05 14.61 -3.28
CA THR A 92 -3.95 15.69 -4.26
C THR A 92 -4.21 15.18 -5.69
N VAL A 93 -4.21 16.10 -6.65
CA VAL A 93 -4.43 15.76 -8.06
C VAL A 93 -3.24 14.98 -8.61
N ASP A 94 -2.14 15.00 -7.88
CA ASP A 94 -0.96 14.20 -8.22
C ASP A 94 -1.18 12.77 -7.74
N ASP A 95 -2.04 12.63 -6.73
CA ASP A 95 -2.44 11.32 -6.21
C ASP A 95 -3.62 10.80 -7.02
N ASP A 96 -4.31 11.72 -7.70
CA ASP A 96 -5.43 11.41 -8.62
C ASP A 96 -5.01 10.56 -9.83
N GLY A 97 -3.97 9.76 -9.67
CA GLY A 97 -3.50 8.93 -10.75
C GLY A 97 -2.79 7.69 -10.29
N SER A 98 -1.53 7.57 -10.68
CA SER A 98 -0.73 6.37 -10.47
C SER A 98 -0.29 6.21 -9.02
N TYR A 99 -0.66 5.08 -8.45
CA TYR A 99 -0.21 4.67 -7.13
C TYR A 99 0.44 3.30 -7.25
N HIS A 100 1.24 2.91 -6.27
CA HIS A 100 1.89 1.61 -6.32
C HIS A 100 1.68 0.84 -5.04
N CYS A 101 1.05 -0.33 -5.15
CA CYS A 101 0.91 -1.24 -4.04
C CYS A 101 1.86 -2.40 -4.21
N VAL A 102 2.80 -2.54 -3.28
CA VAL A 102 3.75 -3.63 -3.31
C VAL A 102 3.70 -4.42 -2.01
N PHE A 103 3.83 -5.73 -2.13
CA PHE A 103 3.85 -6.61 -0.97
C PHE A 103 4.95 -7.64 -1.15
N LYS A 104 5.89 -7.68 -0.22
CA LYS A 104 6.95 -8.67 -0.23
C LYS A 104 7.16 -9.24 1.17
N ASP A 105 6.79 -10.50 1.36
CA ASP A 105 6.98 -11.12 2.66
C ASP A 105 7.94 -12.29 2.56
N GLY A 106 9.20 -12.00 2.89
CA GLY A 106 10.21 -13.03 2.95
C GLY A 106 10.74 -13.41 1.57
N ASP A 107 10.01 -14.28 0.88
CA ASP A 107 10.44 -14.79 -0.41
C ASP A 107 9.46 -14.43 -1.52
N PHE A 108 8.21 -14.18 -1.15
CA PHE A 108 7.18 -13.90 -2.12
C PHE A 108 6.98 -12.39 -2.25
N TYR A 109 6.76 -11.92 -3.47
CA TYR A 109 6.65 -10.50 -3.73
C TYR A 109 5.68 -10.25 -4.89
N GLU A 110 4.95 -9.15 -4.80
CA GLU A 110 4.10 -8.69 -5.89
C GLU A 110 3.99 -7.17 -5.83
N GLU A 111 4.18 -6.54 -6.98
CA GLU A 111 4.03 -5.10 -7.08
C GLU A 111 3.09 -4.75 -8.22
N HIS A 112 2.03 -4.05 -7.91
CA HIS A 112 1.04 -3.70 -8.92
C HIS A 112 0.69 -2.23 -8.86
N ILE A 113 0.54 -1.63 -10.03
CA ILE A 113 0.11 -0.26 -10.12
C ILE A 113 -1.38 -0.17 -9.83
N THR A 114 -1.76 0.85 -9.09
CA THR A 114 -3.15 1.07 -8.73
C THR A 114 -3.50 2.53 -8.98
N GLU A 115 -4.77 2.84 -9.10
CA GLU A 115 -5.18 4.19 -9.43
C GLU A 115 -6.09 4.77 -8.35
N VAL A 116 -5.82 6.02 -7.99
CA VAL A 116 -6.70 6.75 -7.07
C VAL A 116 -7.49 7.76 -7.87
N LYS A 117 -8.74 7.96 -7.51
CA LYS A 117 -9.60 8.87 -8.25
C LYS A 117 -10.25 9.90 -7.32
N ILE A 118 -9.93 11.16 -7.57
CA ILE A 118 -10.48 12.25 -6.78
C ILE A 118 -11.87 12.63 -7.29
N THR A 119 -12.85 12.50 -6.41
CA THR A 119 -14.22 12.86 -6.70
C THR A 119 -14.87 13.43 -5.45
N MET A 1 5.59 -21.81 -15.17
CA MET A 1 4.59 -22.89 -15.08
C MET A 1 3.82 -22.79 -13.77
N SER A 2 3.29 -23.91 -13.29
CA SER A 2 2.49 -23.92 -12.06
C SER A 2 3.36 -23.71 -10.83
N SER A 3 3.78 -22.48 -10.61
CA SER A 3 4.59 -22.11 -9.47
C SER A 3 4.33 -20.65 -9.13
N GLU A 4 3.09 -20.25 -9.35
CA GLU A 4 2.66 -18.88 -9.13
C GLU A 4 2.80 -18.50 -7.66
N PRO A 5 3.40 -17.33 -7.39
CA PRO A 5 3.56 -16.83 -6.02
C PRO A 5 2.23 -16.39 -5.42
N PHE A 6 2.30 -15.83 -4.22
CA PHE A 6 1.10 -15.35 -3.56
C PHE A 6 0.61 -14.06 -4.24
N ILE A 7 -0.69 -13.96 -4.45
CA ILE A 7 -1.25 -12.88 -5.27
C ILE A 7 -2.20 -11.99 -4.48
N VAL A 8 -2.72 -10.98 -5.17
CA VAL A 8 -3.59 -9.98 -4.56
C VAL A 8 -5.06 -10.38 -4.64
N ASN A 9 -5.83 -9.98 -3.64
CA ASN A 9 -7.25 -10.30 -3.58
C ASN A 9 -8.07 -9.01 -3.54
N GLY A 10 -9.07 -8.93 -4.40
CA GLY A 10 -9.95 -7.78 -4.42
C GLY A 10 -9.22 -6.50 -4.81
N LEU A 11 -8.90 -6.36 -6.09
CA LEU A 11 -8.22 -5.19 -6.58
C LEU A 11 -9.20 -4.02 -6.73
N GLU A 12 -9.05 -3.02 -5.88
CA GLU A 12 -9.97 -1.87 -5.87
C GLU A 12 -9.86 -1.07 -7.16
N GLY A 13 -8.72 -1.17 -7.83
CA GLY A 13 -8.52 -0.45 -9.08
C GLY A 13 -8.43 1.05 -8.87
N PRO A 14 -9.34 1.83 -9.48
CA PRO A 14 -9.38 3.28 -9.32
C PRO A 14 -9.91 3.66 -7.93
N VAL A 15 -9.00 3.80 -6.97
CA VAL A 15 -9.37 4.23 -5.63
C VAL A 15 -9.68 5.72 -5.64
N LEU A 16 -10.91 6.06 -5.32
CA LEU A 16 -11.37 7.42 -5.47
C LEU A 16 -11.14 8.23 -4.19
N ALA A 17 -10.61 9.43 -4.37
CA ALA A 17 -10.24 10.26 -3.23
C ALA A 17 -10.69 11.69 -3.44
N SER A 18 -10.53 12.50 -2.41
CA SER A 18 -10.85 13.92 -2.49
C SER A 18 -9.58 14.74 -2.22
N LEU A 19 -9.34 15.74 -3.06
CA LEU A 19 -8.14 16.56 -2.93
C LEU A 19 -8.15 17.33 -1.62
N GLY A 20 -7.09 17.15 -0.84
CA GLY A 20 -7.01 17.80 0.46
C GLY A 20 -7.79 17.06 1.52
N GLY A 21 -8.61 16.12 1.10
CA GLY A 21 -9.43 15.36 2.01
C GLY A 21 -8.79 14.05 2.42
N ASN A 22 -9.62 13.05 2.66
CA ASN A 22 -9.12 11.76 3.12
C ASN A 22 -9.23 10.71 2.03
N LEU A 23 -8.36 9.72 2.10
CA LEU A 23 -8.39 8.58 1.20
C LEU A 23 -8.06 7.31 1.97
N GLU A 24 -9.04 6.43 2.09
CA GLU A 24 -8.83 5.15 2.74
C GLU A 24 -8.46 4.11 1.71
N LEU A 25 -7.22 3.65 1.77
CA LEU A 25 -6.74 2.65 0.84
C LEU A 25 -6.87 1.27 1.46
N SER A 26 -7.51 0.38 0.73
CA SER A 26 -7.71 -0.98 1.21
C SER A 26 -7.07 -1.97 0.27
N CYS A 27 -6.19 -2.81 0.80
CA CYS A 27 -5.58 -3.85 -0.01
C CYS A 27 -5.77 -5.19 0.68
N GLN A 28 -6.06 -6.20 -0.12
CA GLN A 28 -6.22 -7.55 0.39
C GLN A 28 -5.30 -8.48 -0.37
N LEU A 29 -4.64 -9.36 0.34
CA LEU A 29 -3.67 -10.24 -0.25
C LEU A 29 -4.00 -11.68 0.09
N SER A 30 -3.38 -12.61 -0.63
CA SER A 30 -3.53 -14.03 -0.33
C SER A 30 -2.20 -14.58 0.19
N PRO A 31 -1.91 -14.36 1.48
CA PRO A 31 -0.61 -14.70 2.07
C PRO A 31 -0.51 -16.18 2.44
N PRO A 32 0.68 -16.77 2.24
CA PRO A 32 0.95 -18.16 2.62
C PRO A 32 1.03 -18.33 4.14
N GLN A 33 1.39 -17.26 4.82
CA GLN A 33 1.52 -17.27 6.27
C GLN A 33 0.75 -16.11 6.89
N GLN A 34 0.92 -15.92 8.20
CA GLN A 34 0.20 -14.86 8.92
C GLN A 34 0.68 -13.48 8.49
N ALA A 35 1.94 -13.43 8.08
CA ALA A 35 2.53 -12.22 7.47
C ALA A 35 2.58 -11.04 8.44
N GLN A 36 2.61 -11.34 9.73
CA GLN A 36 2.55 -10.30 10.75
C GLN A 36 3.73 -9.34 10.64
N HIS A 37 4.88 -9.87 10.22
CA HIS A 37 6.09 -9.07 10.10
C HIS A 37 6.50 -8.94 8.64
N MET A 38 5.51 -9.00 7.74
CA MET A 38 5.78 -8.95 6.31
C MET A 38 6.00 -7.50 5.85
N GLU A 39 6.47 -7.37 4.61
CA GLU A 39 6.69 -6.06 4.01
C GLU A 39 5.44 -5.59 3.28
N ILE A 40 4.91 -4.45 3.68
CA ILE A 40 3.73 -3.90 3.03
C ILE A 40 4.08 -2.59 2.33
N ARG A 41 3.54 -2.40 1.15
CA ARG A 41 3.72 -1.15 0.40
C ARG A 41 2.38 -0.69 -0.14
N TRP A 42 1.95 0.47 0.31
CA TRP A 42 0.72 1.09 -0.16
C TRP A 42 1.01 2.54 -0.51
N PHE A 43 1.90 2.75 -1.46
CA PHE A 43 2.44 4.08 -1.72
C PHE A 43 2.50 4.38 -3.20
N ARG A 44 2.31 5.63 -3.56
CA ARG A 44 2.40 6.07 -4.95
C ARG A 44 3.85 6.04 -5.41
N ASN A 45 4.06 5.60 -6.63
CA ASN A 45 5.40 5.53 -7.21
C ASN A 45 5.37 6.09 -8.62
N LEU A 46 6.04 7.20 -8.82
CA LEU A 46 6.05 7.88 -10.11
C LEU A 46 7.47 8.23 -10.52
N TYR A 47 8.10 7.33 -11.28
CA TYR A 47 9.51 7.46 -11.66
C TYR A 47 10.41 7.42 -10.43
N THR A 48 9.87 6.90 -9.34
CA THR A 48 10.60 6.81 -8.10
C THR A 48 11.24 5.43 -7.95
N GLU A 49 12.35 5.39 -7.23
CA GLU A 49 12.97 4.14 -6.84
C GLU A 49 12.01 3.37 -5.93
N PRO A 50 12.03 2.03 -5.98
CA PRO A 50 11.16 1.20 -5.13
C PRO A 50 11.56 1.21 -3.66
N VAL A 51 11.85 2.40 -3.15
CA VAL A 51 12.17 2.59 -1.74
C VAL A 51 10.99 3.25 -1.05
N HIS A 52 9.94 2.48 -0.85
CA HIS A 52 8.71 2.98 -0.22
C HIS A 52 8.02 1.83 0.50
N LEU A 53 8.60 1.39 1.59
CA LEU A 53 8.11 0.22 2.31
C LEU A 53 7.59 0.57 3.70
N TYR A 54 6.65 -0.23 4.16
CA TYR A 54 6.26 -0.21 5.56
C TYR A 54 6.29 -1.65 6.07
N ARG A 55 7.25 -1.94 6.92
CA ARG A 55 7.43 -3.31 7.39
C ARG A 55 7.20 -3.42 8.89
N ASP A 56 5.94 -3.65 9.24
CA ASP A 56 5.54 -3.86 10.63
C ASP A 56 6.02 -2.73 11.55
N GLY A 57 5.58 -1.53 11.24
CA GLY A 57 5.89 -0.39 12.10
C GLY A 57 7.24 0.22 11.79
N LYS A 58 7.88 -0.23 10.72
CA LYS A 58 9.18 0.30 10.34
C LYS A 58 9.12 1.01 9.00
N ASP A 59 9.53 2.27 9.00
CA ASP A 59 9.71 3.06 7.78
C ASP A 59 11.12 3.62 7.78
N MET A 60 11.67 3.87 6.59
CA MET A 60 13.07 4.27 6.49
C MET A 60 13.21 5.66 5.87
N PHE A 61 14.38 5.94 5.32
CA PHE A 61 14.71 7.27 4.79
C PHE A 61 13.81 7.67 3.62
N GLY A 62 13.55 6.73 2.72
CA GLY A 62 12.86 7.08 1.49
C GLY A 62 11.35 7.13 1.66
N GLU A 63 10.83 6.32 2.56
CA GLU A 63 9.39 6.19 2.75
C GLU A 63 8.97 6.75 4.10
N ILE A 64 9.85 7.50 4.74
CA ILE A 64 9.56 8.09 6.06
C ILE A 64 8.18 8.75 6.04
N ILE A 65 7.28 8.16 6.81
CA ILE A 65 5.85 8.47 6.72
C ILE A 65 5.52 9.88 7.22
N SER A 66 6.48 10.50 7.89
CA SER A 66 6.34 11.89 8.29
C SER A 66 6.27 12.80 7.07
N LYS A 67 6.63 12.24 5.92
CA LYS A 67 6.65 13.01 4.67
C LYS A 67 5.24 13.15 4.09
N TYR A 68 4.31 12.33 4.56
CA TYR A 68 2.94 12.39 4.09
C TYR A 68 2.19 13.51 4.82
N VAL A 69 2.56 13.73 6.08
CA VAL A 69 2.00 14.81 6.91
C VAL A 69 0.52 14.58 7.25
N GLU A 70 0.02 15.36 8.20
CA GLU A 70 -1.38 15.32 8.61
C GLU A 70 -1.73 13.97 9.25
N ARG A 71 -2.46 13.14 8.52
CA ARG A 71 -3.00 11.93 9.10
C ARG A 71 -2.64 10.72 8.25
N THR A 72 -1.95 9.77 8.87
CA THR A 72 -1.61 8.53 8.22
C THR A 72 -1.82 7.36 9.19
N GLU A 73 -3.01 6.77 9.14
CA GLU A 73 -3.36 5.68 10.04
C GLU A 73 -3.32 4.35 9.31
N LEU A 74 -2.42 3.48 9.74
CA LEU A 74 -2.26 2.19 9.09
C LEU A 74 -2.90 1.09 9.94
N LEU A 75 -4.01 0.55 9.45
CA LEU A 75 -4.68 -0.56 10.10
C LEU A 75 -4.06 -1.87 9.59
N LYS A 76 -3.26 -2.51 10.45
CA LYS A 76 -2.49 -3.68 10.06
C LYS A 76 -3.00 -4.96 10.72
N ASP A 77 -3.98 -4.85 11.60
CA ASP A 77 -4.43 -6.02 12.35
C ASP A 77 -5.13 -7.02 11.44
N GLY A 78 -5.46 -6.57 10.23
CA GLY A 78 -6.05 -7.44 9.24
C GLY A 78 -5.02 -8.27 8.51
N ILE A 79 -3.75 -7.87 8.60
CA ILE A 79 -2.67 -8.50 7.84
C ILE A 79 -2.55 -10.00 8.11
N GLY A 80 -3.04 -10.44 9.27
CA GLY A 80 -3.04 -11.86 9.58
C GLY A 80 -3.86 -12.67 8.61
N GLU A 81 -4.76 -11.99 7.90
CA GLU A 81 -5.56 -12.60 6.86
C GLU A 81 -5.29 -11.92 5.52
N GLY A 82 -4.29 -11.04 5.51
CA GLY A 82 -3.93 -10.32 4.31
C GLY A 82 -4.82 -9.11 4.06
N LYS A 83 -5.12 -8.34 5.09
CA LYS A 83 -5.90 -7.12 4.92
C LYS A 83 -5.19 -5.92 5.52
N VAL A 84 -5.13 -4.83 4.77
CA VAL A 84 -4.53 -3.61 5.28
C VAL A 84 -5.37 -2.40 4.87
N THR A 85 -5.61 -1.50 5.80
CA THR A 85 -6.33 -0.29 5.52
C THR A 85 -5.49 0.94 5.88
N LEU A 86 -5.06 1.67 4.87
CA LEU A 86 -4.23 2.84 5.06
C LEU A 86 -5.04 4.11 4.91
N ARG A 87 -5.24 4.80 6.02
CA ARG A 87 -5.94 6.08 6.02
C ARG A 87 -4.96 7.20 5.74
N ILE A 88 -5.01 7.74 4.54
CA ILE A 88 -4.11 8.83 4.15
C ILE A 88 -4.91 10.11 3.98
N PHE A 89 -4.45 11.18 4.61
CA PHE A 89 -5.10 12.47 4.50
C PHE A 89 -4.28 13.42 3.64
N ASN A 90 -4.97 14.40 3.07
CA ASN A 90 -4.35 15.45 2.27
C ASN A 90 -3.82 14.90 0.96
N VAL A 91 -4.71 14.24 0.22
CA VAL A 91 -4.38 13.75 -1.12
C VAL A 91 -4.19 14.93 -2.06
N THR A 92 -3.04 14.99 -2.72
CA THR A 92 -2.72 16.13 -3.56
C THR A 92 -2.89 15.79 -5.04
N VAL A 93 -2.85 16.82 -5.90
CA VAL A 93 -2.93 16.63 -7.34
C VAL A 93 -1.73 15.81 -7.83
N ASP A 94 -0.63 15.89 -7.08
CA ASP A 94 0.57 15.13 -7.40
C ASP A 94 0.43 13.71 -6.86
N ASP A 95 -0.34 13.56 -5.79
CA ASP A 95 -0.66 12.25 -5.23
C ASP A 95 -1.64 11.48 -6.12
N ASP A 96 -2.43 12.25 -6.89
CA ASP A 96 -3.47 11.72 -7.80
C ASP A 96 -2.92 10.83 -8.93
N GLY A 97 -1.78 10.21 -8.72
CA GLY A 97 -1.19 9.37 -9.73
C GLY A 97 -1.44 7.89 -9.49
N SER A 98 -0.49 7.07 -9.88
CA SER A 98 -0.62 5.64 -9.73
C SER A 98 0.00 5.16 -8.42
N TYR A 99 -0.85 4.78 -7.48
CA TYR A 99 -0.38 4.20 -6.23
C TYR A 99 0.09 2.78 -6.49
N HIS A 100 0.94 2.27 -5.63
CA HIS A 100 1.47 0.94 -5.80
C HIS A 100 1.24 0.12 -4.54
N CYS A 101 0.48 -0.96 -4.67
CA CYS A 101 0.30 -1.90 -3.59
C CYS A 101 1.23 -3.08 -3.81
N VAL A 102 2.16 -3.26 -2.89
CA VAL A 102 3.17 -4.30 -3.00
C VAL A 102 3.35 -5.01 -1.66
N PHE A 103 3.09 -6.29 -1.64
CA PHE A 103 3.26 -7.09 -0.44
C PHE A 103 4.40 -8.07 -0.63
N LYS A 104 5.35 -8.08 0.29
CA LYS A 104 6.50 -8.96 0.19
C LYS A 104 6.58 -9.90 1.40
N ASP A 105 6.48 -11.19 1.14
CA ASP A 105 6.54 -12.19 2.19
C ASP A 105 7.74 -13.11 1.98
N GLY A 106 8.85 -12.75 2.63
CA GLY A 106 10.04 -13.59 2.58
C GLY A 106 10.77 -13.51 1.26
N ASP A 107 10.27 -14.24 0.27
CA ASP A 107 10.91 -14.29 -1.04
C ASP A 107 9.98 -13.79 -2.15
N PHE A 108 8.67 -13.95 -1.97
CA PHE A 108 7.73 -13.61 -3.00
C PHE A 108 7.04 -12.29 -2.70
N TYR A 109 6.66 -11.58 -3.76
CA TYR A 109 5.99 -10.31 -3.59
C TYR A 109 4.97 -10.10 -4.70
N GLU A 110 3.87 -9.47 -4.34
CA GLU A 110 2.86 -9.10 -5.32
C GLU A 110 2.84 -7.59 -5.46
N GLU A 111 2.86 -7.13 -6.70
CA GLU A 111 2.85 -5.70 -6.98
C GLU A 111 1.75 -5.39 -7.98
N HIS A 112 0.84 -4.53 -7.58
CA HIS A 112 -0.26 -4.13 -8.45
C HIS A 112 -0.42 -2.62 -8.44
N ILE A 113 -0.58 -2.05 -9.63
CA ILE A 113 -0.76 -0.61 -9.78
C ILE A 113 -2.20 -0.23 -9.49
N THR A 114 -2.38 0.78 -8.66
CA THR A 114 -3.70 1.24 -8.27
C THR A 114 -3.78 2.75 -8.37
N GLU A 115 -4.40 3.24 -9.44
CA GLU A 115 -4.50 4.68 -9.66
C GLU A 115 -5.52 5.31 -8.71
N VAL A 116 -5.08 6.31 -7.97
CA VAL A 116 -5.98 7.04 -7.08
C VAL A 116 -6.62 8.17 -7.87
N LYS A 117 -7.92 8.34 -7.73
CA LYS A 117 -8.65 9.28 -8.54
C LYS A 117 -9.40 10.29 -7.70
N ILE A 118 -8.87 11.51 -7.66
CA ILE A 118 -9.59 12.63 -7.07
C ILE A 118 -10.67 13.09 -8.05
N THR A 119 -11.88 12.61 -7.86
CA THR A 119 -12.98 12.92 -8.75
C THR A 119 -13.51 14.34 -8.50
N MET A 1 3.32 -19.35 -17.87
CA MET A 1 4.05 -19.80 -16.67
C MET A 1 4.33 -18.63 -15.74
N SER A 2 3.74 -18.68 -14.55
CA SER A 2 3.95 -17.64 -13.56
C SER A 2 5.37 -17.72 -13.00
N SER A 3 5.93 -16.58 -12.64
CA SER A 3 7.27 -16.53 -12.06
C SER A 3 7.18 -15.79 -10.73
N GLU A 4 5.96 -15.64 -10.27
CA GLU A 4 5.66 -14.96 -9.03
C GLU A 4 5.43 -15.99 -7.94
N PRO A 5 6.17 -15.89 -6.83
CA PRO A 5 6.10 -16.88 -5.73
C PRO A 5 4.71 -16.96 -5.09
N PHE A 6 4.01 -15.84 -5.08
CA PHE A 6 2.64 -15.79 -4.59
C PHE A 6 1.92 -14.63 -5.26
N ILE A 7 0.64 -14.80 -5.55
CA ILE A 7 -0.12 -13.74 -6.19
C ILE A 7 -1.24 -13.25 -5.28
N VAL A 8 -1.84 -12.15 -5.68
CA VAL A 8 -2.85 -11.49 -4.88
C VAL A 8 -4.18 -11.41 -5.62
N ASN A 9 -5.21 -12.00 -5.03
CA ASN A 9 -6.57 -11.81 -5.52
C ASN A 9 -7.08 -10.46 -5.06
N GLY A 10 -7.67 -9.69 -5.96
CA GLY A 10 -8.08 -8.35 -5.61
C GLY A 10 -9.50 -8.03 -5.96
N LEU A 11 -9.88 -6.78 -5.74
CA LEU A 11 -11.20 -6.29 -6.03
C LEU A 11 -11.09 -5.24 -7.15
N GLU A 12 -12.22 -4.70 -7.56
CA GLU A 12 -12.22 -3.68 -8.62
C GLU A 12 -11.36 -2.49 -8.19
N GLY A 13 -11.44 -2.16 -6.91
CA GLY A 13 -10.58 -1.13 -6.35
C GLY A 13 -10.98 0.28 -6.76
N PRO A 14 -12.18 0.73 -6.38
CA PRO A 14 -12.64 2.08 -6.66
C PRO A 14 -12.41 2.99 -5.45
N VAL A 15 -11.17 3.41 -5.25
CA VAL A 15 -10.83 4.23 -4.10
C VAL A 15 -11.23 5.68 -4.36
N LEU A 16 -12.42 6.04 -3.92
CA LEU A 16 -12.92 7.39 -4.05
C LEU A 16 -12.46 8.23 -2.86
N ALA A 17 -11.46 9.05 -3.09
CA ALA A 17 -10.94 9.91 -2.03
C ALA A 17 -11.21 11.36 -2.37
N SER A 18 -11.00 12.25 -1.41
CA SER A 18 -11.27 13.66 -1.62
C SER A 18 -9.96 14.39 -1.79
N LEU A 19 -9.93 15.37 -2.69
CA LEU A 19 -8.71 16.09 -2.94
C LEU A 19 -8.26 16.86 -1.70
N GLY A 20 -7.17 16.41 -1.09
CA GLY A 20 -6.70 17.03 0.13
C GLY A 20 -7.45 16.54 1.36
N GLY A 21 -8.29 15.54 1.17
CA GLY A 21 -9.07 15.01 2.26
C GLY A 21 -8.49 13.73 2.83
N ASN A 22 -9.31 12.97 3.54
CA ASN A 22 -8.87 11.70 4.12
C ASN A 22 -8.93 10.60 3.08
N LEU A 23 -7.76 10.13 2.67
CA LEU A 23 -7.68 9.07 1.68
C LEU A 23 -7.45 7.73 2.36
N GLU A 24 -8.34 6.78 2.08
CA GLU A 24 -8.21 5.44 2.65
C GLU A 24 -8.24 4.40 1.54
N LEU A 25 -7.10 3.80 1.28
CA LEU A 25 -6.99 2.81 0.22
C LEU A 25 -7.14 1.41 0.79
N SER A 26 -7.78 0.53 0.05
CA SER A 26 -8.00 -0.83 0.49
C SER A 26 -7.24 -1.82 -0.40
N CYS A 27 -6.27 -2.51 0.18
CA CYS A 27 -5.54 -3.55 -0.51
C CYS A 27 -5.75 -4.87 0.22
N GLN A 28 -5.89 -5.94 -0.53
CA GLN A 28 -6.08 -7.24 0.07
C GLN A 28 -5.18 -8.27 -0.61
N LEU A 29 -4.72 -9.24 0.16
CA LEU A 29 -3.82 -10.25 -0.35
C LEU A 29 -4.35 -11.64 -0.06
N SER A 30 -4.11 -12.57 -0.97
CA SER A 30 -4.45 -13.96 -0.75
C SER A 30 -3.58 -14.52 0.38
N PRO A 31 -4.20 -14.76 1.56
CA PRO A 31 -3.46 -15.05 2.81
C PRO A 31 -2.58 -16.29 2.76
N PRO A 32 -1.25 -16.09 2.75
CA PRO A 32 -0.29 -17.17 2.92
C PRO A 32 0.16 -17.32 4.37
N GLN A 33 -0.01 -16.23 5.12
CA GLN A 33 0.43 -16.12 6.50
C GLN A 33 -0.39 -15.05 7.20
N GLN A 34 -0.02 -14.70 8.43
CA GLN A 34 -0.71 -13.61 9.12
C GLN A 34 -0.21 -12.25 8.59
N ALA A 35 0.94 -12.29 7.92
CA ALA A 35 1.49 -11.12 7.21
C ALA A 35 1.75 -9.93 8.16
N GLN A 36 1.72 -10.18 9.46
CA GLN A 36 1.94 -9.12 10.43
C GLN A 36 3.36 -8.60 10.32
N HIS A 37 4.27 -9.50 9.98
CA HIS A 37 5.68 -9.15 9.82
C HIS A 37 6.01 -8.94 8.35
N MET A 38 4.99 -8.73 7.52
CA MET A 38 5.20 -8.50 6.10
C MET A 38 5.50 -7.03 5.83
N GLU A 39 6.39 -6.77 4.89
CA GLU A 39 6.69 -5.42 4.47
C GLU A 39 5.75 -5.01 3.35
N ILE A 40 5.33 -3.76 3.35
CA ILE A 40 4.41 -3.29 2.33
C ILE A 40 4.83 -1.93 1.78
N ARG A 41 4.85 -1.83 0.47
CA ARG A 41 5.10 -0.56 -0.19
C ARG A 41 3.81 -0.11 -0.85
N TRP A 42 3.24 1.00 -0.41
CA TRP A 42 1.94 1.43 -0.90
C TRP A 42 1.89 2.93 -1.09
N PHE A 43 2.45 3.40 -2.18
CA PHE A 43 2.55 4.84 -2.45
C PHE A 43 2.64 5.07 -3.93
N ARG A 44 2.51 6.32 -4.38
CA ARG A 44 2.83 6.62 -5.75
C ARG A 44 4.24 7.16 -5.82
N ASN A 45 5.17 6.24 -6.08
CA ASN A 45 6.58 6.55 -6.10
C ASN A 45 7.31 5.41 -6.80
N LEU A 46 7.77 5.66 -8.01
CA LEU A 46 8.43 4.63 -8.79
C LEU A 46 9.93 4.85 -8.80
N TYR A 47 10.59 4.35 -7.77
CA TYR A 47 12.03 4.52 -7.62
C TYR A 47 12.74 3.21 -7.89
N THR A 48 13.98 3.30 -8.32
CA THR A 48 14.79 2.14 -8.62
C THR A 48 15.16 1.38 -7.35
N GLU A 49 15.28 2.11 -6.26
CA GLU A 49 15.63 1.53 -4.98
C GLU A 49 14.38 1.29 -4.13
N PRO A 50 14.48 0.46 -3.08
CA PRO A 50 13.36 0.18 -2.18
C PRO A 50 13.07 1.36 -1.23
N VAL A 51 13.14 2.56 -1.75
CA VAL A 51 12.89 3.76 -0.97
C VAL A 51 11.40 3.93 -0.74
N HIS A 52 11.05 4.43 0.45
CA HIS A 52 9.66 4.67 0.84
C HIS A 52 8.90 3.35 0.97
N LEU A 53 9.07 2.68 2.11
CA LEU A 53 8.48 1.38 2.32
C LEU A 53 8.14 1.19 3.79
N TYR A 54 7.03 0.51 4.05
CA TYR A 54 6.59 0.23 5.40
C TYR A 54 7.08 -1.17 5.78
N ARG A 55 8.01 -1.25 6.71
CA ARG A 55 8.67 -2.51 7.01
C ARG A 55 8.30 -3.01 8.40
N ASP A 56 7.79 -4.25 8.47
CA ASP A 56 7.38 -4.88 9.73
C ASP A 56 6.09 -4.26 10.27
N GLY A 57 5.70 -3.16 9.66
CA GLY A 57 4.65 -2.34 10.23
C GLY A 57 5.23 -1.15 10.94
N LYS A 58 6.48 -0.85 10.63
CA LYS A 58 7.16 0.31 11.15
C LYS A 58 7.60 1.21 10.01
N ASP A 59 7.43 2.51 10.22
CA ASP A 59 7.94 3.52 9.29
C ASP A 59 9.40 3.81 9.61
N MET A 60 10.11 4.40 8.67
CA MET A 60 11.54 4.62 8.87
C MET A 60 11.99 5.96 8.30
N PHE A 61 12.99 6.56 8.93
CA PHE A 61 13.52 7.84 8.47
C PHE A 61 14.39 7.64 7.23
N GLY A 62 14.79 6.40 6.99
CA GLY A 62 15.54 6.06 5.81
C GLY A 62 14.68 6.16 4.55
N GLU A 63 13.39 5.96 4.72
CA GLU A 63 12.45 6.03 3.61
C GLU A 63 11.64 7.32 3.67
N ILE A 64 11.22 7.70 4.88
CA ILE A 64 10.48 8.93 5.12
C ILE A 64 9.05 8.86 4.54
N ILE A 65 8.11 8.48 5.39
CA ILE A 65 6.70 8.48 5.01
C ILE A 65 6.16 9.91 4.97
N SER A 66 6.91 10.81 5.60
CA SER A 66 6.65 12.23 5.55
C SER A 66 6.64 12.73 4.10
N LYS A 67 7.13 11.88 3.20
CA LYS A 67 7.09 12.15 1.76
C LYS A 67 5.67 12.48 1.31
N TYR A 68 4.68 11.94 2.02
CA TYR A 68 3.29 12.25 1.74
C TYR A 68 2.79 13.33 2.68
N VAL A 69 3.30 13.30 3.91
CA VAL A 69 3.02 14.31 4.93
C VAL A 69 1.66 14.09 5.58
N GLU A 70 1.45 14.74 6.73
CA GLU A 70 0.17 14.71 7.46
C GLU A 70 0.00 13.38 8.17
N ARG A 71 -1.21 13.13 8.64
CA ARG A 71 -1.52 11.88 9.32
C ARG A 71 -1.41 10.71 8.34
N THR A 72 -0.42 9.87 8.58
CA THR A 72 -0.19 8.69 7.76
C THR A 72 -0.13 7.44 8.64
N GLU A 73 -1.13 6.58 8.50
CA GLU A 73 -1.16 5.34 9.27
C GLU A 73 -1.60 4.18 8.39
N LEU A 74 -0.83 3.10 8.43
CA LEU A 74 -1.15 1.90 7.69
C LEU A 74 -1.86 0.91 8.59
N LEU A 75 -3.15 0.75 8.38
CA LEU A 75 -3.95 -0.16 9.19
C LEU A 75 -3.66 -1.59 8.79
N LYS A 76 -2.81 -2.24 9.57
CA LYS A 76 -2.44 -3.62 9.34
C LYS A 76 -3.31 -4.53 10.21
N ASP A 77 -4.28 -3.91 10.87
CA ASP A 77 -5.23 -4.62 11.72
C ASP A 77 -5.93 -5.74 10.95
N GLY A 78 -6.16 -5.48 9.67
CA GLY A 78 -6.83 -6.43 8.82
C GLY A 78 -5.89 -7.48 8.24
N ILE A 79 -4.60 -7.21 8.28
CA ILE A 79 -3.60 -8.04 7.60
C ILE A 79 -3.62 -9.48 8.12
N GLY A 80 -4.14 -9.68 9.34
CA GLY A 80 -4.30 -11.02 9.86
C GLY A 80 -5.16 -11.88 8.96
N GLU A 81 -6.07 -11.23 8.23
CA GLU A 81 -6.89 -11.92 7.25
C GLU A 81 -6.49 -11.51 5.82
N GLY A 82 -5.45 -10.70 5.73
CA GLY A 82 -4.94 -10.29 4.43
C GLY A 82 -5.53 -9.00 3.92
N LYS A 83 -5.88 -8.08 4.82
CA LYS A 83 -6.42 -6.78 4.39
C LYS A 83 -5.61 -5.62 4.97
N VAL A 84 -5.27 -4.66 4.12
CA VAL A 84 -4.53 -3.48 4.59
C VAL A 84 -5.26 -2.21 4.19
N THR A 85 -5.38 -1.29 5.13
CA THR A 85 -6.05 -0.02 4.88
C THR A 85 -5.09 1.15 5.06
N LEU A 86 -4.75 1.81 3.96
CA LEU A 86 -3.82 2.93 4.00
C LEU A 86 -4.56 4.22 4.31
N ARG A 87 -4.27 4.79 5.47
CA ARG A 87 -4.84 6.07 5.87
C ARG A 87 -3.81 7.17 5.61
N ILE A 88 -4.07 7.96 4.58
CA ILE A 88 -3.19 9.07 4.24
C ILE A 88 -4.00 10.34 4.13
N PHE A 89 -3.68 11.33 4.93
CA PHE A 89 -4.33 12.62 4.85
C PHE A 89 -3.73 13.44 3.72
N ASN A 90 -4.60 13.94 2.84
CA ASN A 90 -4.23 14.75 1.68
C ASN A 90 -3.81 13.86 0.51
N VAL A 91 -4.35 14.21 -0.65
CA VAL A 91 -4.06 13.53 -1.89
C VAL A 91 -4.06 14.55 -3.02
N THR A 92 -3.13 14.43 -3.95
CA THR A 92 -3.04 15.40 -5.02
C THR A 92 -3.41 14.77 -6.36
N VAL A 93 -3.50 15.61 -7.38
CA VAL A 93 -3.87 15.16 -8.72
C VAL A 93 -2.80 14.23 -9.30
N ASP A 94 -1.66 14.15 -8.64
CA ASP A 94 -0.61 13.21 -9.01
C ASP A 94 -0.98 11.81 -8.53
N ASP A 95 -1.34 11.71 -7.25
CA ASP A 95 -1.70 10.43 -6.65
C ASP A 95 -3.11 10.02 -7.03
N ASP A 96 -3.84 10.94 -7.66
CA ASP A 96 -5.19 10.70 -8.14
C ASP A 96 -5.26 9.48 -9.08
N GLY A 97 -4.13 9.12 -9.69
CA GLY A 97 -4.11 8.01 -10.61
C GLY A 97 -4.26 6.65 -9.93
N SER A 98 -3.14 6.09 -9.49
CA SER A 98 -3.15 4.79 -8.85
C SER A 98 -2.10 4.72 -7.75
N TYR A 99 -2.31 3.82 -6.78
CA TYR A 99 -1.36 3.63 -5.71
C TYR A 99 -0.58 2.34 -5.93
N HIS A 100 0.75 2.44 -5.89
CA HIS A 100 1.62 1.29 -6.06
C HIS A 100 1.62 0.46 -4.78
N CYS A 101 0.86 -0.62 -4.80
CA CYS A 101 0.66 -1.50 -3.65
C CYS A 101 1.51 -2.76 -3.81
N VAL A 102 2.45 -2.97 -2.91
CA VAL A 102 3.33 -4.13 -2.97
C VAL A 102 3.32 -4.88 -1.66
N PHE A 103 2.86 -6.12 -1.71
CA PHE A 103 2.82 -6.99 -0.55
C PHE A 103 4.05 -7.89 -0.56
N LYS A 104 4.95 -7.69 0.41
CA LYS A 104 6.17 -8.47 0.46
C LYS A 104 6.26 -9.25 1.77
N ASP A 105 6.02 -10.55 1.68
CA ASP A 105 6.11 -11.42 2.85
C ASP A 105 7.31 -12.34 2.70
N GLY A 106 8.34 -12.10 3.50
CA GLY A 106 9.57 -12.88 3.38
C GLY A 106 10.26 -12.63 2.06
N ASP A 107 10.11 -13.57 1.13
CA ASP A 107 10.75 -13.46 -0.18
C ASP A 107 9.71 -13.31 -1.28
N PHE A 108 8.46 -13.66 -0.99
CA PHE A 108 7.41 -13.60 -1.99
C PHE A 108 6.71 -12.24 -1.94
N TYR A 109 6.48 -11.68 -3.11
CA TYR A 109 5.90 -10.35 -3.21
C TYR A 109 4.96 -10.24 -4.41
N GLU A 110 3.97 -9.36 -4.30
CA GLU A 110 3.07 -9.08 -5.40
C GLU A 110 2.85 -7.58 -5.50
N GLU A 111 2.80 -7.07 -6.71
CA GLU A 111 2.63 -5.63 -6.93
C GLU A 111 1.37 -5.36 -7.72
N HIS A 112 0.52 -4.52 -7.16
CA HIS A 112 -0.72 -4.13 -7.80
C HIS A 112 -0.92 -2.63 -7.69
N ILE A 113 -1.73 -2.06 -8.55
CA ILE A 113 -2.01 -0.64 -8.49
C ILE A 113 -3.46 -0.39 -8.14
N THR A 114 -3.69 0.16 -6.95
CA THR A 114 -5.03 0.49 -6.51
C THR A 114 -5.53 1.73 -7.23
N GLU A 115 -6.63 1.59 -7.94
CA GLU A 115 -7.20 2.70 -8.71
C GLU A 115 -7.79 3.75 -7.78
N VAL A 116 -7.24 4.95 -7.84
CA VAL A 116 -7.72 6.06 -7.02
C VAL A 116 -8.52 7.02 -7.89
N LYS A 117 -9.47 7.70 -7.28
CA LYS A 117 -10.17 8.78 -7.94
C LYS A 117 -10.37 9.92 -6.97
N ILE A 118 -10.23 11.14 -7.46
CA ILE A 118 -10.35 12.31 -6.62
C ILE A 118 -11.78 12.84 -6.66
N THR A 119 -12.28 13.24 -5.51
CA THR A 119 -13.63 13.77 -5.39
C THR A 119 -13.58 15.12 -4.68
N MET A 1 4.50 -20.83 -16.11
CA MET A 1 3.34 -19.91 -16.14
C MET A 1 3.16 -19.27 -14.77
N SER A 2 1.97 -19.40 -14.20
CA SER A 2 1.69 -18.92 -12.86
C SER A 2 2.46 -19.77 -11.85
N SER A 3 3.31 -19.13 -11.07
CA SER A 3 4.14 -19.84 -10.11
C SER A 3 4.35 -18.98 -8.88
N GLU A 4 3.45 -18.03 -8.69
CA GLU A 4 3.53 -17.09 -7.60
C GLU A 4 3.09 -17.77 -6.31
N PRO A 5 3.99 -17.86 -5.32
CA PRO A 5 3.70 -18.53 -4.03
C PRO A 5 2.68 -17.78 -3.20
N PHE A 6 2.34 -16.58 -3.64
CA PHE A 6 1.32 -15.76 -3.02
C PHE A 6 0.96 -14.63 -3.99
N ILE A 7 -0.29 -14.19 -3.96
CA ILE A 7 -0.73 -13.13 -4.87
C ILE A 7 -1.65 -12.13 -4.15
N VAL A 8 -1.93 -11.02 -4.83
CA VAL A 8 -2.86 -10.04 -4.34
C VAL A 8 -4.26 -10.38 -4.86
N ASN A 9 -5.14 -10.78 -3.96
CA ASN A 9 -6.45 -11.27 -4.35
C ASN A 9 -7.46 -10.14 -4.47
N GLY A 10 -8.43 -10.34 -5.35
CA GLY A 10 -9.42 -9.32 -5.59
C GLY A 10 -8.90 -8.24 -6.53
N LEU A 11 -9.48 -7.06 -6.45
CA LEU A 11 -9.06 -5.94 -7.26
C LEU A 11 -9.25 -4.64 -6.51
N GLU A 12 -8.26 -3.77 -6.58
CA GLU A 12 -8.36 -2.44 -5.99
C GLU A 12 -8.80 -1.46 -7.07
N GLY A 13 -8.11 -1.51 -8.20
CA GLY A 13 -8.49 -0.73 -9.37
C GLY A 13 -8.61 0.75 -9.11
N PRO A 14 -9.69 1.38 -9.60
CA PRO A 14 -9.92 2.82 -9.47
C PRO A 14 -10.49 3.20 -8.11
N VAL A 15 -9.63 3.63 -7.20
CA VAL A 15 -10.08 4.12 -5.90
C VAL A 15 -10.34 5.62 -5.97
N LEU A 16 -11.58 6.01 -5.70
CA LEU A 16 -11.99 7.40 -5.83
C LEU A 16 -12.14 8.02 -4.44
N ALA A 17 -11.58 9.21 -4.28
CA ALA A 17 -11.64 9.90 -3.00
C ALA A 17 -11.56 11.41 -3.22
N SER A 18 -11.78 12.19 -2.17
CA SER A 18 -11.76 13.63 -2.28
C SER A 18 -10.43 14.17 -1.77
N LEU A 19 -9.81 15.04 -2.54
CA LEU A 19 -8.50 15.56 -2.16
C LEU A 19 -8.61 16.51 -0.98
N GLY A 20 -7.64 16.45 -0.09
CA GLY A 20 -7.71 17.21 1.14
C GLY A 20 -8.20 16.34 2.29
N GLY A 21 -9.03 15.37 1.95
CA GLY A 21 -9.52 14.43 2.94
C GLY A 21 -8.58 13.25 3.10
N ASN A 22 -9.12 12.11 3.51
CA ASN A 22 -8.28 10.94 3.74
C ASN A 22 -8.56 9.87 2.69
N LEU A 23 -7.48 9.30 2.19
CA LEU A 23 -7.57 8.18 1.25
C LEU A 23 -7.37 6.88 2.01
N GLU A 24 -8.43 6.10 2.12
CA GLU A 24 -8.35 4.79 2.75
C GLU A 24 -8.17 3.71 1.69
N LEU A 25 -6.94 3.28 1.50
CA LEU A 25 -6.66 2.26 0.50
C LEU A 25 -6.62 0.89 1.17
N SER A 26 -7.37 -0.05 0.62
CA SER A 26 -7.44 -1.40 1.15
C SER A 26 -6.90 -2.42 0.15
N CYS A 27 -5.85 -3.12 0.53
CA CYS A 27 -5.21 -4.10 -0.35
C CYS A 27 -5.34 -5.47 0.27
N GLN A 28 -5.61 -6.47 -0.55
CA GLN A 28 -5.86 -7.81 -0.05
C GLN A 28 -4.96 -8.83 -0.74
N LEU A 29 -4.35 -9.69 0.05
CA LEU A 29 -3.53 -10.76 -0.50
C LEU A 29 -3.97 -12.09 0.11
N SER A 30 -3.68 -13.19 -0.59
CA SER A 30 -3.94 -14.51 -0.05
C SER A 30 -2.74 -14.97 0.76
N PRO A 31 -2.84 -14.87 2.10
CA PRO A 31 -1.69 -15.00 2.99
C PRO A 31 -1.37 -16.44 3.39
N PRO A 32 -0.11 -16.85 3.18
CA PRO A 32 0.40 -18.12 3.68
C PRO A 32 0.60 -18.06 5.20
N GLN A 33 0.85 -16.85 5.68
CA GLN A 33 0.95 -16.59 7.11
C GLN A 33 0.19 -15.30 7.40
N GLN A 34 0.13 -14.88 8.66
CA GLN A 34 -0.65 -13.70 9.02
C GLN A 34 0.02 -12.42 8.52
N ALA A 35 1.31 -12.51 8.25
CA ALA A 35 2.09 -11.40 7.68
C ALA A 35 2.10 -10.19 8.62
N GLN A 36 1.80 -10.43 9.89
CA GLN A 36 1.71 -9.36 10.89
C GLN A 36 3.02 -8.58 10.98
N HIS A 37 4.13 -9.26 10.72
CA HIS A 37 5.44 -8.65 10.84
C HIS A 37 6.12 -8.54 9.47
N MET A 38 5.34 -8.66 8.41
CA MET A 38 5.89 -8.64 7.06
C MET A 38 6.02 -7.22 6.52
N GLU A 39 6.25 -7.08 5.22
CA GLU A 39 6.43 -5.77 4.61
C GLU A 39 5.30 -5.45 3.65
N ILE A 40 4.80 -4.23 3.71
CA ILE A 40 3.78 -3.77 2.77
C ILE A 40 4.18 -2.40 2.22
N ARG A 41 3.83 -2.14 0.97
CA ARG A 41 4.13 -0.86 0.35
C ARG A 41 2.97 -0.43 -0.52
N TRP A 42 2.33 0.66 -0.15
CA TRP A 42 1.29 1.24 -0.97
C TRP A 42 1.56 2.71 -1.16
N PHE A 43 2.31 3.03 -2.20
CA PHE A 43 2.76 4.40 -2.40
C PHE A 43 2.77 4.72 -3.88
N ARG A 44 2.85 6.00 -4.19
CA ARG A 44 2.93 6.43 -5.58
C ARG A 44 4.25 5.97 -6.19
N ASN A 45 4.19 5.47 -7.41
CA ASN A 45 5.38 5.04 -8.10
C ASN A 45 5.41 5.65 -9.49
N LEU A 46 6.28 6.64 -9.67
CA LEU A 46 6.39 7.36 -10.92
C LEU A 46 7.73 8.06 -10.98
N TYR A 47 8.45 7.87 -12.09
CA TYR A 47 9.76 8.50 -12.29
C TYR A 47 10.81 7.94 -11.34
N THR A 48 10.84 8.49 -10.13
CA THR A 48 11.83 8.10 -9.14
C THR A 48 11.19 7.31 -8.00
N GLU A 49 11.65 6.08 -7.79
CA GLU A 49 11.13 5.26 -6.71
C GLU A 49 12.26 4.60 -5.92
N PRO A 50 12.86 5.33 -4.97
CA PRO A 50 13.86 4.78 -4.06
C PRO A 50 13.23 3.80 -3.07
N VAL A 51 14.00 3.34 -2.10
CA VAL A 51 13.49 2.43 -1.08
C VAL A 51 12.42 3.13 -0.25
N HIS A 52 11.16 2.82 -0.52
CA HIS A 52 10.05 3.41 0.22
C HIS A 52 8.94 2.37 0.45
N LEU A 53 8.89 1.84 1.66
CA LEU A 53 7.97 0.76 1.99
C LEU A 53 7.85 0.62 3.52
N TYR A 54 6.70 0.13 3.96
CA TYR A 54 6.44 -0.02 5.39
C TYR A 54 6.80 -1.43 5.82
N ARG A 55 7.79 -1.53 6.70
CA ARG A 55 8.32 -2.85 7.07
C ARG A 55 7.98 -3.15 8.52
N ASP A 56 7.30 -4.29 8.73
CA ASP A 56 6.82 -4.71 10.05
C ASP A 56 5.62 -3.84 10.47
N GLY A 57 5.31 -2.88 9.64
CA GLY A 57 4.32 -1.88 9.98
C GLY A 57 4.98 -0.67 10.57
N LYS A 58 6.26 -0.51 10.26
CA LYS A 58 7.05 0.59 10.75
C LYS A 58 7.59 1.42 9.61
N ASP A 59 7.77 2.71 9.90
CA ASP A 59 8.31 3.67 8.96
C ASP A 59 9.80 3.91 9.25
N MET A 60 10.48 4.60 8.34
CA MET A 60 11.91 4.83 8.47
C MET A 60 12.34 6.03 7.65
N PHE A 61 13.53 6.56 7.94
CA PHE A 61 14.05 7.73 7.24
C PHE A 61 14.37 7.39 5.77
N GLY A 62 14.42 6.11 5.47
CA GLY A 62 14.71 5.68 4.11
C GLY A 62 13.47 5.78 3.21
N GLU A 63 12.35 5.27 3.69
CA GLU A 63 11.10 5.28 2.92
C GLU A 63 10.54 6.68 2.84
N ILE A 64 10.78 7.45 3.91
CA ILE A 64 10.40 8.86 4.01
C ILE A 64 8.92 9.09 3.63
N ILE A 65 8.04 8.44 4.37
CA ILE A 65 6.60 8.63 4.22
C ILE A 65 6.19 10.05 4.63
N SER A 66 7.16 10.83 5.07
CA SER A 66 6.95 12.25 5.32
C SER A 66 6.52 12.94 4.02
N LYS A 67 6.70 12.24 2.90
CA LYS A 67 6.22 12.71 1.60
C LYS A 67 4.68 12.72 1.58
N TYR A 68 4.10 12.06 2.58
CA TYR A 68 2.65 12.04 2.76
C TYR A 68 2.28 12.85 3.99
N VAL A 69 3.14 13.83 4.30
CA VAL A 69 2.95 14.74 5.43
C VAL A 69 3.31 14.05 6.74
N GLU A 70 2.44 13.16 7.21
CA GLU A 70 2.60 12.51 8.52
C GLU A 70 1.33 11.74 8.86
N ARG A 71 0.21 12.22 8.35
CA ARG A 71 -1.10 11.64 8.66
C ARG A 71 -1.29 10.33 7.93
N THR A 72 -0.56 9.30 8.36
CA THR A 72 -0.66 8.00 7.76
C THR A 72 -0.81 6.92 8.83
N GLU A 73 -1.90 6.18 8.76
CA GLU A 73 -2.15 5.10 9.69
C GLU A 73 -2.30 3.79 8.91
N LEU A 74 -1.51 2.79 9.26
CA LEU A 74 -1.60 1.50 8.62
C LEU A 74 -2.34 0.50 9.51
N LEU A 75 -3.57 0.21 9.15
CA LEU A 75 -4.36 -0.77 9.87
C LEU A 75 -4.00 -2.17 9.41
N LYS A 76 -3.48 -2.98 10.32
CA LYS A 76 -3.04 -4.32 10.00
C LYS A 76 -3.95 -5.35 10.65
N ASP A 77 -5.06 -4.87 11.18
CA ASP A 77 -6.04 -5.74 11.84
C ASP A 77 -6.58 -6.77 10.85
N GLY A 78 -6.77 -6.30 9.62
CA GLY A 78 -7.22 -7.17 8.56
C GLY A 78 -6.14 -8.11 8.05
N ILE A 79 -4.87 -7.80 8.37
CA ILE A 79 -3.74 -8.54 7.81
C ILE A 79 -3.82 -10.03 8.14
N GLY A 80 -4.44 -10.36 9.27
CA GLY A 80 -4.59 -11.76 9.65
C GLY A 80 -5.51 -12.51 8.71
N GLU A 81 -6.32 -11.76 7.95
CA GLU A 81 -7.18 -12.34 6.92
C GLU A 81 -6.69 -11.93 5.54
N GLY A 82 -5.57 -11.22 5.51
CA GLY A 82 -4.97 -10.82 4.26
C GLY A 82 -5.51 -9.50 3.73
N LYS A 83 -5.71 -8.52 4.60
CA LYS A 83 -6.18 -7.20 4.19
C LYS A 83 -5.42 -6.09 4.93
N VAL A 84 -4.97 -5.08 4.21
CA VAL A 84 -4.34 -3.93 4.84
C VAL A 84 -5.13 -2.67 4.52
N THR A 85 -5.27 -1.80 5.52
CA THR A 85 -5.98 -0.55 5.35
C THR A 85 -5.06 0.64 5.59
N LEU A 86 -4.65 1.28 4.52
CA LEU A 86 -3.76 2.43 4.62
C LEU A 86 -4.57 3.72 4.64
N ARG A 87 -4.57 4.36 5.80
CA ARG A 87 -5.24 5.64 5.97
C ARG A 87 -4.27 6.78 5.72
N ILE A 88 -4.40 7.44 4.58
CA ILE A 88 -3.54 8.57 4.26
C ILE A 88 -4.36 9.86 4.21
N PHE A 89 -4.20 10.69 5.23
CA PHE A 89 -4.94 11.94 5.31
C PHE A 89 -4.20 13.04 4.55
N ASN A 90 -4.96 13.95 3.97
CA ASN A 90 -4.42 15.06 3.17
C ASN A 90 -3.85 14.54 1.87
N VAL A 91 -4.67 13.80 1.13
CA VAL A 91 -4.29 13.31 -0.17
C VAL A 91 -4.40 14.43 -1.19
N THR A 92 -3.43 14.53 -2.08
CA THR A 92 -3.36 15.63 -3.01
C THR A 92 -3.39 15.14 -4.46
N VAL A 93 -3.71 16.05 -5.38
CA VAL A 93 -3.73 15.72 -6.80
C VAL A 93 -2.32 15.45 -7.32
N ASP A 94 -1.34 15.87 -6.54
CA ASP A 94 0.07 15.60 -6.83
C ASP A 94 0.34 14.09 -6.73
N ASP A 95 -0.36 13.43 -5.83
CA ASP A 95 -0.13 12.01 -5.56
C ASP A 95 -1.30 11.15 -6.05
N ASP A 96 -2.42 11.81 -6.39
CA ASP A 96 -3.67 11.14 -6.78
C ASP A 96 -3.52 10.22 -8.00
N GLY A 97 -2.37 10.29 -8.68
CA GLY A 97 -2.19 9.54 -9.92
C GLY A 97 -2.37 8.04 -9.76
N SER A 98 -1.30 7.35 -9.39
CA SER A 98 -1.35 5.89 -9.30
C SER A 98 -0.59 5.38 -8.08
N TYR A 99 -1.31 4.70 -7.21
CA TYR A 99 -0.71 4.09 -6.02
C TYR A 99 -0.35 2.65 -6.31
N HIS A 100 0.88 2.28 -6.04
CA HIS A 100 1.32 0.93 -6.28
C HIS A 100 1.33 0.14 -4.97
N CYS A 101 0.67 -1.01 -5.00
CA CYS A 101 0.56 -1.86 -3.82
C CYS A 101 1.47 -3.08 -3.96
N VAL A 102 2.44 -3.19 -3.09
CA VAL A 102 3.33 -4.33 -3.06
C VAL A 102 3.20 -5.02 -1.71
N PHE A 103 3.01 -6.32 -1.77
CA PHE A 103 2.98 -7.13 -0.58
C PHE A 103 4.25 -7.96 -0.51
N LYS A 104 4.96 -7.88 0.60
CA LYS A 104 6.20 -8.61 0.76
C LYS A 104 6.08 -9.61 1.91
N ASP A 105 5.94 -10.88 1.55
CA ASP A 105 5.82 -11.94 2.54
C ASP A 105 7.06 -12.81 2.52
N GLY A 106 7.89 -12.66 3.53
CA GLY A 106 9.10 -13.43 3.62
C GLY A 106 10.11 -13.02 2.58
N ASP A 107 10.08 -13.68 1.44
CA ASP A 107 11.04 -13.42 0.37
C ASP A 107 10.36 -12.97 -0.91
N PHE A 108 9.07 -13.27 -1.03
CA PHE A 108 8.34 -13.00 -2.27
C PHE A 108 7.49 -11.74 -2.15
N TYR A 109 7.19 -11.12 -3.29
CA TYR A 109 6.42 -9.90 -3.31
C TYR A 109 5.51 -9.85 -4.53
N GLU A 110 4.38 -9.17 -4.38
CA GLU A 110 3.44 -8.97 -5.49
C GLU A 110 3.13 -7.49 -5.64
N GLU A 111 3.16 -6.99 -6.87
CA GLU A 111 2.93 -5.58 -7.14
C GLU A 111 1.65 -5.39 -7.97
N HIS A 112 0.71 -4.64 -7.41
CA HIS A 112 -0.53 -4.33 -8.09
C HIS A 112 -0.62 -2.83 -8.37
N ILE A 113 -1.45 -2.46 -9.33
CA ILE A 113 -1.55 -1.06 -9.75
C ILE A 113 -2.92 -0.48 -9.39
N THR A 114 -2.93 0.39 -8.41
CA THR A 114 -4.14 1.05 -7.98
C THR A 114 -4.19 2.48 -8.48
N GLU A 115 -4.96 2.72 -9.52
CA GLU A 115 -5.10 4.06 -10.03
C GLU A 115 -6.12 4.82 -9.19
N VAL A 116 -5.75 6.01 -8.73
CA VAL A 116 -6.60 6.76 -7.83
C VAL A 116 -7.31 7.88 -8.60
N LYS A 117 -8.53 8.17 -8.17
CA LYS A 117 -9.29 9.25 -8.76
C LYS A 117 -9.67 10.25 -7.68
N ILE A 118 -8.87 11.28 -7.54
CA ILE A 118 -9.16 12.32 -6.58
C ILE A 118 -10.24 13.26 -7.13
N THR A 119 -11.17 13.63 -6.28
CA THR A 119 -12.29 14.45 -6.68
C THR A 119 -12.50 15.58 -5.67
N MET A 1 0.87 -26.21 -6.00
CA MET A 1 1.60 -27.14 -6.88
C MET A 1 3.04 -26.66 -7.09
N SER A 2 3.98 -27.60 -7.09
CA SER A 2 5.38 -27.32 -7.34
C SER A 2 5.97 -26.33 -6.33
N SER A 3 5.94 -25.05 -6.66
CA SER A 3 6.54 -24.02 -5.81
C SER A 3 5.87 -22.69 -6.10
N GLU A 4 4.55 -22.74 -6.24
CA GLU A 4 3.75 -21.57 -6.56
C GLU A 4 3.87 -20.50 -5.49
N PRO A 5 4.04 -19.23 -5.91
CA PRO A 5 4.14 -18.10 -5.00
C PRO A 5 2.77 -17.55 -4.60
N PHE A 6 2.72 -16.29 -4.23
CA PHE A 6 1.47 -15.65 -3.82
C PHE A 6 1.04 -14.63 -4.87
N ILE A 7 -0.24 -14.27 -4.87
CA ILE A 7 -0.76 -13.32 -5.85
C ILE A 7 -1.67 -12.29 -5.18
N VAL A 8 -2.19 -11.38 -6.00
CA VAL A 8 -3.09 -10.35 -5.54
C VAL A 8 -4.46 -10.54 -6.18
N ASN A 9 -5.43 -11.00 -5.39
CA ASN A 9 -6.78 -11.23 -5.91
C ASN A 9 -7.75 -10.24 -5.27
N GLY A 10 -8.57 -9.60 -6.09
CA GLY A 10 -9.56 -8.69 -5.58
C GLY A 10 -9.90 -7.57 -6.53
N LEU A 11 -9.54 -6.35 -6.15
CA LEU A 11 -9.87 -5.18 -6.94
C LEU A 11 -8.61 -4.46 -7.38
N GLU A 12 -8.74 -3.62 -8.38
CA GLU A 12 -7.63 -2.81 -8.86
C GLU A 12 -7.49 -1.56 -8.01
N GLY A 13 -8.61 -0.87 -7.82
CA GLY A 13 -8.60 0.29 -6.96
C GLY A 13 -9.45 1.44 -7.48
N PRO A 14 -10.74 1.45 -7.18
CA PRO A 14 -11.62 2.57 -7.48
C PRO A 14 -11.74 3.52 -6.30
N VAL A 15 -10.61 3.76 -5.64
CA VAL A 15 -10.59 4.58 -4.43
C VAL A 15 -10.84 6.04 -4.76
N LEU A 16 -11.90 6.60 -4.19
CA LEU A 16 -12.22 8.00 -4.39
C LEU A 16 -11.77 8.80 -3.18
N ALA A 17 -11.21 9.98 -3.43
CA ALA A 17 -10.68 10.82 -2.38
C ALA A 17 -11.01 12.28 -2.63
N SER A 18 -10.76 13.11 -1.63
CA SER A 18 -11.00 14.54 -1.74
C SER A 18 -9.68 15.28 -1.64
N LEU A 19 -9.55 16.36 -2.37
CA LEU A 19 -8.33 17.14 -2.34
C LEU A 19 -8.22 17.87 -1.01
N GLY A 20 -7.25 17.46 -0.21
CA GLY A 20 -7.14 17.99 1.14
C GLY A 20 -7.95 17.18 2.13
N GLY A 21 -8.66 16.18 1.60
CA GLY A 21 -9.48 15.33 2.42
C GLY A 21 -8.78 14.03 2.76
N ASN A 22 -9.53 13.03 3.18
CA ASN A 22 -8.93 11.76 3.59
C ASN A 22 -9.03 10.71 2.48
N LEU A 23 -8.02 9.86 2.43
CA LEU A 23 -8.01 8.75 1.49
C LEU A 23 -7.57 7.49 2.20
N GLU A 24 -8.45 6.49 2.22
CA GLU A 24 -8.12 5.21 2.79
C GLU A 24 -7.93 4.20 1.67
N LEU A 25 -6.70 3.77 1.47
CA LEU A 25 -6.40 2.85 0.39
C LEU A 25 -6.42 1.43 0.90
N SER A 26 -7.20 0.59 0.23
CA SER A 26 -7.33 -0.80 0.64
C SER A 26 -6.76 -1.73 -0.40
N CYS A 27 -5.81 -2.54 0.00
CA CYS A 27 -5.20 -3.51 -0.88
C CYS A 27 -5.45 -4.91 -0.35
N GLN A 28 -5.72 -5.85 -1.26
CA GLN A 28 -6.04 -7.21 -0.88
C GLN A 28 -4.88 -8.15 -1.17
N LEU A 29 -4.67 -9.08 -0.26
CA LEU A 29 -3.57 -10.01 -0.34
C LEU A 29 -4.08 -11.45 -0.27
N SER A 30 -3.54 -12.31 -1.11
CA SER A 30 -3.73 -13.74 -0.98
C SER A 30 -2.52 -14.33 -0.26
N PRO A 31 -2.56 -14.33 1.08
CA PRO A 31 -1.38 -14.56 1.91
C PRO A 31 -1.14 -16.02 2.27
N PRO A 32 0.11 -16.47 2.10
CA PRO A 32 0.57 -17.75 2.63
C PRO A 32 1.11 -17.59 4.04
N GLN A 33 0.99 -16.37 4.55
CA GLN A 33 1.52 -15.98 5.84
C GLN A 33 0.52 -15.06 6.52
N GLN A 34 0.88 -14.54 7.69
CA GLN A 34 0.06 -13.54 8.37
C GLN A 34 0.49 -12.15 7.92
N ALA A 35 1.58 -12.11 7.14
CA ALA A 35 2.08 -10.88 6.51
C ALA A 35 2.71 -9.91 7.51
N GLN A 36 2.66 -10.26 8.79
CA GLN A 36 3.20 -9.40 9.85
C GLN A 36 4.70 -9.20 9.68
N HIS A 37 5.37 -10.18 9.08
CA HIS A 37 6.80 -10.09 8.86
C HIS A 37 7.13 -9.90 7.39
N MET A 38 6.14 -9.50 6.61
CA MET A 38 6.34 -9.24 5.19
C MET A 38 6.63 -7.76 4.96
N GLU A 39 7.04 -7.41 3.74
CA GLU A 39 7.30 -6.03 3.38
C GLU A 39 6.27 -5.57 2.35
N ILE A 40 5.66 -4.41 2.58
CA ILE A 40 4.62 -3.92 1.69
C ILE A 40 4.91 -2.49 1.24
N ARG A 41 4.52 -2.19 0.02
CA ARG A 41 4.63 -0.83 -0.50
C ARG A 41 3.26 -0.37 -0.99
N TRP A 42 2.73 0.66 -0.35
CA TRP A 42 1.40 1.18 -0.67
C TRP A 42 1.50 2.67 -0.95
N PHE A 43 2.19 3.04 -2.02
CA PHE A 43 2.54 4.43 -2.22
C PHE A 43 2.46 4.84 -3.69
N ARG A 44 2.19 6.11 -3.94
CA ARG A 44 2.03 6.62 -5.29
C ARG A 44 3.33 6.52 -6.06
N ASN A 45 3.24 6.22 -7.34
CA ASN A 45 4.44 6.03 -8.15
C ASN A 45 4.47 7.01 -9.31
N LEU A 46 5.37 7.98 -9.22
CA LEU A 46 5.60 8.93 -10.29
C LEU A 46 6.96 8.62 -10.93
N TYR A 47 7.37 9.42 -11.89
CA TYR A 47 8.68 9.23 -12.51
C TYR A 47 9.78 9.80 -11.61
N THR A 48 9.88 9.26 -10.40
CA THR A 48 10.85 9.70 -9.43
C THR A 48 11.34 8.52 -8.59
N GLU A 49 12.18 8.80 -7.60
CA GLU A 49 12.73 7.77 -6.73
C GLU A 49 11.66 7.17 -5.83
N PRO A 50 11.43 5.85 -5.92
CA PRO A 50 10.47 5.15 -5.07
C PRO A 50 11.05 4.87 -3.69
N VAL A 51 11.30 5.93 -2.93
CA VAL A 51 11.87 5.79 -1.60
C VAL A 51 10.76 5.73 -0.55
N HIS A 52 10.15 4.55 -0.43
CA HIS A 52 9.09 4.32 0.54
C HIS A 52 8.76 2.83 0.58
N LEU A 53 8.60 2.29 1.79
CA LEU A 53 8.38 0.86 1.98
C LEU A 53 8.07 0.57 3.44
N TYR A 54 6.96 -0.11 3.68
CA TYR A 54 6.53 -0.46 5.03
C TYR A 54 7.01 -1.87 5.35
N ARG A 55 7.67 -2.03 6.47
CA ARG A 55 8.35 -3.29 6.75
C ARG A 55 8.09 -3.75 8.19
N ASP A 56 7.85 -5.05 8.36
CA ASP A 56 7.59 -5.65 9.67
C ASP A 56 6.31 -5.08 10.26
N GLY A 57 5.46 -4.56 9.39
CA GLY A 57 4.24 -3.89 9.83
C GLY A 57 4.54 -2.60 10.54
N LYS A 58 5.74 -2.08 10.35
CA LYS A 58 6.17 -0.87 11.00
C LYS A 58 6.80 0.10 10.00
N ASP A 59 7.00 1.32 10.47
CA ASP A 59 7.64 2.37 9.67
C ASP A 59 9.12 2.45 10.02
N MET A 60 9.93 2.91 9.09
CA MET A 60 11.36 2.99 9.31
C MET A 60 11.89 4.31 8.81
N PHE A 61 13.00 4.78 9.39
CA PHE A 61 13.59 6.06 9.03
C PHE A 61 14.20 6.00 7.64
N GLY A 62 14.22 4.82 7.04
CA GLY A 62 14.67 4.68 5.68
C GLY A 62 13.56 4.97 4.68
N GLU A 63 12.32 4.99 5.16
CA GLU A 63 11.18 5.30 4.31
C GLU A 63 10.46 6.54 4.81
N ILE A 64 10.35 6.66 6.14
CA ILE A 64 9.72 7.79 6.81
C ILE A 64 8.31 8.05 6.28
N ILE A 65 7.33 7.36 6.84
CA ILE A 65 5.94 7.56 6.45
C ILE A 65 5.48 8.96 6.82
N SER A 66 6.08 9.51 7.87
CA SER A 66 5.80 10.87 8.32
C SER A 66 6.21 11.87 7.24
N LYS A 67 6.99 11.40 6.28
CA LYS A 67 7.49 12.27 5.22
C LYS A 67 6.49 12.36 4.08
N TYR A 68 5.52 11.45 4.08
CA TYR A 68 4.45 11.49 3.08
C TYR A 68 3.53 12.65 3.38
N VAL A 69 3.08 12.70 4.62
CA VAL A 69 2.19 13.76 5.10
C VAL A 69 1.89 13.52 6.57
N GLU A 70 1.17 14.45 7.20
CA GLU A 70 0.73 14.24 8.57
C GLU A 70 -0.57 13.46 8.57
N ARG A 71 -0.80 12.69 9.62
CA ARG A 71 -1.96 11.81 9.73
C ARG A 71 -1.92 10.73 8.64
N THR A 72 -0.91 9.87 8.74
CA THR A 72 -0.79 8.73 7.86
C THR A 72 -0.78 7.44 8.69
N GLU A 73 -1.88 6.70 8.64
CA GLU A 73 -2.04 5.51 9.46
C GLU A 73 -2.17 4.27 8.60
N LEU A 74 -1.25 3.34 8.74
CA LEU A 74 -1.36 2.07 8.06
C LEU A 74 -2.17 1.11 8.92
N LEU A 75 -3.45 0.99 8.62
CA LEU A 75 -4.32 0.05 9.32
C LEU A 75 -3.97 -1.37 8.90
N LYS A 76 -3.37 -2.11 9.82
CA LYS A 76 -2.88 -3.44 9.53
C LYS A 76 -3.75 -4.49 10.20
N ASP A 77 -4.92 -4.06 10.67
CA ASP A 77 -5.87 -4.97 11.32
C ASP A 77 -6.40 -6.00 10.33
N GLY A 78 -6.28 -5.67 9.06
CA GLY A 78 -6.66 -6.57 7.99
C GLY A 78 -5.57 -7.57 7.66
N ILE A 79 -4.34 -7.27 8.09
CA ILE A 79 -3.16 -8.02 7.65
C ILE A 79 -3.30 -9.53 7.86
N GLY A 80 -3.93 -9.96 8.95
CA GLY A 80 -4.08 -11.37 9.21
C GLY A 80 -5.00 -12.06 8.21
N GLU A 81 -5.82 -11.26 7.53
CA GLU A 81 -6.73 -11.76 6.52
C GLU A 81 -6.27 -11.33 5.13
N GLY A 82 -5.10 -10.69 5.05
CA GLY A 82 -4.59 -10.25 3.78
C GLY A 82 -5.22 -8.95 3.33
N LYS A 83 -5.35 -7.99 4.23
CA LYS A 83 -5.86 -6.68 3.87
C LYS A 83 -5.03 -5.57 4.49
N VAL A 84 -4.67 -4.58 3.70
CA VAL A 84 -3.95 -3.43 4.25
C VAL A 84 -4.66 -2.13 3.87
N THR A 85 -4.84 -1.27 4.85
CA THR A 85 -5.55 -0.01 4.61
C THR A 85 -4.70 1.18 5.01
N LEU A 86 -4.16 1.88 4.02
CA LEU A 86 -3.35 3.05 4.27
C LEU A 86 -4.22 4.29 4.33
N ARG A 87 -4.32 4.85 5.53
CA ARG A 87 -5.07 6.07 5.74
C ARG A 87 -4.15 7.27 5.57
N ILE A 88 -4.32 7.98 4.47
CA ILE A 88 -3.52 9.17 4.20
C ILE A 88 -4.43 10.40 4.21
N PHE A 89 -4.19 11.30 5.14
CA PHE A 89 -4.98 12.52 5.20
C PHE A 89 -4.34 13.61 4.35
N ASN A 90 -5.20 14.45 3.77
CA ASN A 90 -4.78 15.54 2.89
C ASN A 90 -4.24 14.99 1.57
N VAL A 91 -5.10 14.31 0.83
CA VAL A 91 -4.77 13.80 -0.49
C VAL A 91 -4.53 14.97 -1.44
N THR A 92 -3.55 14.83 -2.31
CA THR A 92 -3.17 15.92 -3.19
C THR A 92 -3.18 15.50 -4.66
N VAL A 93 -3.11 16.47 -5.57
CA VAL A 93 -3.09 16.20 -7.00
C VAL A 93 -1.78 15.55 -7.40
N ASP A 94 -0.81 15.60 -6.49
CA ASP A 94 0.45 14.87 -6.67
C ASP A 94 0.22 13.38 -6.45
N ASP A 95 -0.84 13.06 -5.71
CA ASP A 95 -1.16 11.68 -5.35
C ASP A 95 -2.38 11.19 -6.12
N ASP A 96 -3.06 12.12 -6.78
CA ASP A 96 -4.25 11.80 -7.60
C ASP A 96 -3.91 10.87 -8.77
N GLY A 97 -2.63 10.57 -8.95
CA GLY A 97 -2.22 9.69 -10.02
C GLY A 97 -2.40 8.22 -9.67
N SER A 98 -1.37 7.43 -9.94
CA SER A 98 -1.44 6.00 -9.70
C SER A 98 -0.64 5.62 -8.47
N TYR A 99 -1.29 4.95 -7.54
CA TYR A 99 -0.64 4.40 -6.38
C TYR A 99 -0.13 2.99 -6.71
N HIS A 100 1.09 2.71 -6.33
CA HIS A 100 1.66 1.40 -6.58
C HIS A 100 1.60 0.55 -5.31
N CYS A 101 0.89 -0.57 -5.42
CA CYS A 101 0.77 -1.53 -4.34
C CYS A 101 1.66 -2.72 -4.63
N VAL A 102 2.62 -2.96 -3.76
CA VAL A 102 3.54 -4.08 -3.91
C VAL A 102 3.64 -4.86 -2.62
N PHE A 103 3.45 -6.17 -2.69
CA PHE A 103 3.62 -7.03 -1.54
C PHE A 103 4.76 -7.99 -1.78
N LYS A 104 5.60 -8.19 -0.77
CA LYS A 104 6.69 -9.15 -0.90
C LYS A 104 6.88 -9.92 0.39
N ASP A 105 6.76 -11.24 0.29
CA ASP A 105 6.93 -12.13 1.43
C ASP A 105 7.84 -13.27 1.03
N GLY A 106 8.81 -13.58 1.89
CA GLY A 106 9.77 -14.60 1.55
C GLY A 106 10.63 -14.18 0.38
N ASP A 107 10.41 -14.80 -0.77
CA ASP A 107 11.15 -14.44 -1.98
C ASP A 107 10.22 -13.97 -3.09
N PHE A 108 8.92 -14.06 -2.86
CA PHE A 108 7.95 -13.74 -3.90
C PHE A 108 7.30 -12.40 -3.65
N TYR A 109 7.07 -11.66 -4.73
CA TYR A 109 6.40 -10.37 -4.63
C TYR A 109 5.33 -10.23 -5.71
N GLU A 110 4.34 -9.41 -5.44
CA GLU A 110 3.26 -9.16 -6.38
C GLU A 110 3.00 -7.66 -6.49
N GLU A 111 2.60 -7.21 -7.67
CA GLU A 111 2.38 -5.80 -7.93
C GLU A 111 0.95 -5.52 -8.36
N HIS A 112 0.46 -4.34 -8.03
CA HIS A 112 -0.86 -3.89 -8.46
C HIS A 112 -0.91 -2.37 -8.57
N ILE A 113 -1.55 -1.86 -9.60
CA ILE A 113 -1.71 -0.43 -9.78
C ILE A 113 -3.09 0.01 -9.29
N THR A 114 -3.12 1.02 -8.44
CA THR A 114 -4.36 1.53 -7.89
C THR A 114 -4.48 3.04 -8.16
N GLU A 115 -5.39 3.40 -9.05
CA GLU A 115 -5.60 4.79 -9.41
C GLU A 115 -6.42 5.51 -8.34
N VAL A 116 -5.98 6.69 -7.96
CA VAL A 116 -6.69 7.49 -6.98
C VAL A 116 -7.63 8.46 -7.68
N LYS A 117 -8.91 8.40 -7.34
CA LYS A 117 -9.90 9.25 -7.96
C LYS A 117 -10.21 10.44 -7.07
N ILE A 118 -9.47 11.53 -7.29
CA ILE A 118 -9.72 12.77 -6.57
C ILE A 118 -10.99 13.41 -7.09
N THR A 119 -11.96 13.58 -6.21
CA THR A 119 -13.24 14.14 -6.58
C THR A 119 -13.37 15.56 -6.05
N MET A 1 4.13 -25.79 -15.29
CA MET A 1 4.90 -26.09 -14.07
C MET A 1 4.46 -25.18 -12.94
N SER A 2 4.23 -25.75 -11.77
CA SER A 2 3.86 -24.98 -10.60
C SER A 2 5.01 -24.09 -10.16
N SER A 3 4.85 -22.79 -10.36
CA SER A 3 5.86 -21.82 -9.98
C SER A 3 5.19 -20.52 -9.55
N GLU A 4 4.06 -20.69 -8.89
CA GLU A 4 3.26 -19.56 -8.45
C GLU A 4 3.62 -19.20 -7.02
N PRO A 5 4.14 -17.99 -6.80
CA PRO A 5 4.44 -17.51 -5.46
C PRO A 5 3.16 -17.21 -4.67
N PHE A 6 2.59 -16.04 -4.94
CA PHE A 6 1.29 -15.66 -4.38
C PHE A 6 0.79 -14.43 -5.12
N ILE A 7 -0.52 -14.35 -5.29
CA ILE A 7 -1.12 -13.24 -6.01
C ILE A 7 -2.30 -12.67 -5.23
N VAL A 8 -2.89 -11.61 -5.74
CA VAL A 8 -4.04 -11.00 -5.12
C VAL A 8 -5.31 -11.38 -5.87
N ASN A 9 -6.17 -12.13 -5.21
CA ASN A 9 -7.46 -12.47 -5.76
C ASN A 9 -8.52 -11.48 -5.28
N GLY A 10 -9.31 -10.98 -6.21
CA GLY A 10 -10.34 -10.02 -5.87
C GLY A 10 -10.17 -8.71 -6.59
N LEU A 11 -10.96 -7.71 -6.23
CA LEU A 11 -10.88 -6.41 -6.86
C LEU A 11 -10.03 -5.46 -6.02
N GLU A 12 -9.36 -4.54 -6.69
CA GLU A 12 -8.53 -3.56 -6.00
C GLU A 12 -9.42 -2.43 -5.47
N GLY A 13 -10.29 -1.94 -6.34
CA GLY A 13 -11.22 -0.90 -5.95
C GLY A 13 -10.81 0.46 -6.46
N PRO A 14 -11.63 1.07 -7.33
CA PRO A 14 -11.38 2.43 -7.81
C PRO A 14 -11.57 3.46 -6.70
N VAL A 15 -10.48 3.77 -6.01
CA VAL A 15 -10.52 4.67 -4.87
C VAL A 15 -10.81 6.09 -5.30
N LEU A 16 -12.06 6.50 -5.16
CA LEU A 16 -12.48 7.84 -5.48
C LEU A 16 -12.39 8.73 -4.24
N ALA A 17 -11.49 9.68 -4.28
CA ALA A 17 -11.25 10.55 -3.15
C ALA A 17 -11.36 12.01 -3.58
N SER A 18 -11.33 12.90 -2.61
CA SER A 18 -11.43 14.32 -2.89
C SER A 18 -10.21 15.03 -2.34
N LEU A 19 -9.75 16.04 -3.06
CA LEU A 19 -8.52 16.74 -2.71
C LEU A 19 -8.62 17.35 -1.31
N GLY A 20 -7.55 17.20 -0.54
CA GLY A 20 -7.51 17.78 0.79
C GLY A 20 -8.16 16.90 1.84
N GLY A 21 -8.68 15.75 1.41
CA GLY A 21 -9.27 14.81 2.34
C GLY A 21 -8.35 13.65 2.63
N ASN A 22 -8.69 12.87 3.65
CA ASN A 22 -7.89 11.69 4.00
C ASN A 22 -8.22 10.52 3.07
N LEU A 23 -7.19 10.03 2.41
CA LEU A 23 -7.32 8.90 1.51
C LEU A 23 -7.10 7.59 2.26
N GLU A 24 -8.16 6.82 2.42
CA GLU A 24 -8.04 5.50 3.03
C GLU A 24 -7.87 4.45 1.95
N LEU A 25 -6.66 3.94 1.83
CA LEU A 25 -6.33 2.96 0.80
C LEU A 25 -6.42 1.56 1.37
N SER A 26 -7.16 0.70 0.69
CA SER A 26 -7.34 -0.67 1.14
C SER A 26 -6.71 -1.65 0.16
N CYS A 27 -5.80 -2.47 0.66
CA CYS A 27 -5.18 -3.50 -0.16
C CYS A 27 -5.39 -4.86 0.48
N GLN A 28 -5.66 -5.86 -0.34
CA GLN A 28 -5.88 -7.21 0.15
C GLN A 28 -5.04 -8.19 -0.64
N LEU A 29 -4.48 -9.18 0.05
CA LEU A 29 -3.70 -10.21 -0.60
C LEU A 29 -4.22 -11.59 -0.19
N SER A 30 -3.92 -12.59 -1.01
CA SER A 30 -4.22 -13.98 -0.65
C SER A 30 -3.03 -14.57 0.09
N PRO A 31 -3.09 -14.61 1.43
CA PRO A 31 -1.95 -14.88 2.28
C PRO A 31 -1.74 -16.37 2.56
N PRO A 32 -0.52 -16.87 2.27
CA PRO A 32 -0.09 -18.19 2.72
C PRO A 32 0.40 -18.15 4.16
N GLN A 33 0.69 -16.94 4.61
CA GLN A 33 1.20 -16.71 5.96
C GLN A 33 0.25 -15.78 6.72
N GLN A 34 0.66 -15.35 7.90
CA GLN A 34 -0.16 -14.45 8.72
C GLN A 34 0.17 -13.00 8.38
N ALA A 35 1.24 -12.81 7.61
CA ALA A 35 1.61 -11.51 7.04
C ALA A 35 2.00 -10.46 8.08
N GLN A 36 1.94 -10.80 9.36
CA GLN A 36 2.27 -9.86 10.44
C GLN A 36 3.69 -9.34 10.28
N HIS A 37 4.60 -10.24 9.92
CA HIS A 37 6.00 -9.89 9.74
C HIS A 37 6.32 -9.71 8.26
N MET A 38 5.33 -9.36 7.46
CA MET A 38 5.53 -9.19 6.04
C MET A 38 5.86 -7.74 5.71
N GLU A 39 6.16 -7.48 4.46
CA GLU A 39 6.48 -6.13 4.01
C GLU A 39 5.40 -5.63 3.07
N ILE A 40 4.90 -4.44 3.32
CA ILE A 40 3.83 -3.89 2.50
C ILE A 40 4.20 -2.52 1.95
N ARG A 41 4.05 -2.36 0.66
CA ARG A 41 4.25 -1.07 0.00
C ARG A 41 2.94 -0.57 -0.56
N TRP A 42 2.48 0.56 -0.07
CA TRP A 42 1.21 1.14 -0.50
C TRP A 42 1.45 2.57 -0.97
N PHE A 43 2.29 2.73 -1.99
CA PHE A 43 2.80 4.05 -2.31
C PHE A 43 2.86 4.32 -3.81
N ARG A 44 2.76 5.59 -4.14
CA ARG A 44 3.02 6.08 -5.48
C ARG A 44 3.57 7.49 -5.38
N ASN A 45 4.72 7.73 -5.98
CA ASN A 45 5.37 9.03 -5.89
C ASN A 45 6.22 9.26 -7.12
N LEU A 46 6.47 10.52 -7.44
CA LEU A 46 7.40 10.85 -8.51
C LEU A 46 8.74 10.18 -8.26
N TYR A 47 9.34 9.64 -9.31
CA TYR A 47 10.55 8.85 -9.16
C TYR A 47 11.79 9.73 -9.06
N THR A 48 11.86 10.48 -7.97
CA THR A 48 13.07 11.16 -7.58
C THR A 48 13.63 10.47 -6.35
N GLU A 49 12.82 10.43 -5.31
CA GLU A 49 13.10 9.62 -4.13
C GLU A 49 11.79 9.28 -3.43
N PRO A 50 11.11 8.23 -3.89
CA PRO A 50 9.80 7.84 -3.39
C PRO A 50 9.85 7.11 -2.05
N VAL A 51 8.68 6.91 -1.45
CA VAL A 51 8.56 6.15 -0.22
C VAL A 51 8.85 4.67 -0.52
N HIS A 52 9.29 3.92 0.48
CA HIS A 52 9.76 2.57 0.24
C HIS A 52 8.74 1.54 0.69
N LEU A 53 8.78 1.15 1.95
CA LEU A 53 7.99 0.01 2.42
C LEU A 53 7.87 -0.01 3.94
N TYR A 54 6.70 -0.43 4.40
CA TYR A 54 6.44 -0.60 5.81
C TYR A 54 6.56 -2.08 6.17
N ARG A 55 7.34 -2.40 7.20
CA ARG A 55 7.58 -3.81 7.52
C ARG A 55 7.36 -4.08 9.00
N ASP A 56 6.61 -5.14 9.30
CA ASP A 56 6.35 -5.57 10.69
C ASP A 56 5.67 -4.47 11.49
N GLY A 57 5.04 -3.52 10.81
CA GLY A 57 4.41 -2.41 11.46
C GLY A 57 5.41 -1.34 11.88
N LYS A 58 6.61 -1.43 11.33
CA LYS A 58 7.67 -0.51 11.64
C LYS A 58 8.15 0.21 10.39
N ASP A 59 8.57 1.46 10.56
CA ASP A 59 9.11 2.27 9.48
C ASP A 59 10.55 2.66 9.79
N MET A 60 11.25 3.22 8.82
CA MET A 60 12.61 3.67 9.02
C MET A 60 12.82 5.02 8.36
N PHE A 61 13.76 5.81 8.88
CA PHE A 61 13.96 7.17 8.40
C PHE A 61 14.58 7.20 7.00
N GLY A 62 15.13 6.07 6.57
CA GLY A 62 15.71 5.99 5.24
C GLY A 62 14.64 5.84 4.17
N GLU A 63 13.42 5.53 4.60
CA GLU A 63 12.31 5.40 3.69
C GLU A 63 11.23 6.45 4.01
N ILE A 64 11.05 6.68 5.32
CA ILE A 64 10.13 7.67 5.87
C ILE A 64 8.79 7.79 5.11
N ILE A 65 7.82 7.02 5.56
CA ILE A 65 6.46 7.05 4.99
C ILE A 65 5.86 8.44 5.03
N SER A 66 6.25 9.20 6.04
CA SER A 66 5.82 10.59 6.19
C SER A 66 6.26 11.43 5.01
N LYS A 67 7.16 10.89 4.18
CA LYS A 67 7.66 11.60 3.00
C LYS A 67 6.51 11.95 2.07
N TYR A 68 5.48 11.11 2.06
CA TYR A 68 4.27 11.40 1.31
C TYR A 68 3.51 12.53 2.00
N VAL A 69 3.15 12.28 3.24
CA VAL A 69 2.46 13.27 4.06
C VAL A 69 2.63 12.90 5.53
N GLU A 70 2.57 13.90 6.39
CA GLU A 70 2.81 13.71 7.83
C GLU A 70 1.88 12.66 8.43
N ARG A 71 0.59 12.76 8.12
CA ARG A 71 -0.39 11.84 8.69
C ARG A 71 -0.57 10.63 7.79
N THR A 72 0.39 9.73 7.87
CA THR A 72 0.37 8.48 7.15
C THR A 72 0.27 7.30 8.13
N GLU A 73 -0.95 6.85 8.38
CA GLU A 73 -1.18 5.81 9.37
C GLU A 73 -1.47 4.48 8.68
N LEU A 74 -0.64 3.48 8.96
CA LEU A 74 -0.80 2.17 8.35
C LEU A 74 -1.50 1.21 9.29
N LEU A 75 -2.74 0.92 8.98
CA LEU A 75 -3.52 -0.04 9.76
C LEU A 75 -3.10 -1.45 9.39
N LYS A 76 -2.42 -2.10 10.35
CA LYS A 76 -1.80 -3.40 10.14
C LYS A 76 -2.59 -4.51 10.79
N ASP A 77 -3.53 -4.15 11.66
CA ASP A 77 -4.29 -5.15 12.40
C ASP A 77 -5.09 -6.05 11.45
N GLY A 78 -5.30 -5.55 10.24
CA GLY A 78 -5.99 -6.31 9.22
C GLY A 78 -5.07 -7.26 8.47
N ILE A 79 -3.76 -7.05 8.58
CA ILE A 79 -2.79 -7.80 7.78
C ILE A 79 -2.89 -9.31 8.00
N GLY A 80 -3.33 -9.71 9.19
CA GLY A 80 -3.54 -11.12 9.46
C GLY A 80 -4.66 -11.69 8.61
N GLU A 81 -5.57 -10.82 8.22
CA GLU A 81 -6.68 -11.18 7.33
C GLU A 81 -6.26 -10.97 5.88
N GLY A 82 -5.05 -10.46 5.69
CA GLY A 82 -4.55 -10.19 4.36
C GLY A 82 -4.97 -8.82 3.87
N LYS A 83 -5.34 -7.94 4.79
CA LYS A 83 -5.81 -6.60 4.41
C LYS A 83 -4.98 -5.53 5.09
N VAL A 84 -4.54 -4.54 4.31
CA VAL A 84 -3.78 -3.43 4.86
C VAL A 84 -4.47 -2.12 4.52
N THR A 85 -4.61 -1.25 5.50
CA THR A 85 -5.29 0.02 5.27
C THR A 85 -4.38 1.20 5.54
N LEU A 86 -4.03 1.94 4.50
CA LEU A 86 -3.17 3.10 4.65
C LEU A 86 -4.01 4.38 4.65
N ARG A 87 -3.98 5.09 5.76
CA ARG A 87 -4.67 6.36 5.88
C ARG A 87 -3.71 7.50 5.58
N ILE A 88 -3.88 8.11 4.41
CA ILE A 88 -3.02 9.21 3.99
C ILE A 88 -3.82 10.52 3.97
N PHE A 89 -3.57 11.38 4.94
CA PHE A 89 -4.29 12.65 5.01
C PHE A 89 -3.84 13.59 3.89
N ASN A 90 -4.82 14.03 3.09
CA ASN A 90 -4.61 15.00 2.00
C ASN A 90 -4.05 14.33 0.76
N VAL A 91 -4.89 14.24 -0.26
CA VAL A 91 -4.47 13.75 -1.56
C VAL A 91 -4.48 14.89 -2.57
N THR A 92 -3.56 14.87 -3.53
CA THR A 92 -3.44 15.96 -4.49
C THR A 92 -3.82 15.53 -5.90
N VAL A 93 -4.29 16.48 -6.70
CA VAL A 93 -4.79 16.19 -8.05
C VAL A 93 -3.64 15.88 -9.01
N ASP A 94 -2.42 16.18 -8.59
CA ASP A 94 -1.24 15.86 -9.39
C ASP A 94 -0.70 14.50 -9.00
N ASP A 95 -1.08 14.04 -7.81
CA ASP A 95 -0.60 12.76 -7.31
C ASP A 95 -1.72 11.73 -7.29
N ASP A 96 -2.89 12.16 -7.78
CA ASP A 96 -4.08 11.30 -7.94
C ASP A 96 -3.88 10.13 -8.93
N GLY A 97 -2.65 9.68 -9.12
CA GLY A 97 -2.38 8.66 -10.11
C GLY A 97 -2.69 7.26 -9.63
N SER A 98 -2.09 6.27 -10.28
CA SER A 98 -2.27 4.88 -9.91
C SER A 98 -1.27 4.48 -8.83
N TYR A 99 -1.79 4.22 -7.64
CA TYR A 99 -0.96 3.83 -6.51
C TYR A 99 -0.36 2.45 -6.74
N HIS A 100 0.85 2.23 -6.26
CA HIS A 100 1.50 0.94 -6.42
C HIS A 100 1.48 0.18 -5.10
N CYS A 101 0.75 -0.92 -5.08
CA CYS A 101 0.68 -1.78 -3.93
C CYS A 101 1.60 -2.98 -4.14
N VAL A 102 2.59 -3.11 -3.28
CA VAL A 102 3.52 -4.22 -3.36
C VAL A 102 3.45 -5.06 -2.10
N PHE A 103 2.90 -6.24 -2.24
CA PHE A 103 2.74 -7.16 -1.12
C PHE A 103 3.93 -8.10 -1.09
N LYS A 104 4.73 -8.02 -0.05
CA LYS A 104 5.89 -8.90 0.08
C LYS A 104 5.66 -9.92 1.18
N ASP A 105 5.40 -11.15 0.77
CA ASP A 105 5.10 -12.24 1.70
C ASP A 105 6.15 -13.33 1.56
N GLY A 106 6.61 -13.84 2.69
CA GLY A 106 7.67 -14.83 2.69
C GLY A 106 8.88 -14.34 1.92
N ASP A 107 9.14 -14.97 0.78
CA ASP A 107 10.29 -14.60 -0.05
C ASP A 107 9.81 -14.02 -1.38
N PHE A 108 8.51 -13.87 -1.54
CA PHE A 108 7.95 -13.42 -2.81
C PHE A 108 7.22 -12.10 -2.66
N TYR A 109 6.83 -11.51 -3.78
CA TYR A 109 6.12 -10.24 -3.79
C TYR A 109 5.16 -10.16 -4.97
N GLU A 110 4.06 -9.46 -4.76
CA GLU A 110 3.10 -9.18 -5.82
C GLU A 110 2.93 -7.68 -5.96
N GLU A 111 2.78 -7.20 -7.18
CA GLU A 111 2.61 -5.78 -7.40
C GLU A 111 1.26 -5.51 -8.06
N HIS A 112 0.45 -4.72 -7.38
CA HIS A 112 -0.87 -4.36 -7.88
C HIS A 112 -0.95 -2.87 -8.10
N ILE A 113 -1.55 -2.47 -9.20
CA ILE A 113 -1.70 -1.06 -9.51
C ILE A 113 -3.13 -0.61 -9.26
N THR A 114 -3.33 0.16 -8.20
CA THR A 114 -4.64 0.63 -7.83
C THR A 114 -4.82 2.09 -8.19
N GLU A 115 -5.59 2.33 -9.25
CA GLU A 115 -5.83 3.68 -9.74
C GLU A 115 -6.65 4.50 -8.75
N VAL A 116 -6.10 5.63 -8.32
CA VAL A 116 -6.84 6.55 -7.49
C VAL A 116 -7.54 7.58 -8.38
N LYS A 117 -8.71 8.04 -7.95
CA LYS A 117 -9.44 9.02 -8.71
C LYS A 117 -9.86 10.18 -7.82
N ILE A 118 -9.33 11.36 -8.09
CA ILE A 118 -9.69 12.54 -7.33
C ILE A 118 -10.87 13.23 -8.02
N THR A 119 -11.92 13.46 -7.28
CA THR A 119 -13.13 14.05 -7.83
C THR A 119 -13.87 14.82 -6.75
N MET A 1 3.94 -21.83 -12.09
CA MET A 1 2.53 -21.99 -12.57
C MET A 1 1.71 -22.73 -11.53
N SER A 2 0.81 -22.00 -10.87
CA SER A 2 -0.07 -22.57 -9.84
C SER A 2 0.74 -23.21 -8.71
N SER A 3 1.94 -22.70 -8.49
CA SER A 3 2.79 -23.16 -7.40
C SER A 3 3.36 -21.95 -6.68
N GLU A 4 2.84 -20.79 -7.05
CA GLU A 4 3.30 -19.52 -6.52
C GLU A 4 2.80 -19.35 -5.08
N PRO A 5 3.69 -18.90 -4.18
CA PRO A 5 3.39 -18.81 -2.76
C PRO A 5 2.31 -17.78 -2.42
N PHE A 6 2.58 -16.52 -2.73
CA PHE A 6 1.69 -15.44 -2.35
C PHE A 6 1.47 -14.49 -3.53
N ILE A 7 0.27 -13.93 -3.62
CA ILE A 7 -0.06 -13.00 -4.69
C ILE A 7 -1.07 -11.96 -4.23
N VAL A 8 -1.25 -10.92 -5.03
CA VAL A 8 -2.22 -9.88 -4.76
C VAL A 8 -3.56 -10.23 -5.42
N ASN A 9 -4.65 -9.95 -4.74
CA ASN A 9 -5.97 -10.32 -5.25
C ASN A 9 -6.93 -9.13 -5.18
N GLY A 10 -8.16 -9.36 -5.64
CA GLY A 10 -9.15 -8.31 -5.62
C GLY A 10 -9.25 -7.62 -6.97
N LEU A 11 -9.29 -6.29 -6.94
CA LEU A 11 -9.38 -5.51 -8.16
C LEU A 11 -8.20 -4.56 -8.25
N GLU A 12 -8.11 -3.83 -9.34
CA GLU A 12 -7.06 -2.84 -9.53
C GLU A 12 -7.13 -1.79 -8.42
N GLY A 13 -8.32 -1.26 -8.19
CA GLY A 13 -8.52 -0.32 -7.10
C GLY A 13 -9.32 0.90 -7.50
N PRO A 14 -10.65 0.78 -7.56
CA PRO A 14 -11.54 1.92 -7.84
C PRO A 14 -11.75 2.79 -6.61
N VAL A 15 -10.65 3.28 -6.05
CA VAL A 15 -10.70 4.07 -4.83
C VAL A 15 -11.05 5.52 -5.11
N LEU A 16 -12.32 5.87 -4.88
CA LEU A 16 -12.78 7.23 -5.09
C LEU A 16 -12.62 8.04 -3.80
N ALA A 17 -11.58 8.86 -3.77
CA ALA A 17 -11.27 9.65 -2.59
C ALA A 17 -11.56 11.13 -2.84
N SER A 18 -11.52 11.92 -1.78
CA SER A 18 -11.80 13.34 -1.89
C SER A 18 -10.60 14.14 -1.42
N LEU A 19 -10.29 15.20 -2.14
CA LEU A 19 -9.12 16.01 -1.85
C LEU A 19 -9.28 16.73 -0.51
N GLY A 20 -8.27 16.63 0.32
CA GLY A 20 -8.32 17.25 1.63
C GLY A 20 -8.99 16.37 2.67
N GLY A 21 -9.52 15.24 2.22
CA GLY A 21 -10.17 14.33 3.13
C GLY A 21 -9.28 13.14 3.46
N ASN A 22 -9.86 12.13 4.08
CA ASN A 22 -9.12 10.92 4.43
C ASN A 22 -9.03 10.00 3.22
N LEU A 23 -7.81 9.82 2.72
CA LEU A 23 -7.58 8.95 1.58
C LEU A 23 -7.39 7.52 2.06
N GLU A 24 -8.31 6.65 1.69
CA GLU A 24 -8.25 5.25 2.07
C GLU A 24 -7.94 4.38 0.87
N LEU A 25 -6.81 3.70 0.92
CA LEU A 25 -6.47 2.74 -0.12
C LEU A 25 -6.58 1.33 0.46
N SER A 26 -7.30 0.45 -0.23
CA SER A 26 -7.50 -0.91 0.24
C SER A 26 -6.88 -1.93 -0.72
N CYS A 27 -5.94 -2.71 -0.22
CA CYS A 27 -5.26 -3.71 -1.05
C CYS A 27 -5.53 -5.10 -0.49
N GLN A 28 -5.75 -6.06 -1.39
CA GLN A 28 -6.11 -7.41 -1.00
C GLN A 28 -5.02 -8.39 -1.41
N LEU A 29 -4.67 -9.30 -0.52
CA LEU A 29 -3.65 -10.28 -0.80
C LEU A 29 -4.16 -11.68 -0.53
N SER A 30 -3.60 -12.66 -1.23
CA SER A 30 -3.88 -14.07 -0.96
C SER A 30 -2.81 -14.60 -0.02
N PRO A 31 -3.13 -14.69 1.28
CA PRO A 31 -2.15 -14.99 2.31
C PRO A 31 -1.96 -16.49 2.57
N PRO A 32 -0.76 -17.00 2.30
CA PRO A 32 -0.39 -18.36 2.66
C PRO A 32 -0.01 -18.47 4.13
N GLN A 33 0.20 -17.31 4.74
CA GLN A 33 0.53 -17.18 6.15
C GLN A 33 -0.32 -16.08 6.77
N GLN A 34 -0.08 -15.74 8.02
CA GLN A 34 -0.85 -14.69 8.68
C GLN A 34 -0.42 -13.31 8.18
N ALA A 35 0.80 -13.24 7.67
CA ALA A 35 1.35 -12.03 7.03
C ALA A 35 1.51 -10.86 8.02
N GLN A 36 1.36 -11.16 9.31
CA GLN A 36 1.38 -10.13 10.34
C GLN A 36 2.76 -9.50 10.51
N HIS A 37 3.78 -10.09 9.91
CA HIS A 37 5.13 -9.54 9.99
C HIS A 37 5.65 -9.14 8.60
N MET A 38 4.75 -9.03 7.64
CA MET A 38 5.14 -8.81 6.25
C MET A 38 5.42 -7.35 5.96
N GLU A 39 6.26 -7.09 4.96
CA GLU A 39 6.61 -5.73 4.58
C GLU A 39 5.54 -5.15 3.67
N ILE A 40 5.38 -3.84 3.70
CA ILE A 40 4.38 -3.20 2.89
C ILE A 40 4.93 -1.96 2.19
N ARG A 41 4.56 -1.82 0.93
CA ARG A 41 4.87 -0.65 0.15
C ARG A 41 3.59 -0.19 -0.55
N TRP A 42 3.13 0.99 -0.23
CA TRP A 42 1.99 1.56 -0.93
C TRP A 42 2.16 3.05 -1.08
N PHE A 43 2.63 3.45 -2.25
CA PHE A 43 2.92 4.85 -2.51
C PHE A 43 2.72 5.15 -3.97
N ARG A 44 2.49 6.41 -4.30
CA ARG A 44 2.45 6.81 -5.69
C ARG A 44 3.84 6.67 -6.30
N ASN A 45 3.95 6.81 -7.61
CA ASN A 45 5.21 6.54 -8.28
C ASN A 45 5.81 7.82 -8.82
N LEU A 46 6.98 8.16 -8.31
CA LEU A 46 7.68 9.35 -8.73
C LEU A 46 9.04 8.97 -9.31
N TYR A 47 9.92 9.95 -9.45
CA TYR A 47 11.24 9.69 -10.01
C TYR A 47 12.28 9.57 -8.91
N THR A 48 11.89 8.97 -7.80
CA THR A 48 12.79 8.70 -6.68
C THR A 48 12.28 7.49 -5.92
N GLU A 49 12.27 6.35 -6.59
CA GLU A 49 11.64 5.14 -6.08
C GLU A 49 12.56 4.21 -5.26
N PRO A 50 13.87 4.05 -5.63
CA PRO A 50 14.79 3.05 -5.04
C PRO A 50 14.37 2.49 -3.69
N VAL A 51 14.58 3.25 -2.62
CA VAL A 51 14.13 2.83 -1.30
C VAL A 51 12.84 3.56 -0.96
N HIS A 52 11.76 2.80 -0.74
CA HIS A 52 10.45 3.38 -0.51
C HIS A 52 9.52 2.39 0.21
N LEU A 53 10.06 1.61 1.13
CA LEU A 53 9.28 0.54 1.75
C LEU A 53 9.25 0.68 3.28
N TYR A 54 8.16 0.20 3.88
CA TYR A 54 8.03 0.18 5.34
C TYR A 54 7.90 -1.28 5.78
N ARG A 55 8.55 -1.63 6.89
CA ARG A 55 8.56 -3.03 7.32
C ARG A 55 7.89 -3.16 8.68
N ASP A 56 7.24 -4.30 8.92
CA ASP A 56 6.61 -4.54 10.20
C ASP A 56 7.65 -4.60 11.31
N GLY A 57 7.73 -3.54 12.09
CA GLY A 57 8.73 -3.44 13.12
C GLY A 57 9.93 -2.63 12.68
N LYS A 58 9.83 -2.00 11.51
CA LYS A 58 10.89 -1.13 11.03
C LYS A 58 10.32 0.09 10.29
N ASP A 59 10.69 1.25 10.79
CA ASP A 59 10.31 2.53 10.22
C ASP A 59 11.54 3.18 9.62
N MET A 60 11.42 3.75 8.44
CA MET A 60 12.57 4.29 7.75
C MET A 60 12.21 5.54 6.96
N PHE A 61 13.17 6.45 6.84
CA PHE A 61 13.00 7.64 6.02
C PHE A 61 13.02 7.28 4.53
N GLY A 62 13.25 6.00 4.24
CA GLY A 62 13.24 5.53 2.87
C GLY A 62 11.86 5.58 2.25
N GLU A 63 10.87 5.04 2.97
CA GLU A 63 9.49 5.08 2.49
C GLU A 63 9.02 6.52 2.42
N ILE A 64 9.51 7.30 3.38
CA ILE A 64 9.27 8.74 3.47
C ILE A 64 7.80 9.11 3.21
N ILE A 65 6.92 8.46 3.94
CA ILE A 65 5.51 8.80 3.93
C ILE A 65 5.31 10.19 4.52
N SER A 66 6.33 10.64 5.25
CA SER A 66 6.36 11.97 5.79
C SER A 66 6.44 13.01 4.66
N LYS A 67 6.78 12.54 3.46
CA LYS A 67 6.87 13.43 2.31
C LYS A 67 5.48 13.69 1.76
N TYR A 68 4.59 12.71 1.99
CA TYR A 68 3.18 12.90 1.73
C TYR A 68 2.60 13.75 2.85
N VAL A 69 2.69 13.21 4.05
CA VAL A 69 2.23 13.85 5.26
C VAL A 69 2.32 12.84 6.40
N GLU A 70 2.82 13.27 7.54
CA GLU A 70 2.93 12.39 8.70
C GLU A 70 1.60 12.30 9.43
N ARG A 71 0.57 11.92 8.70
CA ARG A 71 -0.77 11.76 9.24
C ARG A 71 -1.40 10.53 8.62
N THR A 72 -0.84 9.38 8.96
CA THR A 72 -1.22 8.14 8.34
C THR A 72 -1.71 7.11 9.34
N GLU A 73 -2.58 6.24 8.89
CA GLU A 73 -3.06 5.12 9.68
C GLU A 73 -3.11 3.87 8.82
N LEU A 74 -2.32 2.87 9.17
CA LEU A 74 -2.27 1.65 8.39
C LEU A 74 -3.10 0.56 9.07
N LEU A 75 -4.30 0.35 8.55
CA LEU A 75 -5.19 -0.67 9.08
C LEU A 75 -4.64 -2.05 8.72
N LYS A 76 -3.98 -2.66 9.70
CA LYS A 76 -3.38 -3.98 9.54
C LYS A 76 -4.24 -5.03 10.24
N ASP A 77 -5.34 -4.59 10.81
CA ASP A 77 -6.29 -5.49 11.47
C ASP A 77 -6.84 -6.51 10.47
N GLY A 78 -6.81 -6.13 9.20
CA GLY A 78 -7.24 -7.00 8.13
C GLY A 78 -6.15 -7.95 7.64
N ILE A 79 -4.89 -7.64 7.98
CA ILE A 79 -3.74 -8.34 7.40
C ILE A 79 -3.84 -9.87 7.56
N GLY A 80 -4.37 -10.33 8.69
CA GLY A 80 -4.50 -11.75 8.94
C GLY A 80 -5.54 -12.39 8.04
N GLU A 81 -6.37 -11.55 7.43
CA GLU A 81 -7.39 -12.01 6.50
C GLU A 81 -6.96 -11.70 5.06
N GLY A 82 -5.83 -11.02 4.92
CA GLY A 82 -5.33 -10.67 3.61
C GLY A 82 -5.80 -9.31 3.14
N LYS A 83 -6.02 -8.38 4.06
CA LYS A 83 -6.48 -7.04 3.71
C LYS A 83 -5.68 -5.96 4.43
N VAL A 84 -5.27 -4.95 3.69
CA VAL A 84 -4.57 -3.81 4.29
C VAL A 84 -5.21 -2.50 3.82
N THR A 85 -5.45 -1.60 4.75
CA THR A 85 -6.07 -0.32 4.42
C THR A 85 -5.18 0.85 4.84
N LEU A 86 -4.68 1.59 3.86
CA LEU A 86 -3.82 2.73 4.13
C LEU A 86 -4.62 4.02 4.19
N ARG A 87 -4.65 4.63 5.36
CA ARG A 87 -5.32 5.90 5.57
C ARG A 87 -4.32 7.04 5.54
N ILE A 88 -4.34 7.81 4.46
CA ILE A 88 -3.47 8.98 4.36
C ILE A 88 -4.33 10.24 4.41
N PHE A 89 -4.09 11.08 5.41
CA PHE A 89 -4.87 12.30 5.58
C PHE A 89 -4.44 13.36 4.58
N ASN A 90 -5.43 13.90 3.85
CA ASN A 90 -5.20 14.98 2.88
C ASN A 90 -4.50 14.47 1.62
N VAL A 91 -5.29 13.95 0.70
CA VAL A 91 -4.78 13.59 -0.62
C VAL A 91 -4.91 14.79 -1.55
N THR A 92 -3.94 14.99 -2.42
CA THR A 92 -3.96 16.14 -3.31
C THR A 92 -3.83 15.72 -4.78
N VAL A 93 -4.03 16.67 -5.68
CA VAL A 93 -4.13 16.37 -7.12
C VAL A 93 -2.80 15.85 -7.70
N ASP A 94 -1.70 16.18 -7.04
CA ASP A 94 -0.39 15.66 -7.46
C ASP A 94 -0.28 14.18 -7.08
N ASP A 95 -1.02 13.81 -6.05
CA ASP A 95 -1.00 12.45 -5.53
C ASP A 95 -2.22 11.67 -6.03
N ASP A 96 -3.09 12.38 -6.74
CA ASP A 96 -4.28 11.79 -7.38
C ASP A 96 -3.93 10.66 -8.36
N GLY A 97 -2.65 10.52 -8.70
CA GLY A 97 -2.23 9.55 -9.71
C GLY A 97 -2.33 8.09 -9.25
N SER A 98 -1.40 7.28 -9.75
CA SER A 98 -1.42 5.84 -9.50
C SER A 98 -0.61 5.49 -8.24
N TYR A 99 -1.19 4.60 -7.43
CA TYR A 99 -0.54 4.13 -6.22
C TYR A 99 -0.02 2.71 -6.41
N HIS A 100 1.26 2.54 -6.20
CA HIS A 100 1.89 1.23 -6.29
C HIS A 100 1.72 0.48 -4.97
N CYS A 101 0.95 -0.60 -5.03
CA CYS A 101 0.76 -1.48 -3.88
C CYS A 101 1.66 -2.70 -4.04
N VAL A 102 2.60 -2.87 -3.11
CA VAL A 102 3.55 -3.96 -3.16
C VAL A 102 3.68 -4.61 -1.78
N PHE A 103 3.33 -5.87 -1.70
CA PHE A 103 3.51 -6.61 -0.45
C PHE A 103 4.77 -7.46 -0.53
N LYS A 104 5.48 -7.58 0.58
CA LYS A 104 6.71 -8.34 0.60
C LYS A 104 6.66 -9.44 1.65
N ASP A 105 6.78 -10.68 1.20
CA ASP A 105 6.82 -11.83 2.10
C ASP A 105 8.18 -12.50 2.00
N GLY A 106 9.15 -11.99 2.76
CA GLY A 106 10.48 -12.56 2.78
C GLY A 106 11.22 -12.38 1.46
N ASP A 107 11.07 -13.36 0.59
CA ASP A 107 11.80 -13.37 -0.66
C ASP A 107 10.92 -12.98 -1.84
N PHE A 108 9.61 -13.16 -1.71
CA PHE A 108 8.70 -12.85 -2.81
C PHE A 108 7.99 -11.53 -2.56
N TYR A 109 7.68 -10.84 -3.65
CA TYR A 109 6.99 -9.56 -3.59
C TYR A 109 5.94 -9.50 -4.69
N GLU A 110 4.80 -8.89 -4.40
CA GLU A 110 3.74 -8.75 -5.39
C GLU A 110 3.31 -7.30 -5.50
N GLU A 111 3.20 -6.81 -6.72
CA GLU A 111 2.87 -5.41 -6.94
C GLU A 111 1.61 -5.27 -7.79
N HIS A 112 0.82 -4.26 -7.45
CA HIS A 112 -0.39 -3.95 -8.19
C HIS A 112 -0.49 -2.44 -8.37
N ILE A 113 -1.06 -2.03 -9.50
CA ILE A 113 -1.23 -0.62 -9.78
C ILE A 113 -2.65 -0.17 -9.41
N THR A 114 -2.75 0.59 -8.33
CA THR A 114 -4.03 1.10 -7.87
C THR A 114 -4.10 2.61 -8.06
N GLU A 115 -4.78 3.03 -9.11
CA GLU A 115 -4.91 4.46 -9.42
C GLU A 115 -6.05 5.07 -8.61
N VAL A 116 -5.81 6.21 -8.02
CA VAL A 116 -6.83 6.86 -7.20
C VAL A 116 -7.73 7.74 -8.05
N LYS A 117 -8.97 7.89 -7.62
CA LYS A 117 -9.92 8.74 -8.30
C LYS A 117 -10.39 9.85 -7.36
N ILE A 118 -9.82 11.04 -7.53
CA ILE A 118 -10.24 12.18 -6.73
C ILE A 118 -11.60 12.68 -7.21
N THR A 119 -12.61 12.45 -6.40
CA THR A 119 -13.98 12.74 -6.77
C THR A 119 -14.46 14.03 -6.12
N MET A 1 5.62 -16.04 -17.31
CA MET A 1 6.11 -17.02 -16.31
C MET A 1 5.43 -16.79 -14.97
N SER A 2 5.32 -17.85 -14.18
CA SER A 2 4.74 -17.74 -12.85
C SER A 2 5.79 -18.09 -11.79
N SER A 3 6.27 -17.07 -11.09
CA SER A 3 7.26 -17.25 -10.04
C SER A 3 6.74 -16.63 -8.75
N GLU A 4 5.51 -16.17 -8.83
CA GLU A 4 4.84 -15.52 -7.71
C GLU A 4 3.79 -16.47 -7.11
N PRO A 5 4.11 -17.11 -5.97
CA PRO A 5 3.22 -18.08 -5.34
C PRO A 5 2.01 -17.43 -4.67
N PHE A 6 2.23 -16.27 -4.07
CA PHE A 6 1.15 -15.55 -3.41
C PHE A 6 0.66 -14.42 -4.32
N ILE A 7 -0.63 -14.12 -4.24
CA ILE A 7 -1.23 -13.19 -5.20
C ILE A 7 -2.27 -12.29 -4.56
N VAL A 8 -2.84 -11.42 -5.38
CA VAL A 8 -3.85 -10.47 -4.93
C VAL A 8 -5.24 -11.07 -5.08
N ASN A 9 -6.15 -10.68 -4.21
CA ASN A 9 -7.52 -11.20 -4.26
C ASN A 9 -8.45 -10.13 -4.79
N GLY A 10 -9.26 -10.50 -5.79
CA GLY A 10 -10.15 -9.55 -6.43
C GLY A 10 -9.43 -8.32 -6.91
N LEU A 11 -9.69 -7.20 -6.25
CA LEU A 11 -9.00 -5.96 -6.52
C LEU A 11 -8.87 -5.18 -5.21
N GLU A 12 -7.82 -4.39 -5.08
CA GLU A 12 -7.62 -3.57 -3.89
C GLU A 12 -8.82 -2.67 -3.66
N GLY A 13 -9.27 -2.02 -4.73
CA GLY A 13 -10.46 -1.21 -4.65
C GLY A 13 -10.34 0.07 -5.44
N PRO A 14 -11.25 0.32 -6.39
CA PRO A 14 -11.34 1.59 -7.11
C PRO A 14 -11.89 2.68 -6.19
N VAL A 15 -11.06 3.11 -5.26
CA VAL A 15 -11.45 4.07 -4.23
C VAL A 15 -11.90 5.39 -4.83
N LEU A 16 -13.17 5.71 -4.65
CA LEU A 16 -13.73 6.97 -5.11
C LEU A 16 -13.78 7.94 -3.93
N ALA A 17 -12.92 8.94 -3.96
CA ALA A 17 -12.79 9.88 -2.86
C ALA A 17 -12.46 11.26 -3.40
N SER A 18 -12.44 12.26 -2.54
CA SER A 18 -12.14 13.61 -2.95
C SER A 18 -10.80 14.05 -2.37
N LEU A 19 -10.07 14.87 -3.11
CA LEU A 19 -8.74 15.28 -2.68
C LEU A 19 -8.83 16.28 -1.53
N GLY A 20 -7.80 16.29 -0.69
CA GLY A 20 -7.78 17.17 0.46
C GLY A 20 -8.37 16.53 1.70
N GLY A 21 -8.93 15.34 1.52
CA GLY A 21 -9.52 14.63 2.64
C GLY A 21 -8.69 13.43 3.06
N ASN A 22 -9.14 12.72 4.08
CA ASN A 22 -8.45 11.54 4.57
C ASN A 22 -8.77 10.34 3.69
N LEU A 23 -7.79 9.89 2.93
CA LEU A 23 -7.97 8.75 2.06
C LEU A 23 -7.68 7.46 2.83
N GLU A 24 -8.72 6.69 3.10
CA GLU A 24 -8.56 5.39 3.72
C GLU A 24 -8.50 4.32 2.64
N LEU A 25 -7.29 3.95 2.27
CA LEU A 25 -7.09 3.01 1.18
C LEU A 25 -6.70 1.65 1.71
N SER A 26 -7.41 0.63 1.25
CA SER A 26 -7.16 -0.73 1.70
C SER A 26 -6.71 -1.62 0.55
N CYS A 27 -5.74 -2.47 0.81
CA CYS A 27 -5.29 -3.44 -0.17
C CYS A 27 -5.54 -4.84 0.38
N GLN A 28 -5.98 -5.75 -0.48
CA GLN A 28 -6.32 -7.11 -0.07
C GLN A 28 -5.42 -8.12 -0.75
N LEU A 29 -4.87 -9.03 0.03
CA LEU A 29 -3.95 -10.03 -0.47
C LEU A 29 -4.43 -11.43 -0.12
N SER A 30 -3.94 -12.42 -0.84
CA SER A 30 -4.19 -13.81 -0.50
C SER A 30 -2.89 -14.46 -0.03
N PRO A 31 -2.58 -14.34 1.27
CA PRO A 31 -1.33 -14.83 1.82
C PRO A 31 -1.42 -16.29 2.28
N PRO A 32 -0.28 -16.99 2.29
CA PRO A 32 -0.21 -18.36 2.76
C PRO A 32 -0.31 -18.45 4.29
N GLN A 33 0.12 -17.39 4.95
CA GLN A 33 0.15 -17.34 6.40
C GLN A 33 -0.53 -16.08 6.93
N GLN A 34 -0.43 -15.86 8.23
CA GLN A 34 -1.09 -14.73 8.89
C GLN A 34 -0.46 -13.39 8.50
N ALA A 35 0.65 -13.44 7.80
CA ALA A 35 1.33 -12.26 7.25
C ALA A 35 1.76 -11.28 8.35
N GLN A 36 2.05 -11.82 9.52
CA GLN A 36 2.44 -10.99 10.66
C GLN A 36 3.64 -10.11 10.34
N HIS A 37 4.63 -10.68 9.66
CA HIS A 37 5.84 -9.94 9.32
C HIS A 37 5.82 -9.47 7.86
N MET A 38 4.62 -9.32 7.30
CA MET A 38 4.48 -8.93 5.90
C MET A 38 4.93 -7.48 5.69
N GLU A 39 5.76 -7.29 4.66
CA GLU A 39 6.17 -5.96 4.24
C GLU A 39 5.16 -5.42 3.23
N ILE A 40 4.90 -4.13 3.27
CA ILE A 40 3.93 -3.54 2.34
C ILE A 40 4.48 -2.24 1.77
N ARG A 41 4.09 -1.93 0.55
CA ARG A 41 4.42 -0.65 -0.04
C ARG A 41 3.15 -0.02 -0.58
N TRP A 42 2.76 1.11 -0.01
CA TRP A 42 1.63 1.86 -0.51
C TRP A 42 2.05 3.28 -0.75
N PHE A 43 2.56 3.54 -1.95
CA PHE A 43 3.04 4.87 -2.31
C PHE A 43 2.94 5.06 -3.81
N ARG A 44 2.71 6.29 -4.23
CA ARG A 44 2.91 6.62 -5.62
C ARG A 44 4.35 7.04 -5.80
N ASN A 45 5.19 6.09 -6.19
CA ASN A 45 6.60 6.34 -6.33
C ASN A 45 7.06 6.00 -7.74
N LEU A 46 7.76 6.94 -8.35
CA LEU A 46 8.23 6.75 -9.71
C LEU A 46 9.65 6.21 -9.70
N TYR A 47 9.86 5.18 -10.52
CA TYR A 47 11.12 4.44 -10.57
C TYR A 47 11.27 3.53 -9.36
N THR A 48 11.95 2.41 -9.57
CA THR A 48 12.12 1.41 -8.54
C THR A 48 13.09 1.87 -7.45
N GLU A 49 12.55 2.14 -6.27
CA GLU A 49 13.37 2.49 -5.12
C GLU A 49 13.20 1.45 -4.01
N PRO A 50 14.19 0.55 -3.84
CA PRO A 50 14.14 -0.51 -2.83
C PRO A 50 14.20 0.02 -1.41
N VAL A 51 14.48 1.32 -1.28
CA VAL A 51 14.55 1.97 0.03
C VAL A 51 13.18 2.52 0.43
N HIS A 52 12.19 2.33 -0.43
CA HIS A 52 10.86 2.85 -0.19
C HIS A 52 9.88 1.73 0.14
N LEU A 53 9.90 1.26 1.37
CA LEU A 53 9.02 0.19 1.80
C LEU A 53 8.46 0.46 3.19
N TYR A 54 7.21 0.08 3.40
CA TYR A 54 6.56 0.23 4.70
C TYR A 54 6.60 -1.11 5.43
N ARG A 55 7.30 -1.17 6.54
CA ARG A 55 7.59 -2.46 7.16
C ARG A 55 6.87 -2.65 8.48
N ASP A 56 6.05 -3.69 8.54
CA ASP A 56 5.41 -4.11 9.79
C ASP A 56 4.43 -3.07 10.32
N GLY A 57 4.08 -2.11 9.48
CA GLY A 57 3.20 -1.03 9.91
C GLY A 57 3.97 0.14 10.48
N LYS A 58 5.28 0.14 10.23
CA LYS A 58 6.15 1.20 10.69
C LYS A 58 6.99 1.73 9.52
N ASP A 59 7.31 3.01 9.57
CA ASP A 59 8.19 3.62 8.59
C ASP A 59 9.48 4.09 9.27
N MET A 60 10.59 3.87 8.59
CA MET A 60 11.89 4.29 9.09
C MET A 60 12.38 5.52 8.32
N PHE A 61 13.62 5.92 8.58
CA PHE A 61 14.20 7.12 7.98
C PHE A 61 14.57 6.90 6.53
N GLY A 62 14.52 5.65 6.09
CA GLY A 62 14.85 5.33 4.70
C GLY A 62 13.70 5.63 3.77
N GLU A 63 12.56 5.03 4.08
CA GLU A 63 11.34 5.23 3.31
C GLU A 63 10.75 6.60 3.61
N ILE A 64 10.83 7.00 4.88
CA ILE A 64 10.37 8.29 5.38
C ILE A 64 8.98 8.70 4.83
N ILE A 65 7.95 8.44 5.62
CA ILE A 65 6.57 8.74 5.24
C ILE A 65 6.34 10.23 5.05
N SER A 66 7.24 11.04 5.61
CA SER A 66 7.19 12.48 5.42
C SER A 66 7.31 12.84 3.94
N LYS A 67 7.72 11.86 3.13
CA LYS A 67 7.83 12.06 1.68
C LYS A 67 6.44 12.27 1.09
N TYR A 68 5.44 11.68 1.72
CA TYR A 68 4.05 11.86 1.30
C TYR A 68 3.41 12.95 2.17
N VAL A 69 3.18 12.61 3.42
CA VAL A 69 2.56 13.54 4.37
C VAL A 69 2.62 12.96 5.78
N GLU A 70 2.86 13.81 6.76
CA GLU A 70 2.90 13.37 8.15
C GLU A 70 1.48 13.30 8.73
N ARG A 71 0.70 12.41 8.16
CA ARG A 71 -0.66 12.16 8.62
C ARG A 71 -1.11 10.81 8.07
N THR A 72 -0.44 9.77 8.54
CA THR A 72 -0.66 8.43 8.02
C THR A 72 -0.94 7.45 9.16
N GLU A 73 -2.11 6.86 9.11
CA GLU A 73 -2.50 5.85 10.10
C GLU A 73 -2.68 4.50 9.41
N LEU A 74 -1.67 3.64 9.50
CA LEU A 74 -1.75 2.33 8.88
C LEU A 74 -2.43 1.34 9.81
N LEU A 75 -3.61 0.92 9.44
CA LEU A 75 -4.35 -0.08 10.16
C LEU A 75 -3.85 -1.47 9.78
N LYS A 76 -3.24 -2.14 10.75
CA LYS A 76 -2.71 -3.48 10.59
C LYS A 76 -3.75 -4.50 11.01
N ASP A 77 -4.92 -4.01 11.40
CA ASP A 77 -6.00 -4.85 11.89
C ASP A 77 -6.36 -5.94 10.88
N GLY A 78 -6.24 -5.60 9.60
CA GLY A 78 -6.58 -6.52 8.54
C GLY A 78 -5.46 -7.49 8.19
N ILE A 79 -4.24 -7.18 8.61
CA ILE A 79 -3.05 -7.92 8.16
C ILE A 79 -3.18 -9.42 8.37
N GLY A 80 -3.92 -9.83 9.41
CA GLY A 80 -4.08 -11.25 9.69
C GLY A 80 -4.80 -11.97 8.58
N GLU A 81 -5.60 -11.24 7.81
CA GLU A 81 -6.32 -11.82 6.69
C GLU A 81 -5.79 -11.25 5.36
N GLY A 82 -4.64 -10.59 5.43
CA GLY A 82 -4.04 -10.02 4.24
C GLY A 82 -4.70 -8.73 3.82
N LYS A 83 -4.97 -7.85 4.78
CA LYS A 83 -5.54 -6.55 4.46
C LYS A 83 -4.74 -5.43 5.12
N VAL A 84 -4.43 -4.40 4.38
CA VAL A 84 -3.79 -3.23 4.97
C VAL A 84 -4.63 -2.00 4.70
N THR A 85 -4.86 -1.20 5.74
CA THR A 85 -5.63 0.02 5.56
C THR A 85 -4.76 1.24 5.84
N LEU A 86 -4.32 1.91 4.80
CA LEU A 86 -3.47 3.08 4.96
C LEU A 86 -4.31 4.34 4.91
N ARG A 87 -4.40 5.00 6.05
CA ARG A 87 -5.07 6.28 6.13
C ARG A 87 -4.09 7.40 5.80
N ILE A 88 -4.25 7.97 4.61
CA ILE A 88 -3.40 9.07 4.19
C ILE A 88 -4.22 10.35 4.10
N PHE A 89 -3.94 11.30 4.98
CA PHE A 89 -4.66 12.56 4.97
C PHE A 89 -4.11 13.48 3.89
N ASN A 90 -5.01 14.02 3.08
CA ASN A 90 -4.68 15.01 2.04
C ASN A 90 -4.02 14.35 0.83
N VAL A 91 -4.84 13.76 -0.01
CA VAL A 91 -4.41 13.30 -1.32
C VAL A 91 -4.48 14.48 -2.30
N THR A 92 -3.61 14.51 -3.29
CA THR A 92 -3.53 15.65 -4.18
C THR A 92 -3.81 15.26 -5.62
N VAL A 93 -4.06 16.27 -6.46
CA VAL A 93 -4.39 16.04 -7.86
C VAL A 93 -3.22 15.40 -8.61
N ASP A 94 -2.01 15.68 -8.13
CA ASP A 94 -0.80 15.12 -8.74
C ASP A 94 -0.74 13.60 -8.55
N ASP A 95 -1.07 13.15 -7.33
CA ASP A 95 -0.96 11.74 -7.00
C ASP A 95 -2.32 11.05 -6.99
N ASP A 96 -3.35 11.80 -7.36
CA ASP A 96 -4.71 11.27 -7.46
C ASP A 96 -4.83 10.18 -8.52
N GLY A 97 -3.79 10.01 -9.31
CA GLY A 97 -3.82 9.04 -10.40
C GLY A 97 -3.44 7.65 -9.94
N SER A 98 -2.36 7.13 -10.51
CA SER A 98 -1.95 5.76 -10.26
C SER A 98 -0.98 5.68 -9.08
N TYR A 99 -1.33 4.86 -8.10
CA TYR A 99 -0.49 4.60 -6.96
C TYR A 99 0.03 3.16 -7.01
N HIS A 100 1.05 2.87 -6.22
CA HIS A 100 1.64 1.54 -6.23
C HIS A 100 1.42 0.84 -4.89
N CYS A 101 0.63 -0.23 -4.94
CA CYS A 101 0.45 -1.09 -3.77
C CYS A 101 1.23 -2.38 -3.98
N VAL A 102 2.13 -2.67 -3.07
CA VAL A 102 3.02 -3.82 -3.17
C VAL A 102 3.02 -4.60 -1.88
N PHE A 103 3.02 -5.92 -1.98
CA PHE A 103 3.06 -6.76 -0.80
C PHE A 103 4.31 -7.63 -0.84
N LYS A 104 4.94 -7.82 0.32
CA LYS A 104 6.15 -8.63 0.41
C LYS A 104 6.03 -9.64 1.55
N ASP A 105 5.82 -10.89 1.21
CA ASP A 105 5.75 -11.95 2.22
C ASP A 105 7.10 -12.65 2.28
N GLY A 106 8.06 -11.98 2.88
CA GLY A 106 9.39 -12.55 3.00
C GLY A 106 10.15 -12.50 1.70
N ASP A 107 10.08 -13.58 0.94
CA ASP A 107 10.84 -13.71 -0.30
C ASP A 107 10.01 -13.35 -1.52
N PHE A 108 8.70 -13.56 -1.43
CA PHE A 108 7.83 -13.29 -2.57
C PHE A 108 7.21 -11.91 -2.45
N TYR A 109 7.06 -11.25 -3.60
CA TYR A 109 6.51 -9.91 -3.65
C TYR A 109 5.54 -9.78 -4.82
N GLU A 110 4.48 -9.02 -4.61
CA GLU A 110 3.54 -8.71 -5.66
C GLU A 110 3.43 -7.20 -5.80
N GLU A 111 3.53 -6.72 -7.03
CA GLU A 111 3.46 -5.29 -7.28
C GLU A 111 2.22 -4.96 -8.08
N HIS A 112 1.36 -4.13 -7.52
CA HIS A 112 0.12 -3.76 -8.19
C HIS A 112 0.05 -2.26 -8.42
N ILE A 113 -0.30 -1.88 -9.64
CA ILE A 113 -0.50 -0.48 -9.99
C ILE A 113 -1.99 -0.19 -10.07
N THR A 114 -2.49 0.52 -9.09
CA THR A 114 -3.90 0.84 -9.02
C THR A 114 -4.09 2.34 -9.04
N GLU A 115 -5.28 2.82 -9.37
CA GLU A 115 -5.50 4.25 -9.44
C GLU A 115 -6.65 4.69 -8.55
N VAL A 116 -6.48 5.81 -7.89
CA VAL A 116 -7.52 6.40 -7.07
C VAL A 116 -8.46 7.19 -7.95
N LYS A 117 -9.72 7.28 -7.56
CA LYS A 117 -10.68 8.06 -8.31
C LYS A 117 -11.11 9.27 -7.49
N ILE A 118 -10.40 10.37 -7.67
CA ILE A 118 -10.73 11.59 -6.96
C ILE A 118 -11.88 12.30 -7.67
N THR A 119 -12.95 12.56 -6.93
CA THR A 119 -14.15 13.12 -7.50
C THR A 119 -14.42 14.51 -6.94
N MET A 1 9.44 -22.07 -13.08
CA MET A 1 8.74 -23.35 -12.81
C MET A 1 7.79 -23.21 -11.63
N SER A 2 8.22 -23.68 -10.46
CA SER A 2 7.39 -23.63 -9.26
C SER A 2 7.86 -22.50 -8.35
N SER A 3 7.27 -21.32 -8.53
CA SER A 3 7.61 -20.16 -7.72
C SER A 3 6.42 -19.21 -7.61
N GLU A 4 5.23 -19.79 -7.60
CA GLU A 4 4.00 -19.00 -7.55
C GLU A 4 3.84 -18.38 -6.16
N PRO A 5 3.84 -17.05 -6.09
CA PRO A 5 3.71 -16.32 -4.84
C PRO A 5 2.26 -16.15 -4.42
N PHE A 6 2.04 -15.47 -3.30
CA PHE A 6 0.70 -15.15 -2.85
C PHE A 6 0.13 -14.01 -3.72
N ILE A 7 -1.15 -14.09 -4.06
CA ILE A 7 -1.71 -13.18 -5.04
C ILE A 7 -2.88 -12.37 -4.50
N VAL A 8 -3.28 -11.36 -5.27
CA VAL A 8 -4.41 -10.52 -4.95
C VAL A 8 -5.67 -11.07 -5.59
N ASN A 9 -6.74 -11.16 -4.81
CA ASN A 9 -8.01 -11.67 -5.31
C ASN A 9 -9.09 -10.61 -5.17
N GLY A 10 -9.85 -10.39 -6.24
CA GLY A 10 -10.96 -9.47 -6.16
C GLY A 10 -10.83 -8.32 -7.13
N LEU A 11 -10.52 -7.13 -6.61
CA LEU A 11 -10.45 -5.93 -7.43
C LEU A 11 -9.38 -4.99 -6.88
N GLU A 12 -9.04 -3.97 -7.67
CA GLU A 12 -8.09 -2.95 -7.21
C GLU A 12 -8.86 -1.87 -6.47
N GLY A 13 -9.94 -1.39 -7.09
CA GLY A 13 -10.80 -0.43 -6.44
C GLY A 13 -10.48 1.00 -6.81
N PRO A 14 -11.37 1.68 -7.54
CA PRO A 14 -11.23 3.10 -7.85
C PRO A 14 -11.62 3.96 -6.65
N VAL A 15 -10.66 4.22 -5.77
CA VAL A 15 -10.93 4.98 -4.55
C VAL A 15 -11.14 6.45 -4.85
N LEU A 16 -12.40 6.86 -4.87
CA LEU A 16 -12.74 8.26 -5.12
C LEU A 16 -12.72 9.03 -3.82
N ALA A 17 -11.87 10.03 -3.77
CA ALA A 17 -11.71 10.83 -2.57
C ALA A 17 -11.69 12.31 -2.93
N SER A 18 -11.73 13.17 -1.93
CA SER A 18 -11.71 14.60 -2.16
C SER A 18 -10.30 15.10 -1.98
N LEU A 19 -9.84 15.93 -2.91
CA LEU A 19 -8.48 16.39 -2.90
C LEU A 19 -8.17 17.16 -1.61
N GLY A 20 -7.16 16.71 -0.90
CA GLY A 20 -6.80 17.34 0.35
C GLY A 20 -7.45 16.65 1.54
N GLY A 21 -8.20 15.60 1.27
CA GLY A 21 -8.84 14.85 2.33
C GLY A 21 -8.07 13.62 2.72
N ASN A 22 -8.64 12.81 3.60
CA ASN A 22 -7.99 11.59 4.08
C ASN A 22 -8.44 10.40 3.25
N LEU A 23 -7.48 9.74 2.60
CA LEU A 23 -7.77 8.62 1.74
C LEU A 23 -7.54 7.30 2.46
N GLU A 24 -8.58 6.50 2.52
CA GLU A 24 -8.47 5.16 3.09
C GLU A 24 -8.29 4.14 1.97
N LEU A 25 -7.06 3.70 1.77
CA LEU A 25 -6.76 2.76 0.71
C LEU A 25 -6.73 1.34 1.26
N SER A 26 -7.50 0.46 0.62
CA SER A 26 -7.57 -0.93 1.05
C SER A 26 -7.07 -1.86 -0.04
N CYS A 27 -6.18 -2.76 0.34
CA CYS A 27 -5.67 -3.77 -0.57
C CYS A 27 -6.03 -5.15 -0.05
N GLN A 28 -6.41 -6.04 -0.96
CA GLN A 28 -6.82 -7.39 -0.58
C GLN A 28 -5.80 -8.41 -1.06
N LEU A 29 -5.41 -9.29 -0.17
CA LEU A 29 -4.44 -10.32 -0.45
C LEU A 29 -5.02 -11.68 -0.05
N SER A 30 -4.53 -12.72 -0.69
CA SER A 30 -4.84 -14.08 -0.26
C SER A 30 -3.84 -14.51 0.81
N PRO A 31 -4.25 -14.45 2.09
CA PRO A 31 -3.34 -14.62 3.22
C PRO A 31 -2.93 -16.08 3.46
N PRO A 32 -1.63 -16.39 3.27
CA PRO A 32 -1.08 -17.70 3.62
C PRO A 32 -0.82 -17.78 5.12
N GLN A 33 -0.70 -16.60 5.74
CA GLN A 33 -0.48 -16.46 7.16
C GLN A 33 -0.82 -15.03 7.55
N GLN A 34 -0.51 -14.64 8.78
CA GLN A 34 -0.86 -13.30 9.27
C GLN A 34 -0.03 -12.23 8.57
N ALA A 35 1.07 -12.65 7.96
CA ALA A 35 1.92 -11.76 7.16
C ALA A 35 2.42 -10.55 7.95
N GLN A 36 2.63 -10.75 9.24
CA GLN A 36 3.06 -9.67 10.14
C GLN A 36 4.41 -9.13 9.71
N HIS A 37 5.24 -10.02 9.19
CA HIS A 37 6.62 -9.68 8.80
C HIS A 37 6.70 -9.29 7.33
N MET A 38 5.55 -9.12 6.68
CA MET A 38 5.54 -8.82 5.26
C MET A 38 5.97 -7.38 4.99
N GLU A 39 6.63 -7.19 3.87
CA GLU A 39 7.00 -5.87 3.41
C GLU A 39 5.92 -5.35 2.48
N ILE A 40 5.09 -4.46 2.99
CA ILE A 40 3.94 -3.98 2.27
C ILE A 40 4.15 -2.56 1.75
N ARG A 41 3.89 -2.37 0.47
CA ARG A 41 3.98 -1.07 -0.14
C ARG A 41 2.60 -0.62 -0.58
N TRP A 42 2.14 0.47 0.02
CA TRP A 42 0.85 1.05 -0.32
C TRP A 42 1.08 2.52 -0.66
N PHE A 43 1.95 2.76 -1.63
CA PHE A 43 2.50 4.10 -1.81
C PHE A 43 2.53 4.51 -3.28
N ARG A 44 2.75 5.80 -3.49
CA ARG A 44 2.93 6.33 -4.82
C ARG A 44 4.38 6.80 -4.98
N ASN A 45 4.92 6.63 -6.17
CA ASN A 45 6.24 7.14 -6.49
C ASN A 45 6.12 8.14 -7.61
N LEU A 46 7.05 9.09 -7.67
CA LEU A 46 6.99 10.17 -8.64
C LEU A 46 8.38 10.52 -9.15
N TYR A 47 8.62 11.81 -9.35
CA TYR A 47 9.88 12.33 -9.91
C TYR A 47 11.07 12.06 -9.01
N THR A 48 11.48 10.80 -8.93
CA THR A 48 12.68 10.39 -8.21
C THR A 48 12.95 8.92 -8.48
N GLU A 49 12.60 8.07 -7.52
CA GLU A 49 12.78 6.64 -7.62
C GLU A 49 11.73 5.94 -6.75
N PRO A 50 11.42 4.67 -7.01
CA PRO A 50 10.42 3.93 -6.25
C PRO A 50 10.91 3.53 -4.85
N VAL A 51 11.34 4.50 -4.07
CA VAL A 51 11.84 4.25 -2.73
C VAL A 51 10.75 4.53 -1.68
N HIS A 52 9.98 3.50 -1.38
CA HIS A 52 8.91 3.60 -0.37
C HIS A 52 8.31 2.22 -0.13
N LEU A 53 8.31 1.79 1.13
CA LEU A 53 7.79 0.48 1.51
C LEU A 53 7.83 0.29 3.02
N TYR A 54 6.82 -0.39 3.55
CA TYR A 54 6.73 -0.65 4.98
C TYR A 54 7.20 -2.06 5.29
N ARG A 55 8.30 -2.17 6.03
CA ARG A 55 8.88 -3.48 6.31
C ARG A 55 8.43 -3.96 7.68
N ASP A 56 7.76 -5.11 7.71
CA ASP A 56 7.24 -5.69 8.96
C ASP A 56 6.12 -4.81 9.51
N GLY A 57 5.63 -3.90 8.67
CA GLY A 57 4.66 -2.94 9.11
C GLY A 57 5.31 -1.78 9.84
N LYS A 58 6.61 -1.62 9.65
CA LYS A 58 7.36 -0.56 10.27
C LYS A 58 8.05 0.31 9.22
N ASP A 59 8.26 1.58 9.56
CA ASP A 59 8.93 2.52 8.67
C ASP A 59 10.38 2.70 9.10
N MET A 60 11.16 3.35 8.24
CA MET A 60 12.56 3.61 8.53
C MET A 60 12.92 5.01 8.07
N PHE A 61 14.03 5.54 8.59
CA PHE A 61 14.43 6.90 8.27
C PHE A 61 14.74 7.07 6.79
N GLY A 62 15.16 5.99 6.14
CA GLY A 62 15.43 6.02 4.72
C GLY A 62 14.17 5.93 3.89
N GLU A 63 13.03 5.73 4.55
CA GLU A 63 11.75 5.66 3.87
C GLU A 63 10.91 6.89 4.24
N ILE A 64 10.97 7.25 5.53
CA ILE A 64 10.27 8.42 6.09
C ILE A 64 8.88 8.65 5.48
N ILE A 65 7.92 7.88 5.96
CA ILE A 65 6.53 7.98 5.49
C ILE A 65 5.94 9.35 5.80
N SER A 66 6.55 10.03 6.77
CA SER A 66 6.19 11.39 7.12
C SER A 66 6.39 12.33 5.93
N LYS A 67 7.11 11.84 4.91
CA LYS A 67 7.34 12.63 3.71
C LYS A 67 6.03 12.85 2.95
N TYR A 68 5.12 11.90 3.09
CA TYR A 68 3.78 12.06 2.56
C TYR A 68 2.98 12.94 3.51
N VAL A 69 2.99 12.54 4.78
CA VAL A 69 2.31 13.24 5.85
C VAL A 69 2.48 12.43 7.13
N GLU A 70 2.32 13.07 8.28
CA GLU A 70 2.46 12.37 9.56
C GLU A 70 1.18 11.59 9.87
N ARG A 71 0.08 12.04 9.30
CA ARG A 71 -1.18 11.31 9.40
C ARG A 71 -1.20 10.19 8.37
N THR A 72 -0.32 9.21 8.60
CA THR A 72 -0.21 8.05 7.74
C THR A 72 -0.32 6.78 8.58
N GLU A 73 -1.54 6.31 8.75
CA GLU A 73 -1.78 5.16 9.61
C GLU A 73 -2.05 3.91 8.79
N LEU A 74 -1.12 2.97 8.86
CA LEU A 74 -1.26 1.70 8.16
C LEU A 74 -1.96 0.68 9.05
N LEU A 75 -3.25 0.48 8.78
CA LEU A 75 -4.04 -0.49 9.52
C LEU A 75 -3.70 -1.90 9.10
N LYS A 76 -3.01 -2.60 9.98
CA LYS A 76 -2.61 -3.99 9.76
C LYS A 76 -3.59 -4.92 10.45
N ASP A 77 -4.61 -4.34 11.08
CA ASP A 77 -5.63 -5.10 11.78
C ASP A 77 -6.34 -6.08 10.83
N GLY A 78 -6.39 -5.69 9.56
CA GLY A 78 -7.01 -6.50 8.54
C GLY A 78 -6.11 -7.59 8.01
N ILE A 79 -4.80 -7.46 8.26
CA ILE A 79 -3.78 -8.33 7.65
C ILE A 79 -4.04 -9.82 7.92
N GLY A 80 -4.74 -10.13 9.01
CA GLY A 80 -5.07 -11.51 9.31
C GLY A 80 -6.03 -12.10 8.29
N GLU A 81 -6.74 -11.22 7.59
CA GLU A 81 -7.64 -11.61 6.52
C GLU A 81 -7.05 -11.16 5.17
N GLY A 82 -5.78 -10.78 5.21
CA GLY A 82 -5.09 -10.34 4.01
C GLY A 82 -5.52 -8.95 3.57
N LYS A 83 -5.96 -8.12 4.49
CA LYS A 83 -6.39 -6.79 4.14
C LYS A 83 -5.48 -5.74 4.76
N VAL A 84 -5.05 -4.78 3.96
CA VAL A 84 -4.25 -3.68 4.48
C VAL A 84 -4.95 -2.37 4.20
N THR A 85 -5.05 -1.51 5.22
CA THR A 85 -5.76 -0.25 5.06
C THR A 85 -4.87 0.92 5.43
N LEU A 86 -4.38 1.63 4.43
CA LEU A 86 -3.53 2.78 4.66
C LEU A 86 -4.35 4.06 4.68
N ARG A 87 -4.35 4.73 5.81
CA ARG A 87 -5.03 6.00 5.95
C ARG A 87 -4.04 7.13 5.75
N ILE A 88 -4.12 7.80 4.62
CA ILE A 88 -3.20 8.87 4.28
C ILE A 88 -3.94 10.21 4.17
N PHE A 89 -3.53 11.17 4.99
CA PHE A 89 -4.12 12.49 4.95
C PHE A 89 -3.50 13.36 3.85
N ASN A 90 -4.36 13.97 3.05
CA ASN A 90 -3.97 14.93 2.02
C ASN A 90 -3.29 14.26 0.84
N VAL A 91 -4.10 13.77 -0.08
CA VAL A 91 -3.60 13.26 -1.35
C VAL A 91 -3.84 14.30 -2.44
N THR A 92 -2.83 14.58 -3.23
CA THR A 92 -2.91 15.64 -4.22
C THR A 92 -3.01 15.09 -5.64
N VAL A 93 -3.15 15.98 -6.62
CA VAL A 93 -3.44 15.59 -8.00
C VAL A 93 -2.30 14.76 -8.64
N ASP A 94 -1.07 14.98 -8.22
CA ASP A 94 0.06 14.26 -8.78
C ASP A 94 0.06 12.82 -8.29
N ASP A 95 -0.27 12.65 -7.01
CA ASP A 95 -0.29 11.34 -6.39
C ASP A 95 -1.66 10.68 -6.54
N ASP A 96 -2.63 11.43 -7.06
CA ASP A 96 -3.97 10.92 -7.32
C ASP A 96 -3.96 9.81 -8.38
N GLY A 97 -2.92 9.78 -9.20
CA GLY A 97 -2.90 8.84 -10.30
C GLY A 97 -2.63 7.40 -9.88
N SER A 98 -1.45 6.92 -10.23
CA SER A 98 -1.09 5.53 -10.03
C SER A 98 -0.58 5.28 -8.61
N TYR A 99 -1.26 4.41 -7.89
CA TYR A 99 -0.81 3.99 -6.58
C TYR A 99 -0.27 2.57 -6.67
N HIS A 100 0.85 2.33 -6.01
CA HIS A 100 1.51 1.04 -6.11
C HIS A 100 1.29 0.22 -4.84
N CYS A 101 0.60 -0.90 -5.01
CA CYS A 101 0.41 -1.84 -3.92
C CYS A 101 1.29 -3.06 -4.15
N VAL A 102 2.23 -3.29 -3.25
CA VAL A 102 3.19 -4.38 -3.41
C VAL A 102 3.34 -5.13 -2.08
N PHE A 103 3.06 -6.41 -2.11
CA PHE A 103 3.19 -7.24 -0.91
C PHE A 103 4.34 -8.20 -1.08
N LYS A 104 5.39 -8.04 -0.29
CA LYS A 104 6.52 -8.98 -0.33
C LYS A 104 6.73 -9.61 1.03
N ASP A 105 6.32 -10.86 1.18
CA ASP A 105 6.51 -11.58 2.42
C ASP A 105 7.63 -12.58 2.29
N GLY A 106 8.84 -12.13 2.58
CA GLY A 106 9.99 -13.01 2.54
C GLY A 106 10.33 -13.47 1.12
N ASP A 107 9.64 -14.49 0.66
CA ASP A 107 9.95 -15.11 -0.62
C ASP A 107 8.88 -14.83 -1.67
N PHE A 108 7.65 -14.62 -1.24
CA PHE A 108 6.56 -14.38 -2.16
C PHE A 108 6.26 -12.89 -2.25
N TYR A 109 5.98 -12.40 -3.44
CA TYR A 109 5.64 -11.00 -3.63
C TYR A 109 4.64 -10.83 -4.77
N GLU A 110 3.73 -9.89 -4.60
CA GLU A 110 2.75 -9.56 -5.62
C GLU A 110 2.62 -8.04 -5.73
N GLU A 111 2.55 -7.55 -6.96
CA GLU A 111 2.43 -6.12 -7.20
C GLU A 111 1.18 -5.82 -8.00
N HIS A 112 0.32 -5.00 -7.43
CA HIS A 112 -0.91 -4.60 -8.09
C HIS A 112 -0.94 -3.09 -8.29
N ILE A 113 -1.52 -2.66 -9.39
CA ILE A 113 -1.58 -1.25 -9.72
C ILE A 113 -2.94 -0.67 -9.36
N THR A 114 -2.97 0.13 -8.32
CA THR A 114 -4.19 0.75 -7.87
C THR A 114 -4.31 2.16 -8.42
N GLU A 115 -5.53 2.68 -8.43
CA GLU A 115 -5.77 4.02 -8.94
C GLU A 115 -6.52 4.84 -7.92
N VAL A 116 -6.09 6.08 -7.73
CA VAL A 116 -6.83 7.00 -6.88
C VAL A 116 -7.70 7.90 -7.75
N LYS A 117 -8.85 8.29 -7.24
CA LYS A 117 -9.72 9.19 -7.97
C LYS A 117 -9.95 10.45 -7.14
N ILE A 118 -9.09 11.44 -7.34
CA ILE A 118 -9.23 12.70 -6.63
C ILE A 118 -10.37 13.51 -7.24
N THR A 119 -11.21 14.05 -6.38
CA THR A 119 -12.39 14.78 -6.81
C THR A 119 -12.54 16.04 -5.99
N MET A 1 9.20 -25.41 -10.91
CA MET A 1 7.84 -25.52 -11.49
C MET A 1 6.80 -24.97 -10.53
N SER A 2 6.79 -25.48 -9.30
CA SER A 2 5.90 -24.96 -8.27
C SER A 2 6.49 -23.68 -7.67
N SER A 3 6.64 -22.67 -8.53
CA SER A 3 7.23 -21.41 -8.13
C SER A 3 6.15 -20.37 -7.87
N GLU A 4 4.93 -20.85 -7.69
CA GLU A 4 3.78 -19.99 -7.43
C GLU A 4 3.89 -19.39 -6.04
N PRO A 5 4.06 -18.06 -5.95
CA PRO A 5 4.21 -17.36 -4.69
C PRO A 5 2.87 -16.90 -4.13
N PHE A 6 2.52 -15.66 -4.42
CA PHE A 6 1.27 -15.09 -3.97
C PHE A 6 0.88 -13.95 -4.90
N ILE A 7 -0.37 -13.51 -4.82
CA ILE A 7 -0.82 -12.39 -5.62
C ILE A 7 -1.62 -11.41 -4.78
N VAL A 8 -1.84 -10.23 -5.32
CA VAL A 8 -2.65 -9.22 -4.67
C VAL A 8 -4.10 -9.37 -5.12
N ASN A 9 -5.00 -9.46 -4.17
CA ASN A 9 -6.40 -9.71 -4.46
C ASN A 9 -7.22 -8.46 -4.16
N GLY A 10 -8.52 -8.56 -4.40
CA GLY A 10 -9.41 -7.45 -4.13
C GLY A 10 -9.95 -6.83 -5.40
N LEU A 11 -9.92 -5.51 -5.47
CA LEU A 11 -10.44 -4.79 -6.61
C LEU A 11 -9.31 -4.14 -7.37
N GLU A 12 -9.61 -3.56 -8.53
CA GLU A 12 -8.61 -2.81 -9.29
C GLU A 12 -8.27 -1.53 -8.53
N GLY A 13 -9.25 -1.03 -7.78
CA GLY A 13 -9.02 0.10 -6.91
C GLY A 13 -9.84 1.32 -7.28
N PRO A 14 -11.16 1.29 -7.02
CA PRO A 14 -12.01 2.46 -7.23
C PRO A 14 -11.95 3.41 -6.04
N VAL A 15 -10.73 3.79 -5.67
CA VAL A 15 -10.51 4.61 -4.49
C VAL A 15 -10.82 6.07 -4.77
N LEU A 16 -11.95 6.53 -4.27
CA LEU A 16 -12.32 7.92 -4.37
C LEU A 16 -11.78 8.67 -3.16
N ALA A 17 -11.24 9.85 -3.40
CA ALA A 17 -10.63 10.61 -2.33
C ALA A 17 -11.08 12.07 -2.37
N SER A 18 -10.74 12.80 -1.33
CA SER A 18 -11.12 14.19 -1.21
C SER A 18 -9.87 15.05 -1.14
N LEU A 19 -9.88 16.18 -1.84
CA LEU A 19 -8.76 17.10 -1.79
C LEU A 19 -8.64 17.70 -0.39
N GLY A 20 -7.59 17.32 0.31
CA GLY A 20 -7.43 17.74 1.68
C GLY A 20 -8.25 16.89 2.64
N GLY A 21 -8.84 15.83 2.11
CA GLY A 21 -9.64 14.94 2.93
C GLY A 21 -8.92 13.66 3.27
N ASN A 22 -9.66 12.57 3.39
CA ASN A 22 -9.08 11.29 3.73
C ASN A 22 -9.15 10.34 2.54
N LEU A 23 -8.12 9.51 2.39
CA LEU A 23 -8.10 8.50 1.34
C LEU A 23 -7.79 7.15 1.94
N GLU A 24 -8.71 6.21 1.80
CA GLU A 24 -8.52 4.86 2.29
C GLU A 24 -8.16 3.94 1.14
N LEU A 25 -6.90 3.53 1.09
CA LEU A 25 -6.44 2.58 0.10
C LEU A 25 -6.44 1.19 0.71
N SER A 26 -7.07 0.25 0.03
CA SER A 26 -7.21 -1.09 0.55
C SER A 26 -6.69 -2.11 -0.44
N CYS A 27 -5.74 -2.92 0.00
CA CYS A 27 -5.23 -4.01 -0.82
C CYS A 27 -5.50 -5.33 -0.12
N GLN A 28 -5.88 -6.34 -0.88
CA GLN A 28 -6.20 -7.63 -0.30
C GLN A 28 -5.17 -8.65 -0.73
N LEU A 29 -5.09 -9.74 0.02
CA LEU A 29 -4.12 -10.78 -0.27
C LEU A 29 -4.79 -12.13 -0.35
N SER A 30 -4.25 -13.01 -1.18
CA SER A 30 -4.53 -14.42 -1.09
C SER A 30 -3.48 -15.04 -0.17
N PRO A 31 -3.79 -15.07 1.14
CA PRO A 31 -2.78 -15.27 2.20
C PRO A 31 -2.16 -16.66 2.21
N PRO A 32 -0.84 -16.73 1.94
CA PRO A 32 -0.04 -17.93 2.17
C PRO A 32 0.29 -18.06 3.65
N GLN A 33 0.46 -16.92 4.30
CA GLN A 33 0.71 -16.85 5.73
C GLN A 33 0.06 -15.59 6.30
N GLN A 34 0.31 -15.30 7.57
CA GLN A 34 -0.32 -14.15 8.23
C GLN A 34 0.29 -12.83 7.77
N ALA A 35 1.51 -12.89 7.25
CA ALA A 35 2.22 -11.72 6.72
C ALA A 35 2.32 -10.58 7.73
N GLN A 36 2.27 -10.91 9.02
CA GLN A 36 2.30 -9.91 10.09
C GLN A 36 3.58 -9.07 10.02
N HIS A 37 4.70 -9.73 9.77
CA HIS A 37 6.00 -9.06 9.74
C HIS A 37 6.35 -8.62 8.33
N MET A 38 5.41 -8.79 7.41
CA MET A 38 5.71 -8.62 5.99
C MET A 38 5.71 -7.16 5.56
N GLU A 39 6.08 -6.93 4.30
CA GLU A 39 6.32 -5.60 3.78
C GLU A 39 5.18 -5.15 2.86
N ILE A 40 4.85 -3.87 2.92
CA ILE A 40 3.80 -3.32 2.07
C ILE A 40 4.21 -1.97 1.48
N ARG A 41 3.92 -1.78 0.20
CA ARG A 41 4.03 -0.47 -0.44
C ARG A 41 2.65 -0.05 -0.94
N TRP A 42 2.27 1.19 -0.68
CA TRP A 42 0.95 1.68 -1.06
C TRP A 42 1.02 3.17 -1.35
N PHE A 43 1.84 3.56 -2.32
CA PHE A 43 2.17 4.97 -2.51
C PHE A 43 2.18 5.36 -3.98
N ARG A 44 1.90 6.63 -4.25
CA ARG A 44 1.94 7.13 -5.61
C ARG A 44 3.34 7.66 -5.91
N ASN A 45 4.15 6.80 -6.52
CA ASN A 45 5.49 7.16 -6.92
C ASN A 45 6.03 6.11 -7.88
N LEU A 46 6.49 6.56 -9.04
CA LEU A 46 6.99 5.65 -10.04
C LEU A 46 8.42 6.02 -10.44
N TYR A 47 9.22 4.99 -10.72
CA TYR A 47 10.61 5.14 -11.15
C TYR A 47 11.51 5.53 -9.99
N THR A 48 10.94 5.58 -8.80
CA THR A 48 11.70 5.84 -7.59
C THR A 48 12.35 4.57 -7.08
N GLU A 49 13.50 4.72 -6.44
CA GLU A 49 14.22 3.59 -5.86
C GLU A 49 13.38 2.96 -4.74
N PRO A 50 13.61 1.66 -4.44
CA PRO A 50 12.84 0.93 -3.42
C PRO A 50 13.11 1.39 -1.98
N VAL A 51 13.47 2.67 -1.82
CA VAL A 51 13.70 3.22 -0.50
C VAL A 51 12.44 3.92 0.00
N HIS A 52 11.33 3.20 -0.06
CA HIS A 52 10.04 3.70 0.39
C HIS A 52 9.10 2.54 0.62
N LEU A 53 9.23 1.91 1.78
CA LEU A 53 8.56 0.65 2.03
C LEU A 53 8.19 0.49 3.50
N TYR A 54 7.05 -0.11 3.75
CA TYR A 54 6.55 -0.37 5.09
C TYR A 54 6.97 -1.78 5.51
N ARG A 55 7.83 -1.88 6.52
CA ARG A 55 8.41 -3.17 6.90
C ARG A 55 8.66 -3.23 8.40
N ASP A 56 8.86 -4.44 8.93
CA ASP A 56 9.04 -4.65 10.37
C ASP A 56 7.73 -4.37 11.11
N GLY A 57 6.68 -4.14 10.33
CA GLY A 57 5.38 -3.85 10.90
C GLY A 57 5.08 -2.37 10.96
N LYS A 58 6.07 -1.56 10.61
CA LYS A 58 5.94 -0.10 10.71
C LYS A 58 6.68 0.61 9.57
N ASP A 59 6.61 1.93 9.57
CA ASP A 59 7.36 2.74 8.61
C ASP A 59 8.81 2.87 9.05
N MET A 60 9.67 3.36 8.17
CA MET A 60 11.09 3.44 8.48
C MET A 60 11.65 4.79 8.10
N PHE A 61 12.59 5.29 8.90
CA PHE A 61 13.22 6.58 8.63
C PHE A 61 14.03 6.52 7.34
N GLY A 62 14.44 5.32 6.95
CA GLY A 62 15.17 5.15 5.71
C GLY A 62 14.31 5.42 4.49
N GLU A 63 13.02 5.12 4.60
CA GLU A 63 12.10 5.32 3.49
C GLU A 63 11.38 6.66 3.65
N ILE A 64 11.21 7.08 4.91
CA ILE A 64 10.64 8.37 5.29
C ILE A 64 9.34 8.73 4.54
N ILE A 65 8.24 8.17 5.05
CA ILE A 65 6.90 8.48 4.52
C ILE A 65 6.43 9.83 5.05
N SER A 66 7.19 10.38 5.97
CA SER A 66 6.94 11.71 6.50
C SER A 66 6.98 12.75 5.38
N LYS A 67 7.48 12.35 4.22
CA LYS A 67 7.53 13.22 3.06
C LYS A 67 6.12 13.47 2.52
N TYR A 68 5.23 12.52 2.76
CA TYR A 68 3.86 12.61 2.26
C TYR A 68 3.05 13.60 3.10
N VAL A 69 2.73 13.19 4.32
CA VAL A 69 1.94 14.01 5.23
C VAL A 69 2.25 13.62 6.67
N GLU A 70 1.52 14.21 7.61
CA GLU A 70 1.69 13.89 9.01
C GLU A 70 0.73 12.77 9.42
N ARG A 71 -0.35 12.62 8.66
CA ARG A 71 -1.36 11.63 8.95
C ARG A 71 -1.31 10.48 7.96
N THR A 72 -0.49 9.49 8.29
CA THR A 72 -0.42 8.26 7.53
C THR A 72 -0.87 7.09 8.42
N GLU A 73 -2.14 6.73 8.30
CA GLU A 73 -2.75 5.76 9.20
C GLU A 73 -2.88 4.41 8.52
N LEU A 74 -1.95 3.52 8.81
CA LEU A 74 -1.96 2.20 8.19
C LEU A 74 -2.55 1.16 9.14
N LEU A 75 -3.65 0.57 8.72
CA LEU A 75 -4.26 -0.53 9.45
C LEU A 75 -3.68 -1.85 8.96
N LYS A 76 -2.87 -2.47 9.81
CA LYS A 76 -2.17 -3.69 9.44
C LYS A 76 -2.72 -4.90 10.16
N ASP A 77 -3.58 -4.70 11.15
CA ASP A 77 -4.09 -5.83 11.92
C ASP A 77 -4.97 -6.73 11.07
N GLY A 78 -5.41 -6.20 9.94
CA GLY A 78 -6.16 -6.98 8.97
C GLY A 78 -5.26 -7.91 8.17
N ILE A 79 -3.96 -7.63 8.21
CA ILE A 79 -2.98 -8.36 7.42
C ILE A 79 -3.00 -9.86 7.70
N GLY A 80 -3.39 -10.23 8.92
CA GLY A 80 -3.50 -11.63 9.29
C GLY A 80 -4.55 -12.36 8.49
N GLU A 81 -5.49 -11.61 7.91
CA GLU A 81 -6.53 -12.19 7.06
C GLU A 81 -6.29 -11.80 5.61
N GLY A 82 -5.17 -11.13 5.36
CA GLY A 82 -4.84 -10.68 4.02
C GLY A 82 -5.55 -9.38 3.65
N LYS A 83 -5.58 -8.44 4.59
CA LYS A 83 -6.15 -7.12 4.31
C LYS A 83 -5.23 -6.03 4.83
N VAL A 84 -4.96 -5.03 4.01
CA VAL A 84 -4.19 -3.89 4.47
C VAL A 84 -4.87 -2.59 4.05
N THR A 85 -5.01 -1.67 4.99
CA THR A 85 -5.67 -0.40 4.72
C THR A 85 -4.74 0.76 5.02
N LEU A 86 -4.53 1.63 4.05
CA LEU A 86 -3.74 2.82 4.26
C LEU A 86 -4.62 4.05 4.17
N ARG A 87 -4.80 4.71 5.29
CA ARG A 87 -5.52 5.97 5.32
C ARG A 87 -4.53 7.12 5.26
N ILE A 88 -4.45 7.75 4.11
CA ILE A 88 -3.58 8.90 3.93
C ILE A 88 -4.41 10.18 3.96
N PHE A 89 -3.98 11.15 4.74
CA PHE A 89 -4.71 12.41 4.83
C PHE A 89 -4.13 13.44 3.87
N ASN A 90 -5.02 14.25 3.30
CA ASN A 90 -4.64 15.31 2.37
C ASN A 90 -4.08 14.73 1.07
N VAL A 91 -4.99 14.38 0.17
CA VAL A 91 -4.64 13.85 -1.13
C VAL A 91 -4.60 14.96 -2.16
N THR A 92 -3.51 15.06 -2.90
CA THR A 92 -3.35 16.11 -3.88
C THR A 92 -3.73 15.64 -5.28
N VAL A 93 -3.71 16.55 -6.24
CA VAL A 93 -4.01 16.22 -7.63
C VAL A 93 -2.91 15.35 -8.23
N ASP A 94 -1.76 15.33 -7.57
CA ASP A 94 -0.65 14.48 -8.00
C ASP A 94 -0.91 13.05 -7.52
N ASP A 95 -1.33 12.94 -6.26
CA ASP A 95 -1.66 11.65 -5.66
C ASP A 95 -2.87 11.04 -6.34
N ASP A 96 -3.69 11.89 -6.92
CA ASP A 96 -4.86 11.47 -7.71
C ASP A 96 -4.45 10.53 -8.85
N GLY A 97 -3.17 10.51 -9.18
CA GLY A 97 -2.69 9.63 -10.22
C GLY A 97 -2.67 8.16 -9.82
N SER A 98 -1.85 7.38 -10.49
CA SER A 98 -1.77 5.95 -10.26
C SER A 98 -0.97 5.61 -9.00
N TYR A 99 -1.68 5.21 -7.95
CA TYR A 99 -1.02 4.73 -6.74
C TYR A 99 -0.47 3.34 -7.01
N HIS A 100 0.67 3.03 -6.42
CA HIS A 100 1.25 1.71 -6.59
C HIS A 100 1.18 0.92 -5.30
N CYS A 101 0.40 -0.15 -5.34
CA CYS A 101 0.33 -1.08 -4.23
C CYS A 101 1.24 -2.25 -4.54
N VAL A 102 2.25 -2.43 -3.71
CA VAL A 102 3.21 -3.51 -3.88
C VAL A 102 3.40 -4.24 -2.56
N PHE A 103 2.84 -5.41 -2.43
CA PHE A 103 2.96 -6.16 -1.21
C PHE A 103 4.06 -7.19 -1.32
N LYS A 104 4.83 -7.33 -0.25
CA LYS A 104 5.93 -8.27 -0.23
C LYS A 104 5.74 -9.27 0.91
N ASP A 105 5.34 -10.47 0.57
CA ASP A 105 5.11 -11.53 1.54
C ASP A 105 6.23 -12.55 1.45
N GLY A 106 6.70 -13.01 2.61
CA GLY A 106 7.86 -13.87 2.63
C GLY A 106 9.03 -13.24 1.93
N ASP A 107 9.41 -13.78 0.78
CA ASP A 107 10.45 -13.19 -0.04
C ASP A 107 9.93 -12.84 -1.43
N PHE A 108 8.61 -12.89 -1.60
CA PHE A 108 8.00 -12.60 -2.90
C PHE A 108 7.17 -11.34 -2.84
N TYR A 109 6.91 -10.74 -3.99
CA TYR A 109 6.17 -9.48 -4.03
C TYR A 109 5.20 -9.46 -5.20
N GLU A 110 4.13 -8.67 -5.04
CA GLU A 110 3.14 -8.51 -6.08
C GLU A 110 2.64 -7.06 -6.10
N GLU A 111 2.11 -6.63 -7.22
CA GLU A 111 1.77 -5.22 -7.40
C GLU A 111 0.36 -5.03 -7.99
N HIS A 112 -0.22 -3.89 -7.69
CA HIS A 112 -1.50 -3.49 -8.26
C HIS A 112 -1.50 -1.99 -8.51
N ILE A 113 -1.77 -1.59 -9.74
CA ILE A 113 -1.85 -0.17 -10.08
C ILE A 113 -3.25 0.37 -9.79
N THR A 114 -3.35 1.19 -8.76
CA THR A 114 -4.63 1.70 -8.33
C THR A 114 -4.63 3.23 -8.34
N GLU A 115 -5.25 3.81 -9.36
CA GLU A 115 -5.28 5.26 -9.48
C GLU A 115 -6.41 5.82 -8.63
N VAL A 116 -6.16 6.97 -8.01
CA VAL A 116 -7.11 7.58 -7.10
C VAL A 116 -8.09 8.47 -7.86
N LYS A 117 -9.30 8.60 -7.34
CA LYS A 117 -10.28 9.51 -7.90
C LYS A 117 -10.57 10.65 -6.94
N ILE A 118 -9.85 11.75 -7.07
CA ILE A 118 -10.17 12.93 -6.29
C ILE A 118 -11.46 13.54 -6.83
N THR A 119 -12.45 13.62 -5.97
CA THR A 119 -13.77 14.07 -6.38
C THR A 119 -14.62 14.36 -5.15
N MET A 1 9.90 -26.86 -10.98
CA MET A 1 9.41 -26.11 -12.15
C MET A 1 8.52 -24.95 -11.69
N SER A 2 7.38 -25.28 -11.11
CA SER A 2 6.44 -24.26 -10.64
C SER A 2 7.03 -23.49 -9.46
N SER A 3 7.34 -22.22 -9.68
CA SER A 3 7.96 -21.39 -8.66
C SER A 3 7.03 -20.25 -8.30
N GLU A 4 5.73 -20.48 -8.46
CA GLU A 4 4.72 -19.50 -8.18
C GLU A 4 4.71 -19.11 -6.70
N PRO A 5 4.92 -17.82 -6.42
CA PRO A 5 4.89 -17.30 -5.05
C PRO A 5 3.48 -16.91 -4.62
N PHE A 6 3.33 -15.72 -4.06
CA PHE A 6 2.03 -15.22 -3.66
C PHE A 6 1.55 -14.15 -4.65
N ILE A 7 0.25 -13.92 -4.69
CA ILE A 7 -0.31 -12.89 -5.55
C ILE A 7 -1.27 -11.98 -4.76
N VAL A 8 -1.63 -10.86 -5.38
CA VAL A 8 -2.51 -9.89 -4.75
C VAL A 8 -3.97 -10.20 -5.09
N ASN A 9 -4.86 -9.96 -4.15
CA ASN A 9 -6.27 -10.30 -4.32
C ASN A 9 -7.12 -9.04 -4.36
N GLY A 10 -8.34 -9.16 -4.88
CA GLY A 10 -9.25 -8.04 -4.92
C GLY A 10 -9.22 -7.31 -6.26
N LEU A 11 -9.87 -6.17 -6.31
CA LEU A 11 -9.91 -5.37 -7.52
C LEU A 11 -9.14 -4.09 -7.31
N GLU A 12 -9.01 -3.27 -8.35
CA GLU A 12 -8.25 -2.04 -8.26
C GLU A 12 -8.87 -1.10 -7.22
N GLY A 13 -10.17 -0.88 -7.34
CA GLY A 13 -10.87 -0.02 -6.40
C GLY A 13 -10.52 1.43 -6.58
N PRO A 14 -11.13 2.13 -7.54
CA PRO A 14 -10.91 3.55 -7.75
C PRO A 14 -11.48 4.37 -6.60
N VAL A 15 -10.67 4.61 -5.59
CA VAL A 15 -11.09 5.33 -4.39
C VAL A 15 -11.37 6.79 -4.70
N LEU A 16 -12.56 7.23 -4.37
CA LEU A 16 -12.95 8.60 -4.55
C LEU A 16 -12.59 9.39 -3.31
N ALA A 17 -11.55 10.19 -3.42
CA ALA A 17 -11.05 10.95 -2.29
C ALA A 17 -11.11 12.44 -2.58
N SER A 18 -10.88 13.25 -1.57
CA SER A 18 -10.89 14.69 -1.73
C SER A 18 -9.54 15.25 -1.34
N LEU A 19 -9.10 16.30 -2.01
CA LEU A 19 -7.79 16.86 -1.74
C LEU A 19 -7.72 17.40 -0.32
N GLY A 20 -6.80 16.84 0.46
CA GLY A 20 -6.67 17.24 1.86
C GLY A 20 -7.53 16.39 2.77
N GLY A 21 -8.37 15.53 2.19
CA GLY A 21 -9.25 14.69 2.97
C GLY A 21 -8.59 13.39 3.38
N ASN A 22 -9.35 12.53 4.05
CA ASN A 22 -8.84 11.25 4.51
C ASN A 22 -8.98 10.19 3.43
N LEU A 23 -7.85 9.69 2.96
CA LEU A 23 -7.84 8.68 1.92
C LEU A 23 -7.43 7.33 2.50
N GLU A 24 -8.32 6.35 2.42
CA GLU A 24 -8.01 5.01 2.88
C GLU A 24 -7.67 4.11 1.70
N LEU A 25 -6.41 3.69 1.64
CA LEU A 25 -5.98 2.78 0.59
C LEU A 25 -6.04 1.36 1.11
N SER A 26 -6.69 0.48 0.39
CA SER A 26 -6.88 -0.89 0.83
C SER A 26 -6.29 -1.87 -0.15
N CYS A 27 -5.47 -2.78 0.34
CA CYS A 27 -4.88 -3.81 -0.51
C CYS A 27 -5.17 -5.18 0.10
N GLN A 28 -5.47 -6.15 -0.75
CA GLN A 28 -5.79 -7.48 -0.29
C GLN A 28 -4.79 -8.49 -0.85
N LEU A 29 -4.48 -9.50 -0.06
CA LEU A 29 -3.52 -10.51 -0.46
C LEU A 29 -4.17 -11.88 -0.54
N SER A 30 -3.47 -12.80 -1.19
CA SER A 30 -3.79 -14.21 -1.10
C SER A 30 -2.81 -14.83 -0.12
N PRO A 31 -3.13 -14.77 1.18
CA PRO A 31 -2.17 -14.98 2.27
C PRO A 31 -1.67 -16.41 2.38
N PRO A 32 -0.36 -16.61 2.22
CA PRO A 32 0.30 -17.87 2.52
C PRO A 32 0.44 -18.05 4.02
N GLN A 33 0.62 -16.91 4.70
CA GLN A 33 0.73 -16.87 6.15
C GLN A 33 -0.11 -15.72 6.71
N GLN A 34 0.02 -15.47 8.00
CA GLN A 34 -0.73 -14.39 8.65
C GLN A 34 -0.21 -13.02 8.23
N ALA A 35 0.99 -13.01 7.64
CA ALA A 35 1.59 -11.81 7.04
C ALA A 35 1.77 -10.66 8.04
N GLN A 36 1.72 -10.96 9.32
CA GLN A 36 1.80 -9.94 10.36
C GLN A 36 3.16 -9.23 10.35
N HIS A 37 4.15 -9.91 9.79
CA HIS A 37 5.50 -9.38 9.73
C HIS A 37 5.91 -9.14 8.28
N MET A 38 4.92 -8.96 7.41
CA MET A 38 5.19 -8.76 6.00
C MET A 38 5.46 -7.30 5.68
N GLU A 39 5.91 -7.04 4.47
CA GLU A 39 6.24 -5.69 4.04
C GLU A 39 5.11 -5.12 3.17
N ILE A 40 4.56 -3.99 3.56
CA ILE A 40 3.49 -3.37 2.81
C ILE A 40 3.96 -2.05 2.20
N ARG A 41 3.60 -1.81 0.96
CA ARG A 41 3.93 -0.57 0.29
C ARG A 41 2.70 -0.02 -0.43
N TRP A 42 2.23 1.14 -0.01
CA TRP A 42 1.03 1.73 -0.60
C TRP A 42 1.26 3.23 -0.84
N PHE A 43 2.05 3.56 -1.85
CA PHE A 43 2.50 4.94 -2.03
C PHE A 43 2.71 5.27 -3.51
N ARG A 44 2.90 6.54 -3.81
CA ARG A 44 3.17 6.98 -5.17
C ARG A 44 4.68 7.08 -5.44
N ASN A 45 5.22 6.02 -6.00
CA ASN A 45 6.63 5.97 -6.40
C ASN A 45 6.78 4.90 -7.46
N LEU A 46 7.06 5.32 -8.68
CA LEU A 46 7.00 4.41 -9.82
C LEU A 46 8.18 4.60 -10.77
N TYR A 47 8.53 3.53 -11.47
CA TYR A 47 9.46 3.56 -12.60
C TYR A 47 10.91 3.73 -12.18
N THR A 48 11.27 4.91 -11.71
CA THR A 48 12.66 5.25 -11.44
C THR A 48 13.30 4.31 -10.43
N GLU A 49 12.79 4.31 -9.21
CA GLU A 49 13.36 3.50 -8.15
C GLU A 49 12.27 2.68 -7.46
N PRO A 50 12.61 1.46 -7.01
CA PRO A 50 11.66 0.57 -6.35
C PRO A 50 11.56 0.85 -4.85
N VAL A 51 11.93 2.06 -4.45
CA VAL A 51 11.87 2.47 -3.04
C VAL A 51 10.43 2.58 -2.58
N HIS A 52 10.13 1.92 -1.46
CA HIS A 52 8.79 1.85 -0.91
C HIS A 52 8.87 1.12 0.42
N LEU A 53 8.28 1.65 1.49
CA LEU A 53 8.41 0.98 2.78
C LEU A 53 7.38 1.39 3.82
N TYR A 54 6.53 0.44 4.17
CA TYR A 54 5.78 0.49 5.42
C TYR A 54 5.67 -0.92 5.97
N ARG A 55 6.37 -1.20 7.07
CA ARG A 55 6.46 -2.56 7.57
C ARG A 55 6.17 -2.62 9.06
N ASP A 56 5.17 -3.44 9.40
CA ASP A 56 4.81 -3.70 10.80
C ASP A 56 4.48 -2.42 11.56
N GLY A 57 3.77 -1.51 10.91
CA GLY A 57 3.34 -0.29 11.55
C GLY A 57 4.46 0.73 11.67
N LYS A 58 5.44 0.62 10.80
CA LYS A 58 6.56 1.56 10.82
C LYS A 58 7.06 1.84 9.41
N ASP A 59 7.19 3.12 9.08
CA ASP A 59 7.81 3.54 7.84
C ASP A 59 9.32 3.61 8.00
N MET A 60 10.05 3.64 6.91
CA MET A 60 11.49 3.74 6.97
C MET A 60 11.98 4.94 6.18
N PHE A 61 13.20 5.36 6.45
CA PHE A 61 13.76 6.58 5.89
C PHE A 61 13.84 6.53 4.37
N GLY A 62 13.84 5.32 3.82
CA GLY A 62 13.85 5.16 2.38
C GLY A 62 12.63 5.80 1.73
N GLU A 63 11.46 5.61 2.33
CA GLU A 63 10.23 6.13 1.77
C GLU A 63 9.77 7.37 2.56
N ILE A 64 9.87 7.29 3.88
CA ILE A 64 9.53 8.40 4.77
C ILE A 64 8.06 8.84 4.64
N ILE A 65 7.28 8.56 5.68
CA ILE A 65 5.87 8.94 5.70
C ILE A 65 5.71 10.44 5.89
N SER A 66 6.75 11.08 6.39
CA SER A 66 6.79 12.52 6.54
C SER A 66 6.71 13.20 5.18
N LYS A 67 6.92 12.42 4.12
CA LYS A 67 6.86 12.94 2.77
C LYS A 67 5.41 13.23 2.39
N TYR A 68 4.50 12.51 3.03
CA TYR A 68 3.08 12.73 2.87
C TYR A 68 2.61 13.71 3.93
N VAL A 69 2.68 13.26 5.18
CA VAL A 69 2.29 14.03 6.34
C VAL A 69 2.19 13.10 7.56
N GLU A 70 2.39 13.65 8.75
CA GLU A 70 2.27 12.86 9.97
C GLU A 70 0.81 12.76 10.40
N ARG A 71 0.00 12.20 9.51
CA ARG A 71 -1.40 11.96 9.78
C ARG A 71 -1.81 10.67 9.08
N THR A 72 -1.17 9.59 9.47
CA THR A 72 -1.36 8.31 8.84
C THR A 72 -1.75 7.24 9.85
N GLU A 73 -2.25 6.13 9.36
CA GLU A 73 -2.54 4.97 10.19
C GLU A 73 -2.52 3.71 9.35
N LEU A 74 -1.89 2.66 9.84
CA LEU A 74 -1.81 1.41 9.12
C LEU A 74 -2.70 0.37 9.76
N LEU A 75 -3.92 0.25 9.27
CA LEU A 75 -4.84 -0.75 9.77
C LEU A 75 -4.37 -2.14 9.36
N LYS A 76 -3.89 -2.89 10.34
CA LYS A 76 -3.35 -4.21 10.12
C LYS A 76 -4.31 -5.26 10.63
N ASP A 77 -5.49 -4.81 11.04
CA ASP A 77 -6.49 -5.68 11.65
C ASP A 77 -6.97 -6.73 10.65
N GLY A 78 -6.87 -6.39 9.38
CA GLY A 78 -7.26 -7.30 8.32
C GLY A 78 -6.17 -8.29 7.94
N ILE A 79 -4.93 -8.00 8.34
CA ILE A 79 -3.75 -8.75 7.87
C ILE A 79 -3.89 -10.27 8.06
N GLY A 80 -4.65 -10.69 9.07
CA GLY A 80 -4.82 -12.11 9.32
C GLY A 80 -5.49 -12.81 8.16
N GLU A 81 -6.28 -12.07 7.40
CA GLU A 81 -6.89 -12.58 6.18
C GLU A 81 -6.32 -11.87 4.97
N GLY A 82 -5.21 -11.19 5.17
CA GLY A 82 -4.52 -10.52 4.08
C GLY A 82 -5.18 -9.23 3.65
N LYS A 83 -5.60 -8.42 4.61
CA LYS A 83 -6.18 -7.11 4.29
C LYS A 83 -5.42 -6.00 4.99
N VAL A 84 -5.08 -4.94 4.27
CA VAL A 84 -4.43 -3.80 4.88
C VAL A 84 -5.12 -2.51 4.46
N THR A 85 -5.27 -1.59 5.42
CA THR A 85 -5.90 -0.32 5.13
C THR A 85 -5.00 0.84 5.58
N LEU A 86 -4.40 1.52 4.62
CA LEU A 86 -3.53 2.64 4.91
C LEU A 86 -4.34 3.93 4.93
N ARG A 87 -4.54 4.46 6.12
CA ARG A 87 -5.25 5.71 6.31
C ARG A 87 -4.31 6.89 6.13
N ILE A 88 -4.44 7.58 5.02
CA ILE A 88 -3.60 8.74 4.75
C ILE A 88 -4.44 10.00 4.67
N PHE A 89 -4.27 10.88 5.64
CA PHE A 89 -4.94 12.17 5.61
C PHE A 89 -4.15 13.12 4.71
N ASN A 90 -4.87 13.87 3.88
CA ASN A 90 -4.28 14.88 3.01
C ASN A 90 -3.63 14.25 1.77
N VAL A 91 -4.46 13.83 0.82
CA VAL A 91 -3.98 13.34 -0.47
C VAL A 91 -3.62 14.52 -1.36
N THR A 92 -2.63 14.34 -2.23
CA THR A 92 -2.12 15.45 -3.04
C THR A 92 -2.42 15.26 -4.53
N VAL A 93 -2.29 16.34 -5.29
CA VAL A 93 -2.53 16.32 -6.73
C VAL A 93 -1.49 15.44 -7.45
N ASP A 94 -0.32 15.31 -6.85
CA ASP A 94 0.71 14.43 -7.41
C ASP A 94 0.32 12.98 -7.18
N ASP A 95 -0.33 12.73 -6.05
CA ASP A 95 -0.80 11.40 -5.70
C ASP A 95 -2.08 11.07 -6.44
N ASP A 96 -2.74 12.11 -6.93
CA ASP A 96 -3.99 11.99 -7.69
C ASP A 96 -3.87 11.05 -8.89
N GLY A 97 -2.64 10.74 -9.29
CA GLY A 97 -2.42 9.83 -10.39
C GLY A 97 -2.54 8.37 -9.96
N SER A 98 -1.56 7.57 -10.35
CA SER A 98 -1.57 6.15 -10.08
C SER A 98 -0.80 5.82 -8.80
N TYR A 99 -1.49 5.20 -7.85
CA TYR A 99 -0.88 4.75 -6.62
C TYR A 99 -0.32 3.35 -6.81
N HIS A 100 0.82 3.06 -6.19
CA HIS A 100 1.43 1.74 -6.35
C HIS A 100 1.43 0.98 -5.04
N CYS A 101 0.75 -0.15 -5.06
CA CYS A 101 0.71 -1.07 -3.94
C CYS A 101 1.68 -2.22 -4.21
N VAL A 102 2.65 -2.38 -3.33
CA VAL A 102 3.60 -3.47 -3.44
C VAL A 102 3.64 -4.22 -2.12
N PHE A 103 3.34 -5.51 -2.16
CA PHE A 103 3.32 -6.31 -0.96
C PHE A 103 4.39 -7.37 -1.03
N LYS A 104 5.08 -7.56 0.08
CA LYS A 104 6.16 -8.53 0.15
C LYS A 104 5.90 -9.57 1.22
N ASP A 105 5.67 -10.79 0.78
CA ASP A 105 5.49 -11.92 1.68
C ASP A 105 6.78 -12.73 1.71
N GLY A 106 7.45 -12.71 2.85
CA GLY A 106 8.76 -13.33 2.91
C GLY A 106 9.78 -12.55 2.12
N ASP A 107 10.17 -13.08 0.96
CA ASP A 107 11.11 -12.38 0.09
C ASP A 107 10.51 -12.08 -1.28
N PHE A 108 9.32 -12.63 -1.56
CA PHE A 108 8.69 -12.40 -2.86
C PHE A 108 7.63 -11.33 -2.75
N TYR A 109 7.42 -10.58 -3.83
CA TYR A 109 6.53 -9.45 -3.81
C TYR A 109 5.59 -9.43 -5.01
N GLU A 110 4.42 -8.84 -4.82
CA GLU A 110 3.47 -8.63 -5.89
C GLU A 110 3.05 -7.16 -5.89
N GLU A 111 2.57 -6.68 -7.03
CA GLU A 111 2.27 -5.26 -7.16
C GLU A 111 0.91 -5.01 -7.80
N HIS A 112 0.23 -3.99 -7.29
CA HIS A 112 -1.07 -3.57 -7.80
C HIS A 112 -1.03 -2.07 -8.08
N ILE A 113 -1.53 -1.66 -9.23
CA ILE A 113 -1.52 -0.25 -9.60
C ILE A 113 -2.94 0.31 -9.60
N THR A 114 -3.24 1.14 -8.61
CA THR A 114 -4.56 1.70 -8.47
C THR A 114 -4.52 3.21 -8.59
N GLU A 115 -5.20 3.74 -9.59
CA GLU A 115 -5.31 5.20 -9.75
C GLU A 115 -6.35 5.73 -8.75
N VAL A 116 -6.02 6.81 -8.08
CA VAL A 116 -6.94 7.41 -7.13
C VAL A 116 -7.76 8.50 -7.82
N LYS A 117 -8.97 8.70 -7.36
CA LYS A 117 -9.85 9.68 -7.97
C LYS A 117 -10.13 10.83 -7.00
N ILE A 118 -9.37 11.89 -7.13
CA ILE A 118 -9.62 13.08 -6.33
C ILE A 118 -10.82 13.82 -6.90
N THR A 119 -11.85 13.93 -6.09
CA THR A 119 -13.11 14.51 -6.53
C THR A 119 -13.51 15.68 -5.63
N MET A 1 4.79 -13.00 -12.03
CA MET A 1 4.45 -14.23 -12.78
C MET A 1 3.57 -15.15 -11.93
N SER A 2 2.64 -15.84 -12.58
CA SER A 2 1.69 -16.69 -11.88
C SER A 2 2.31 -18.04 -11.50
N SER A 3 3.42 -17.99 -10.78
CA SER A 3 4.09 -19.19 -10.29
C SER A 3 4.46 -19.03 -8.82
N GLU A 4 3.93 -17.99 -8.21
CA GLU A 4 4.24 -17.67 -6.82
C GLU A 4 3.30 -18.41 -5.88
N PRO A 5 3.79 -18.76 -4.68
CA PRO A 5 2.99 -19.44 -3.66
C PRO A 5 1.95 -18.51 -3.04
N PHE A 6 2.12 -17.22 -3.27
CA PHE A 6 1.20 -16.21 -2.75
C PHE A 6 1.04 -15.09 -3.77
N ILE A 7 -0.18 -14.58 -3.89
CA ILE A 7 -0.47 -13.53 -4.86
C ILE A 7 -1.39 -12.47 -4.27
N VAL A 8 -1.69 -11.46 -5.08
CA VAL A 8 -2.63 -10.42 -4.69
C VAL A 8 -3.94 -10.61 -5.45
N ASN A 9 -5.05 -10.30 -4.81
CA ASN A 9 -6.36 -10.45 -5.45
C ASN A 9 -6.59 -9.34 -6.46
N GLY A 10 -7.25 -9.67 -7.56
CA GLY A 10 -7.47 -8.69 -8.61
C GLY A 10 -8.69 -7.83 -8.37
N LEU A 11 -8.67 -7.08 -7.27
CA LEU A 11 -9.77 -6.20 -6.93
C LEU A 11 -9.23 -4.85 -6.47
N GLU A 12 -9.44 -3.83 -7.28
CA GLU A 12 -8.92 -2.50 -6.98
C GLU A 12 -9.78 -1.83 -5.92
N GLY A 13 -11.10 -1.85 -6.16
CA GLY A 13 -12.00 -1.12 -5.30
C GLY A 13 -11.93 0.37 -5.57
N PRO A 14 -12.79 0.87 -6.49
CA PRO A 14 -12.78 2.27 -6.93
C PRO A 14 -12.75 3.26 -5.77
N VAL A 15 -11.55 3.71 -5.44
CA VAL A 15 -11.37 4.65 -4.34
C VAL A 15 -11.65 6.07 -4.78
N LEU A 16 -12.87 6.52 -4.51
CA LEU A 16 -13.25 7.89 -4.80
C LEU A 16 -12.85 8.79 -3.64
N ALA A 17 -11.76 9.52 -3.82
CA ALA A 17 -11.21 10.33 -2.76
C ALA A 17 -11.37 11.81 -3.10
N SER A 18 -11.08 12.67 -2.15
CA SER A 18 -11.17 14.10 -2.36
C SER A 18 -9.90 14.77 -1.89
N LEU A 19 -9.46 15.78 -2.63
CA LEU A 19 -8.20 16.46 -2.37
C LEU A 19 -8.20 17.05 -0.97
N GLY A 20 -7.15 16.74 -0.21
CA GLY A 20 -7.02 17.28 1.13
C GLY A 20 -7.64 16.39 2.19
N GLY A 21 -8.60 15.57 1.78
CA GLY A 21 -9.26 14.70 2.73
C GLY A 21 -8.48 13.42 2.98
N ASN A 22 -8.95 12.61 3.90
CA ASN A 22 -8.28 11.35 4.22
C ASN A 22 -8.59 10.30 3.16
N LEU A 23 -7.58 9.54 2.79
CA LEU A 23 -7.71 8.50 1.78
C LEU A 23 -7.40 7.15 2.40
N GLU A 24 -8.35 6.23 2.33
CA GLU A 24 -8.11 4.88 2.79
C GLU A 24 -7.88 3.97 1.59
N LEU A 25 -6.64 3.54 1.43
CA LEU A 25 -6.27 2.73 0.27
C LEU A 25 -6.31 1.26 0.64
N SER A 26 -7.02 0.49 -0.18
CA SER A 26 -7.25 -0.92 0.10
C SER A 26 -6.47 -1.82 -0.84
N CYS A 27 -5.76 -2.78 -0.27
CA CYS A 27 -5.15 -3.85 -1.04
C CYS A 27 -5.34 -5.16 -0.29
N GLN A 28 -5.63 -6.22 -1.01
CA GLN A 28 -5.94 -7.50 -0.40
C GLN A 28 -5.05 -8.61 -0.94
N LEU A 29 -4.48 -9.37 -0.03
CA LEU A 29 -3.49 -10.38 -0.37
C LEU A 29 -4.05 -11.77 -0.15
N SER A 30 -3.38 -12.76 -0.71
CA SER A 30 -3.67 -14.15 -0.40
C SER A 30 -2.39 -14.84 0.07
N PRO A 31 -1.95 -14.53 1.31
CA PRO A 31 -0.70 -15.01 1.86
C PRO A 31 -0.85 -16.32 2.64
N PRO A 32 0.25 -17.09 2.74
CA PRO A 32 0.28 -18.33 3.52
C PRO A 32 0.75 -18.10 4.95
N GLN A 33 0.76 -16.84 5.36
CA GLN A 33 1.15 -16.47 6.70
C GLN A 33 0.20 -15.42 7.25
N GLN A 34 0.51 -14.87 8.42
CA GLN A 34 -0.28 -13.78 8.99
C GLN A 34 0.21 -12.44 8.48
N ALA A 35 1.42 -12.45 7.92
CA ALA A 35 2.02 -11.28 7.26
C ALA A 35 2.19 -10.09 8.20
N GLN A 36 2.05 -10.33 9.50
CA GLN A 36 2.05 -9.26 10.51
C GLN A 36 3.30 -8.41 10.44
N HIS A 37 4.44 -9.06 10.24
CA HIS A 37 5.71 -8.35 10.18
C HIS A 37 6.34 -8.48 8.78
N MET A 38 5.50 -8.78 7.79
CA MET A 38 5.99 -8.99 6.43
C MET A 38 6.39 -7.67 5.78
N GLU A 39 6.71 -7.70 4.51
CA GLU A 39 7.13 -6.49 3.81
C GLU A 39 6.02 -5.98 2.93
N ILE A 40 5.54 -4.78 3.20
CA ILE A 40 4.43 -4.24 2.44
C ILE A 40 4.75 -2.85 1.88
N ARG A 41 4.61 -2.74 0.56
CA ARG A 41 4.69 -1.46 -0.11
C ARG A 41 3.27 -1.02 -0.46
N TRP A 42 2.94 0.23 -0.17
CA TRP A 42 1.60 0.74 -0.43
C TRP A 42 1.68 2.20 -0.85
N PHE A 43 2.39 2.47 -1.94
CA PHE A 43 2.69 3.85 -2.30
C PHE A 43 2.64 4.07 -3.80
N ARG A 44 2.46 5.32 -4.18
CA ARG A 44 2.69 5.74 -5.55
C ARG A 44 3.32 7.12 -5.50
N ASN A 45 4.58 7.17 -5.87
CA ASN A 45 5.34 8.39 -5.98
C ASN A 45 6.61 8.10 -6.76
N LEU A 46 6.67 8.57 -7.99
CA LEU A 46 7.72 8.14 -8.90
C LEU A 46 8.87 9.14 -8.96
N TYR A 47 10.02 8.70 -8.47
CA TYR A 47 11.25 9.46 -8.52
C TYR A 47 12.41 8.56 -8.12
N THR A 48 13.50 9.15 -7.63
CA THR A 48 14.68 8.38 -7.25
C THR A 48 14.48 7.66 -5.91
N GLU A 49 13.53 6.73 -5.89
CA GLU A 49 13.23 5.90 -4.72
C GLU A 49 12.98 6.74 -3.47
N PRO A 50 11.83 7.46 -3.42
CA PRO A 50 11.43 8.24 -2.25
C PRO A 50 10.85 7.34 -1.15
N VAL A 51 9.53 7.25 -1.07
CA VAL A 51 8.87 6.33 -0.15
C VAL A 51 9.21 4.91 -0.55
N HIS A 52 9.37 4.02 0.43
CA HIS A 52 9.92 2.72 0.17
C HIS A 52 8.97 1.60 0.55
N LEU A 53 8.99 1.19 1.81
CA LEU A 53 8.22 0.04 2.24
C LEU A 53 8.11 -0.03 3.75
N TYR A 54 7.00 -0.59 4.20
CA TYR A 54 6.76 -0.83 5.62
C TYR A 54 7.17 -2.26 5.95
N ARG A 55 8.14 -2.43 6.83
CA ARG A 55 8.67 -3.76 7.10
C ARG A 55 8.78 -4.02 8.60
N ASP A 56 8.39 -5.23 9.01
CA ASP A 56 8.50 -5.67 10.41
C ASP A 56 7.63 -4.82 11.32
N GLY A 57 6.69 -4.11 10.73
CA GLY A 57 5.82 -3.23 11.50
C GLY A 57 6.45 -1.88 11.76
N LYS A 58 7.50 -1.56 11.02
CA LYS A 58 8.19 -0.28 11.20
C LYS A 58 8.52 0.33 9.84
N ASP A 59 8.42 1.65 9.77
CA ASP A 59 8.83 2.39 8.59
C ASP A 59 10.33 2.69 8.66
N MET A 60 11.02 2.53 7.54
CA MET A 60 12.46 2.70 7.51
C MET A 60 12.84 4.18 7.38
N PHE A 61 14.03 4.53 7.82
CA PHE A 61 14.53 5.90 7.71
C PHE A 61 14.54 6.34 6.25
N GLY A 62 14.93 5.44 5.36
CA GLY A 62 14.96 5.73 3.94
C GLY A 62 13.59 5.63 3.30
N GLU A 63 12.57 5.33 4.10
CA GLU A 63 11.22 5.23 3.59
C GLU A 63 10.40 6.45 4.02
N ILE A 64 10.57 6.82 5.31
CA ILE A 64 9.86 7.94 5.95
C ILE A 64 8.48 8.21 5.31
N ILE A 65 7.48 7.47 5.77
CA ILE A 65 6.13 7.54 5.24
C ILE A 65 5.48 8.92 5.42
N SER A 66 6.12 9.75 6.23
CA SER A 66 5.71 11.13 6.42
C SER A 66 5.91 11.93 5.13
N LYS A 67 6.64 11.33 4.17
CA LYS A 67 6.99 12.00 2.92
C LYS A 67 5.76 12.42 2.10
N TYR A 68 4.59 11.89 2.46
CA TYR A 68 3.36 12.25 1.76
C TYR A 68 2.85 13.61 2.23
N VAL A 69 3.66 14.29 3.05
CA VAL A 69 3.38 15.65 3.52
C VAL A 69 2.07 15.72 4.30
N GLU A 70 1.76 14.65 5.03
CA GLU A 70 0.56 14.59 5.85
C GLU A 70 0.58 13.35 6.73
N ARG A 71 -0.57 13.01 7.28
CA ARG A 71 -0.70 11.85 8.16
C ARG A 71 -0.77 10.55 7.35
N THR A 72 -0.15 9.51 7.86
CA THR A 72 -0.14 8.21 7.21
C THR A 72 -0.33 7.08 8.23
N GLU A 73 -1.52 6.51 8.27
CA GLU A 73 -1.84 5.46 9.23
C GLU A 73 -2.12 4.15 8.51
N LEU A 74 -1.22 3.20 8.62
CA LEU A 74 -1.41 1.90 7.99
C LEU A 74 -2.24 0.98 8.87
N LEU A 75 -3.46 0.71 8.45
CA LEU A 75 -4.33 -0.22 9.15
C LEU A 75 -3.94 -1.64 8.80
N LYS A 76 -3.29 -2.30 9.74
CA LYS A 76 -2.83 -3.68 9.55
C LYS A 76 -3.77 -4.63 10.29
N ASP A 77 -4.88 -4.09 10.75
CA ASP A 77 -5.90 -4.87 11.46
C ASP A 77 -6.44 -5.98 10.55
N GLY A 78 -6.38 -5.73 9.27
CA GLY A 78 -6.82 -6.69 8.27
C GLY A 78 -5.76 -7.71 7.92
N ILE A 79 -4.50 -7.43 8.25
CA ILE A 79 -3.36 -8.22 7.80
C ILE A 79 -3.50 -9.71 8.11
N GLY A 80 -4.14 -10.04 9.24
CA GLY A 80 -4.32 -11.44 9.60
C GLY A 80 -5.31 -12.13 8.70
N GLU A 81 -6.02 -11.34 7.90
CA GLU A 81 -6.96 -11.85 6.92
C GLU A 81 -6.47 -11.53 5.51
N GLY A 82 -5.26 -10.97 5.42
CA GLY A 82 -4.68 -10.59 4.16
C GLY A 82 -5.29 -9.33 3.60
N LYS A 83 -5.50 -8.33 4.44
CA LYS A 83 -6.02 -7.05 3.98
C LYS A 83 -5.24 -5.90 4.61
N VAL A 84 -4.84 -4.93 3.78
CA VAL A 84 -4.12 -3.76 4.29
C VAL A 84 -4.79 -2.48 3.83
N THR A 85 -4.97 -1.56 4.76
CA THR A 85 -5.62 -0.29 4.45
C THR A 85 -4.75 0.89 4.87
N LEU A 86 -4.13 1.56 3.92
CA LEU A 86 -3.27 2.68 4.24
C LEU A 86 -4.06 3.98 4.23
N ARG A 87 -4.09 4.63 5.38
CA ARG A 87 -4.72 5.93 5.52
C ARG A 87 -3.73 7.02 5.17
N ILE A 88 -3.91 7.62 4.01
CA ILE A 88 -3.07 8.72 3.58
C ILE A 88 -3.89 10.01 3.57
N PHE A 89 -3.45 10.99 4.33
CA PHE A 89 -4.14 12.27 4.35
C PHE A 89 -3.69 13.12 3.17
N ASN A 90 -4.66 13.77 2.52
CA ASN A 90 -4.39 14.68 1.39
C ASN A 90 -3.88 13.91 0.17
N VAL A 91 -4.81 13.52 -0.69
CA VAL A 91 -4.45 12.90 -1.96
C VAL A 91 -4.04 13.97 -2.96
N THR A 92 -2.81 13.87 -3.45
CA THR A 92 -2.27 14.87 -4.35
C THR A 92 -2.65 14.60 -5.80
N VAL A 93 -2.77 15.66 -6.59
CA VAL A 93 -3.17 15.54 -7.99
C VAL A 93 -2.07 14.85 -8.81
N ASP A 94 -0.85 14.89 -8.30
CA ASP A 94 0.27 14.21 -8.96
C ASP A 94 0.19 12.71 -8.69
N ASP A 95 -0.26 12.36 -7.49
CA ASP A 95 -0.34 10.97 -7.06
C ASP A 95 -1.77 10.44 -7.23
N ASP A 96 -2.63 11.28 -7.80
CA ASP A 96 -4.02 10.92 -8.11
C ASP A 96 -4.13 9.75 -9.10
N GLY A 97 -3.01 9.27 -9.60
CA GLY A 97 -3.02 8.14 -10.52
C GLY A 97 -3.26 6.81 -9.83
N SER A 98 -2.48 5.81 -10.18
CA SER A 98 -2.64 4.48 -9.61
C SER A 98 -1.58 4.21 -8.54
N TYR A 99 -2.04 3.80 -7.37
CA TYR A 99 -1.15 3.46 -6.28
C TYR A 99 -0.64 2.04 -6.44
N HIS A 100 0.55 1.76 -5.93
CA HIS A 100 1.15 0.44 -6.07
C HIS A 100 1.33 -0.22 -4.70
N CYS A 101 0.55 -1.25 -4.44
CA CYS A 101 0.76 -2.07 -3.27
C CYS A 101 1.54 -3.31 -3.66
N VAL A 102 2.73 -3.45 -3.10
CA VAL A 102 3.59 -4.59 -3.38
C VAL A 102 3.84 -5.35 -2.09
N PHE A 103 3.22 -6.51 -1.97
CA PHE A 103 3.33 -7.28 -0.75
C PHE A 103 4.35 -8.39 -0.89
N LYS A 104 5.22 -8.52 0.10
CA LYS A 104 6.23 -9.56 0.12
C LYS A 104 6.05 -10.43 1.35
N ASP A 105 5.64 -11.67 1.13
CA ASP A 105 5.56 -12.66 2.19
C ASP A 105 6.86 -13.44 2.23
N GLY A 106 7.91 -12.78 2.69
CA GLY A 106 9.22 -13.39 2.73
C GLY A 106 9.90 -13.35 1.37
N ASP A 107 9.80 -14.46 0.64
CA ASP A 107 10.48 -14.57 -0.65
C ASP A 107 9.55 -14.27 -1.81
N PHE A 108 8.27 -14.49 -1.60
CA PHE A 108 7.29 -14.28 -2.65
C PHE A 108 6.68 -12.89 -2.54
N TYR A 109 6.42 -12.27 -3.68
CA TYR A 109 5.89 -10.92 -3.69
C TYR A 109 4.95 -10.73 -4.88
N GLU A 110 3.98 -9.85 -4.72
CA GLU A 110 3.06 -9.52 -5.80
C GLU A 110 2.64 -8.07 -5.70
N GLU A 111 2.47 -7.41 -6.83
CA GLU A 111 2.11 -6.01 -6.84
C GLU A 111 0.70 -5.82 -7.39
N HIS A 112 0.00 -4.84 -6.85
CA HIS A 112 -1.34 -4.50 -7.30
C HIS A 112 -1.43 -3.00 -7.55
N ILE A 113 -2.10 -2.62 -8.63
CA ILE A 113 -2.28 -1.22 -8.97
C ILE A 113 -3.68 -0.77 -8.64
N THR A 114 -3.82 0.03 -7.59
CA THR A 114 -5.10 0.55 -7.18
C THR A 114 -5.26 1.99 -7.67
N GLU A 115 -6.12 2.19 -8.67
CA GLU A 115 -6.34 3.51 -9.24
C GLU A 115 -7.20 4.36 -8.31
N VAL A 116 -6.69 5.51 -7.92
CA VAL A 116 -7.47 6.43 -7.09
C VAL A 116 -8.12 7.49 -7.97
N LYS A 117 -9.26 8.00 -7.54
CA LYS A 117 -9.96 9.00 -8.33
C LYS A 117 -10.29 10.21 -7.45
N ILE A 118 -9.63 11.33 -7.70
CA ILE A 118 -9.90 12.55 -6.96
C ILE A 118 -11.19 13.20 -7.44
N THR A 119 -12.24 13.01 -6.66
CA THR A 119 -13.54 13.56 -6.98
C THR A 119 -13.79 14.80 -6.13
N MET A 1 2.45 -24.36 -14.67
CA MET A 1 1.31 -24.35 -13.74
C MET A 1 1.81 -24.29 -12.30
N SER A 2 1.03 -23.62 -11.44
CA SER A 2 1.40 -23.42 -10.04
C SER A 2 2.81 -22.83 -9.92
N SER A 3 2.95 -21.56 -10.25
CA SER A 3 4.26 -20.94 -10.32
C SER A 3 4.40 -19.87 -9.26
N GLU A 4 3.27 -19.29 -8.86
CA GLU A 4 3.25 -18.18 -7.94
C GLU A 4 2.78 -18.62 -6.57
N PRO A 5 3.65 -18.52 -5.55
CA PRO A 5 3.32 -18.90 -4.18
C PRO A 5 2.64 -17.78 -3.41
N PHE A 6 2.50 -16.64 -4.05
CA PHE A 6 1.89 -15.47 -3.43
C PHE A 6 1.28 -14.57 -4.50
N ILE A 7 0.07 -14.07 -4.26
CA ILE A 7 -0.62 -13.23 -5.23
C ILE A 7 -1.43 -12.13 -4.57
N VAL A 8 -1.83 -11.17 -5.39
CA VAL A 8 -2.77 -10.13 -4.98
C VAL A 8 -4.16 -10.51 -5.45
N ASN A 9 -5.18 -10.10 -4.70
CA ASN A 9 -6.56 -10.34 -5.10
C ASN A 9 -6.88 -9.54 -6.37
N GLY A 10 -7.80 -10.06 -7.18
CA GLY A 10 -8.09 -9.45 -8.46
C GLY A 10 -8.96 -8.21 -8.35
N LEU A 11 -8.44 -7.19 -7.70
CA LEU A 11 -9.11 -5.90 -7.60
C LEU A 11 -8.10 -4.77 -7.76
N GLU A 12 -8.42 -3.81 -8.61
CA GLU A 12 -7.53 -2.68 -8.84
C GLU A 12 -7.77 -1.59 -7.80
N GLY A 13 -9.01 -1.48 -7.35
CA GLY A 13 -9.33 -0.56 -6.29
C GLY A 13 -9.61 0.84 -6.79
N PRO A 14 -10.87 1.16 -7.12
CA PRO A 14 -11.27 2.51 -7.50
C PRO A 14 -11.39 3.41 -6.26
N VAL A 15 -10.26 3.91 -5.80
CA VAL A 15 -10.23 4.72 -4.58
C VAL A 15 -10.65 6.15 -4.88
N LEU A 16 -11.93 6.42 -4.72
CA LEU A 16 -12.45 7.77 -4.89
C LEU A 16 -12.39 8.52 -3.56
N ALA A 17 -11.50 9.49 -3.48
CA ALA A 17 -11.30 10.23 -2.25
C ALA A 17 -11.58 11.71 -2.48
N SER A 18 -11.58 12.48 -1.41
CA SER A 18 -11.89 13.89 -1.50
C SER A 18 -10.60 14.66 -1.65
N LEU A 19 -10.57 15.58 -2.59
CA LEU A 19 -9.38 16.38 -2.80
C LEU A 19 -9.13 17.28 -1.59
N GLY A 20 -8.07 16.98 -0.86
CA GLY A 20 -7.79 17.68 0.37
C GLY A 20 -8.52 17.07 1.54
N GLY A 21 -9.08 15.88 1.33
CA GLY A 21 -9.80 15.19 2.39
C GLY A 21 -9.14 13.87 2.74
N ASN A 22 -9.93 12.93 3.22
CA ASN A 22 -9.40 11.63 3.63
C ASN A 22 -9.34 10.65 2.47
N LEU A 23 -8.21 9.96 2.35
CA LEU A 23 -8.03 8.94 1.34
C LEU A 23 -7.75 7.60 2.01
N GLU A 24 -8.66 6.65 1.85
CA GLU A 24 -8.48 5.33 2.44
C GLU A 24 -8.17 4.30 1.37
N LEU A 25 -6.93 3.82 1.39
CA LEU A 25 -6.49 2.81 0.43
C LEU A 25 -6.60 1.42 1.04
N SER A 26 -7.22 0.52 0.32
CA SER A 26 -7.40 -0.85 0.81
C SER A 26 -6.83 -1.84 -0.20
N CYS A 27 -5.88 -2.65 0.25
CA CYS A 27 -5.32 -3.69 -0.60
C CYS A 27 -5.58 -5.06 0.02
N GLN A 28 -5.90 -6.03 -0.83
CA GLN A 28 -6.17 -7.38 -0.36
C GLN A 28 -5.19 -8.35 -1.00
N LEU A 29 -4.57 -9.18 -0.17
CA LEU A 29 -3.58 -10.13 -0.62
C LEU A 29 -4.05 -11.55 -0.34
N SER A 30 -3.40 -12.51 -0.98
CA SER A 30 -3.64 -13.92 -0.68
C SER A 30 -2.33 -14.58 -0.22
N PRO A 31 -1.87 -14.25 1.00
CA PRO A 31 -0.58 -14.68 1.51
C PRO A 31 -0.64 -16.02 2.24
N PRO A 32 0.49 -16.74 2.28
CA PRO A 32 0.60 -18.01 3.01
C PRO A 32 0.59 -17.80 4.52
N GLN A 33 0.99 -16.61 4.95
CA GLN A 33 1.04 -16.28 6.37
C GLN A 33 0.44 -14.90 6.60
N GLN A 34 0.54 -14.40 7.83
CA GLN A 34 -0.01 -13.08 8.15
C GLN A 34 0.93 -11.98 7.69
N ALA A 35 2.20 -12.33 7.54
CA ALA A 35 3.22 -11.39 7.05
C ALA A 35 3.27 -10.12 7.90
N GLN A 36 2.98 -10.27 9.19
CA GLN A 36 2.88 -9.13 10.11
C GLN A 36 4.17 -8.32 10.14
N HIS A 37 5.29 -8.99 9.96
CA HIS A 37 6.59 -8.32 9.97
C HIS A 37 7.27 -8.39 8.62
N MET A 38 6.46 -8.45 7.56
CA MET A 38 7.01 -8.51 6.20
C MET A 38 7.13 -7.11 5.63
N GLU A 39 7.32 -7.03 4.32
CA GLU A 39 7.49 -5.73 3.69
C GLU A 39 6.27 -5.37 2.85
N ILE A 40 5.71 -4.19 3.11
CA ILE A 40 4.55 -3.73 2.37
C ILE A 40 4.80 -2.35 1.78
N ARG A 41 4.22 -2.10 0.63
CA ARG A 41 4.33 -0.80 -0.01
C ARG A 41 2.94 -0.35 -0.46
N TRP A 42 2.49 0.75 0.10
CA TRP A 42 1.15 1.28 -0.20
C TRP A 42 1.26 2.77 -0.50
N PHE A 43 2.05 3.11 -1.51
CA PHE A 43 2.40 4.51 -1.72
C PHE A 43 2.38 4.89 -3.19
N ARG A 44 2.09 6.14 -3.48
CA ARG A 44 2.14 6.65 -4.85
C ARG A 44 3.59 6.72 -5.29
N ASN A 45 4.03 5.70 -5.99
CA ASN A 45 5.42 5.61 -6.42
C ASN A 45 5.49 5.30 -7.90
N LEU A 46 6.20 6.14 -8.63
CA LEU A 46 6.39 5.95 -10.05
C LEU A 46 7.55 5.00 -10.30
N TYR A 47 7.31 3.98 -11.13
CA TYR A 47 8.32 2.97 -11.46
C TYR A 47 8.68 2.16 -10.22
N THR A 48 9.88 2.38 -9.70
CA THR A 48 10.32 1.68 -8.50
C THR A 48 11.36 2.53 -7.75
N GLU A 49 11.01 2.97 -6.56
CA GLU A 49 11.96 3.69 -5.71
C GLU A 49 12.25 2.87 -4.45
N PRO A 50 13.54 2.58 -4.20
CA PRO A 50 13.96 1.71 -3.09
C PRO A 50 13.59 2.27 -1.72
N VAL A 51 13.81 3.56 -1.51
CA VAL A 51 13.67 4.16 -0.19
C VAL A 51 12.24 4.65 0.04
N HIS A 52 11.34 3.69 0.23
CA HIS A 52 9.95 3.97 0.59
C HIS A 52 9.19 2.66 0.72
N LEU A 53 8.89 2.26 1.96
CA LEU A 53 8.30 0.95 2.23
C LEU A 53 8.04 0.76 3.72
N TYR A 54 7.04 -0.04 4.03
CA TYR A 54 6.72 -0.43 5.39
C TYR A 54 7.38 -1.78 5.67
N ARG A 55 8.29 -1.81 6.63
CA ARG A 55 9.09 -3.01 6.85
C ARG A 55 9.03 -3.44 8.29
N ASP A 56 9.01 -4.76 8.52
CA ASP A 56 8.99 -5.33 9.87
C ASP A 56 7.69 -5.01 10.57
N GLY A 57 6.69 -4.62 9.80
CA GLY A 57 5.42 -4.21 10.38
C GLY A 57 5.49 -2.81 10.96
N LYS A 58 6.55 -2.08 10.62
CA LYS A 58 6.75 -0.75 11.14
C LYS A 58 7.28 0.20 10.06
N ASP A 59 7.43 1.45 10.44
CA ASP A 59 7.93 2.49 9.55
C ASP A 59 9.43 2.68 9.74
N MET A 60 10.05 3.44 8.85
CA MET A 60 11.48 3.66 8.93
C MET A 60 11.81 5.15 8.79
N PHE A 61 12.76 5.61 9.59
CA PHE A 61 13.19 7.01 9.57
C PHE A 61 14.04 7.29 8.34
N GLY A 62 14.31 6.23 7.58
CA GLY A 62 15.04 6.39 6.34
C GLY A 62 14.13 6.80 5.20
N GLU A 63 12.83 6.63 5.39
CA GLU A 63 11.87 6.95 4.34
C GLU A 63 11.01 8.16 4.73
N ILE A 64 10.59 8.21 6.00
CA ILE A 64 9.81 9.34 6.53
C ILE A 64 8.61 9.69 5.65
N ILE A 65 7.50 9.03 5.88
CA ILE A 65 6.30 9.23 5.09
C ILE A 65 5.62 10.55 5.46
N SER A 66 6.14 11.22 6.48
CA SER A 66 5.68 12.55 6.83
C SER A 66 5.94 13.52 5.68
N LYS A 67 6.78 13.09 4.73
CA LYS A 67 7.04 13.88 3.54
C LYS A 67 5.80 13.93 2.65
N TYR A 68 4.93 12.96 2.85
CA TYR A 68 3.60 12.97 2.24
C TYR A 68 2.69 13.76 3.18
N VAL A 69 2.42 13.18 4.34
CA VAL A 69 1.67 13.82 5.40
C VAL A 69 1.91 13.07 6.70
N GLU A 70 1.94 13.80 7.82
CA GLU A 70 2.05 13.18 9.14
C GLU A 70 0.73 12.51 9.51
N ARG A 71 -0.28 12.73 8.69
CA ARG A 71 -1.59 12.14 8.90
C ARG A 71 -1.75 10.89 8.06
N THR A 72 -1.00 9.86 8.43
CA THR A 72 -1.01 8.59 7.72
C THR A 72 -1.17 7.43 8.69
N GLU A 73 -2.37 6.87 8.73
CA GLU A 73 -2.67 5.77 9.64
C GLU A 73 -2.77 4.45 8.87
N LEU A 74 -1.76 3.59 9.03
CA LEU A 74 -1.74 2.31 8.35
C LEU A 74 -2.38 1.23 9.20
N LEU A 75 -3.63 0.91 8.88
CA LEU A 75 -4.36 -0.13 9.60
C LEU A 75 -3.90 -1.50 9.14
N LYS A 76 -3.34 -2.25 10.08
CA LYS A 76 -2.82 -3.58 9.80
C LYS A 76 -3.72 -4.63 10.43
N ASP A 77 -4.92 -4.19 10.80
CA ASP A 77 -5.93 -5.07 11.39
C ASP A 77 -6.25 -6.23 10.45
N GLY A 78 -6.19 -5.93 9.15
CA GLY A 78 -6.46 -6.92 8.13
C GLY A 78 -5.28 -7.81 7.82
N ILE A 79 -4.08 -7.38 8.25
CA ILE A 79 -2.83 -8.05 7.87
C ILE A 79 -2.84 -9.55 8.16
N GLY A 80 -3.61 -9.97 9.18
CA GLY A 80 -3.71 -11.38 9.50
C GLY A 80 -4.29 -12.19 8.36
N GLU A 81 -5.00 -11.52 7.48
CA GLU A 81 -5.58 -12.14 6.31
C GLU A 81 -4.98 -11.54 5.03
N GLY A 82 -4.01 -10.65 5.20
CA GLY A 82 -3.36 -10.02 4.08
C GLY A 82 -4.10 -8.78 3.57
N LYS A 83 -4.70 -8.03 4.48
CA LYS A 83 -5.40 -6.81 4.10
C LYS A 83 -4.80 -5.60 4.77
N VAL A 84 -4.56 -4.54 4.02
CA VAL A 84 -3.99 -3.33 4.58
C VAL A 84 -4.83 -2.11 4.21
N THR A 85 -5.12 -1.27 5.20
CA THR A 85 -5.92 -0.08 4.97
C THR A 85 -5.15 1.17 5.37
N LEU A 86 -4.77 1.96 4.38
CA LEU A 86 -3.98 3.15 4.64
C LEU A 86 -4.87 4.39 4.67
N ARG A 87 -4.88 5.07 5.80
CA ARG A 87 -5.59 6.32 5.95
C ARG A 87 -4.65 7.50 5.72
N ILE A 88 -4.78 8.15 4.59
CA ILE A 88 -3.93 9.29 4.27
C ILE A 88 -4.76 10.55 4.13
N PHE A 89 -4.42 11.56 4.89
CA PHE A 89 -5.16 12.82 4.85
C PHE A 89 -4.50 13.80 3.88
N ASN A 90 -5.32 14.40 3.02
CA ASN A 90 -4.89 15.45 2.09
C ASN A 90 -4.10 14.88 0.91
N VAL A 91 -4.83 14.36 -0.06
CA VAL A 91 -4.25 13.93 -1.33
C VAL A 91 -4.65 14.91 -2.42
N THR A 92 -3.73 15.25 -3.31
CA THR A 92 -3.97 16.30 -4.28
C THR A 92 -3.98 15.80 -5.73
N VAL A 93 -4.07 16.73 -6.67
CA VAL A 93 -4.32 16.41 -8.07
C VAL A 93 -3.16 15.67 -8.74
N ASP A 94 -1.96 15.84 -8.22
CA ASP A 94 -0.80 15.18 -8.80
C ASP A 94 -0.73 13.73 -8.34
N ASP A 95 -0.89 13.53 -7.04
CA ASP A 95 -0.74 12.22 -6.44
C ASP A 95 -2.03 11.40 -6.51
N ASP A 96 -3.10 12.05 -6.98
CA ASP A 96 -4.38 11.37 -7.19
C ASP A 96 -4.31 10.37 -8.36
N GLY A 97 -3.17 10.31 -9.04
CA GLY A 97 -3.04 9.43 -10.19
C GLY A 97 -3.14 7.95 -9.86
N SER A 98 -2.00 7.29 -9.75
CA SER A 98 -1.98 5.85 -9.52
C SER A 98 -1.08 5.50 -8.35
N TYR A 99 -1.62 4.74 -7.41
CA TYR A 99 -0.87 4.31 -6.24
C TYR A 99 -0.17 2.99 -6.51
N HIS A 100 0.95 2.77 -5.84
CA HIS A 100 1.71 1.54 -6.01
C HIS A 100 1.54 0.65 -4.78
N CYS A 101 0.79 -0.43 -4.96
CA CYS A 101 0.62 -1.42 -3.92
C CYS A 101 1.53 -2.62 -4.19
N VAL A 102 2.45 -2.86 -3.28
CA VAL A 102 3.40 -3.96 -3.41
C VAL A 102 3.49 -4.71 -2.10
N PHE A 103 3.41 -6.03 -2.17
CA PHE A 103 3.52 -6.84 -0.96
C PHE A 103 4.66 -7.83 -1.10
N LYS A 104 5.59 -7.76 -0.17
CA LYS A 104 6.74 -8.64 -0.19
C LYS A 104 6.72 -9.57 1.02
N ASP A 105 6.36 -10.82 0.77
CA ASP A 105 6.38 -11.85 1.81
C ASP A 105 7.72 -12.57 1.76
N GLY A 106 8.72 -11.98 2.40
CA GLY A 106 10.04 -12.52 2.36
C GLY A 106 10.70 -12.30 1.01
N ASP A 107 10.64 -13.32 0.17
CA ASP A 107 11.27 -13.24 -1.15
C ASP A 107 10.24 -13.26 -2.26
N PHE A 108 8.97 -13.45 -1.92
CA PHE A 108 7.90 -13.42 -2.92
C PHE A 108 7.20 -12.07 -2.86
N TYR A 109 7.40 -11.27 -3.90
CA TYR A 109 6.81 -9.96 -3.96
C TYR A 109 5.72 -9.90 -5.02
N GLU A 110 4.64 -9.21 -4.71
CA GLU A 110 3.56 -9.01 -5.65
C GLU A 110 3.35 -7.52 -5.90
N GLU A 111 2.81 -7.20 -7.06
CA GLU A 111 2.70 -5.83 -7.50
C GLU A 111 1.33 -5.53 -8.08
N HIS A 112 0.70 -4.48 -7.59
CA HIS A 112 -0.61 -4.08 -8.08
C HIS A 112 -0.70 -2.56 -8.19
N ILE A 113 -1.23 -2.08 -9.30
CA ILE A 113 -1.40 -0.65 -9.51
C ILE A 113 -2.81 -0.23 -9.12
N THR A 114 -2.90 0.77 -8.27
CA THR A 114 -4.18 1.23 -7.77
C THR A 114 -4.59 2.56 -8.41
N GLU A 115 -5.84 2.64 -8.81
CA GLU A 115 -6.36 3.86 -9.45
C GLU A 115 -6.98 4.77 -8.40
N VAL A 116 -6.41 5.95 -8.22
CA VAL A 116 -6.95 6.92 -7.29
C VAL A 116 -7.83 7.92 -8.05
N LYS A 117 -8.94 8.31 -7.44
CA LYS A 117 -9.84 9.27 -8.06
C LYS A 117 -10.19 10.37 -7.06
N ILE A 118 -9.46 11.47 -7.13
CA ILE A 118 -9.74 12.61 -6.27
C ILE A 118 -11.00 13.32 -6.76
N THR A 119 -11.94 13.51 -5.84
CA THR A 119 -13.21 14.12 -6.15
C THR A 119 -13.71 14.92 -4.96
N MET A 1 2.46 -28.86 -6.52
CA MET A 1 3.71 -28.84 -5.73
C MET A 1 3.89 -27.48 -5.07
N SER A 2 4.61 -27.45 -3.96
CA SER A 2 4.81 -26.21 -3.21
C SER A 2 5.93 -25.36 -3.84
N SER A 3 5.69 -24.89 -5.04
CA SER A 3 6.62 -24.01 -5.73
C SER A 3 5.86 -22.80 -6.26
N GLU A 4 4.69 -22.59 -5.68
CA GLU A 4 3.81 -21.50 -6.09
C GLU A 4 3.88 -20.36 -5.07
N PRO A 5 4.08 -19.13 -5.55
CA PRO A 5 4.10 -17.93 -4.71
C PRO A 5 2.70 -17.52 -4.28
N PHE A 6 2.57 -16.32 -3.74
CA PHE A 6 1.27 -15.81 -3.36
C PHE A 6 0.60 -15.14 -4.54
N ILE A 7 -0.68 -14.79 -4.42
CA ILE A 7 -1.38 -14.12 -5.52
C ILE A 7 -2.19 -12.93 -5.03
N VAL A 8 -2.65 -12.15 -5.97
CA VAL A 8 -3.39 -10.94 -5.71
C VAL A 8 -4.86 -11.13 -6.06
N ASN A 9 -5.74 -10.45 -5.33
CA ASN A 9 -7.16 -10.47 -5.66
C ASN A 9 -7.49 -9.28 -6.56
N GLY A 10 -8.61 -9.36 -7.26
CA GLY A 10 -9.00 -8.29 -8.15
C GLY A 10 -9.62 -7.11 -7.44
N LEU A 11 -9.04 -6.73 -6.32
CA LEU A 11 -9.54 -5.61 -5.54
C LEU A 11 -8.39 -4.70 -5.14
N GLU A 12 -8.17 -3.68 -5.94
CA GLU A 12 -7.17 -2.67 -5.64
C GLU A 12 -7.86 -1.41 -5.12
N GLY A 13 -9.13 -1.27 -5.48
CA GLY A 13 -9.92 -0.15 -5.01
C GLY A 13 -9.83 1.06 -5.90
N PRO A 14 -10.75 1.22 -6.86
CA PRO A 14 -10.89 2.45 -7.64
C PRO A 14 -11.49 3.56 -6.78
N VAL A 15 -10.71 4.00 -5.80
CA VAL A 15 -11.19 4.89 -4.76
C VAL A 15 -11.46 6.30 -5.27
N LEU A 16 -12.63 6.78 -4.95
CA LEU A 16 -13.03 8.14 -5.24
C LEU A 16 -12.80 8.98 -3.98
N ALA A 17 -11.62 9.56 -3.88
CA ALA A 17 -11.20 10.22 -2.66
C ALA A 17 -11.49 11.71 -2.72
N SER A 18 -11.71 12.30 -1.55
CA SER A 18 -11.98 13.71 -1.46
C SER A 18 -10.69 14.44 -1.13
N LEU A 19 -10.31 15.37 -1.98
CA LEU A 19 -9.04 16.05 -1.84
C LEU A 19 -9.00 16.85 -0.54
N GLY A 20 -8.08 16.50 0.34
CA GLY A 20 -7.98 17.16 1.63
C GLY A 20 -8.69 16.38 2.72
N GLY A 21 -9.32 15.27 2.34
CA GLY A 21 -10.02 14.44 3.31
C GLY A 21 -9.26 13.18 3.63
N ASN A 22 -9.94 12.22 4.26
CA ASN A 22 -9.31 10.98 4.66
C ASN A 22 -9.30 9.99 3.50
N LEU A 23 -8.10 9.64 3.06
CA LEU A 23 -7.93 8.70 1.96
C LEU A 23 -7.58 7.33 2.52
N GLU A 24 -8.49 6.38 2.36
CA GLU A 24 -8.24 5.01 2.80
C GLU A 24 -7.98 4.11 1.60
N LEU A 25 -6.74 3.69 1.43
CA LEU A 25 -6.38 2.81 0.34
C LEU A 25 -6.38 1.37 0.81
N SER A 26 -7.07 0.50 0.10
CA SER A 26 -7.22 -0.88 0.51
C SER A 26 -6.69 -1.84 -0.56
N CYS A 27 -5.72 -2.66 -0.19
CA CYS A 27 -5.18 -3.65 -1.11
C CYS A 27 -5.44 -5.04 -0.57
N GLN A 28 -5.79 -5.97 -1.47
CA GLN A 28 -6.14 -7.33 -1.08
C GLN A 28 -5.10 -8.33 -1.61
N LEU A 29 -4.65 -9.20 -0.73
CA LEU A 29 -3.65 -10.20 -1.06
C LEU A 29 -4.14 -11.59 -0.68
N SER A 30 -3.60 -12.60 -1.32
CA SER A 30 -3.89 -13.98 -0.97
C SER A 30 -2.58 -14.71 -0.64
N PRO A 31 -2.11 -14.57 0.61
CA PRO A 31 -0.84 -15.14 1.04
C PRO A 31 -0.99 -16.56 1.59
N PRO A 32 0.10 -17.34 1.57
CA PRO A 32 0.12 -18.70 2.12
C PRO A 32 0.46 -18.71 3.61
N GLN A 33 0.27 -17.57 4.26
CA GLN A 33 0.57 -17.42 5.67
C GLN A 33 -0.16 -16.20 6.22
N GLN A 34 0.12 -15.84 7.47
CA GLN A 34 -0.56 -14.73 8.13
C GLN A 34 -0.10 -13.39 7.57
N ALA A 35 1.04 -13.39 6.91
CA ALA A 35 1.59 -12.20 6.24
C ALA A 35 1.82 -11.05 7.21
N GLN A 36 2.01 -11.38 8.49
CA GLN A 36 2.19 -10.37 9.53
C GLN A 36 3.40 -9.48 9.22
N HIS A 37 4.48 -10.11 8.75
CA HIS A 37 5.72 -9.38 8.47
C HIS A 37 5.73 -8.85 7.03
N MET A 38 4.55 -8.75 6.42
CA MET A 38 4.44 -8.35 5.02
C MET A 38 5.21 -7.08 4.71
N GLU A 39 5.96 -7.13 3.63
CA GLU A 39 6.67 -5.97 3.11
C GLU A 39 5.81 -5.34 2.01
N ILE A 40 5.12 -4.27 2.35
CA ILE A 40 4.14 -3.70 1.45
C ILE A 40 4.51 -2.29 1.05
N ARG A 41 4.34 -1.99 -0.24
CA ARG A 41 4.47 -0.64 -0.73
C ARG A 41 3.11 -0.16 -1.23
N TRP A 42 2.59 0.87 -0.60
CA TRP A 42 1.26 1.38 -0.93
C TRP A 42 1.34 2.87 -1.21
N PHE A 43 2.13 3.26 -2.19
CA PHE A 43 2.49 4.67 -2.31
C PHE A 43 2.67 5.12 -3.75
N ARG A 44 2.83 6.42 -3.89
CA ARG A 44 3.33 7.01 -5.12
C ARG A 44 4.75 7.48 -4.85
N ASN A 45 5.51 7.76 -5.90
CA ASN A 45 6.87 8.24 -5.73
C ASN A 45 7.35 8.94 -6.99
N LEU A 46 8.32 9.83 -6.81
CA LEU A 46 8.88 10.56 -7.93
C LEU A 46 10.15 9.86 -8.41
N TYR A 47 10.05 9.26 -9.60
CA TYR A 47 11.15 8.53 -10.22
C TYR A 47 11.39 7.19 -9.53
N THR A 48 12.26 6.37 -10.11
CA THR A 48 12.51 5.04 -9.60
C THR A 48 13.46 5.06 -8.41
N GLU A 49 12.88 5.10 -7.21
CA GLU A 49 13.64 4.97 -5.98
C GLU A 49 12.86 4.09 -5.01
N PRO A 50 13.41 2.92 -4.66
CA PRO A 50 12.77 1.99 -3.72
C PRO A 50 12.85 2.46 -2.27
N VAL A 51 12.56 3.75 -2.08
CA VAL A 51 12.64 4.35 -0.77
C VAL A 51 11.23 4.64 -0.22
N HIS A 52 10.38 3.62 -0.26
CA HIS A 52 9.02 3.72 0.26
C HIS A 52 8.51 2.34 0.61
N LEU A 53 9.19 1.68 1.53
CA LEU A 53 8.83 0.33 1.92
C LEU A 53 8.27 0.31 3.34
N TYR A 54 7.17 -0.40 3.53
CA TYR A 54 6.63 -0.63 4.86
C TYR A 54 6.70 -2.12 5.17
N ARG A 55 7.56 -2.50 6.10
CA ARG A 55 7.79 -3.90 6.38
C ARG A 55 7.37 -4.23 7.80
N ASP A 56 6.32 -5.05 7.92
CA ASP A 56 5.80 -5.49 9.23
C ASP A 56 5.25 -4.32 10.02
N GLY A 57 5.09 -3.18 9.36
CA GLY A 57 4.59 -1.99 10.03
C GLY A 57 5.72 -1.06 10.42
N LYS A 58 6.94 -1.43 10.07
CA LYS A 58 8.10 -0.60 10.35
C LYS A 58 8.55 0.16 9.12
N ASP A 59 8.79 1.44 9.30
CA ASP A 59 9.31 2.31 8.26
C ASP A 59 10.58 3.00 8.75
N MET A 60 11.41 3.44 7.81
CA MET A 60 12.66 4.10 8.17
C MET A 60 12.60 5.58 7.85
N PHE A 61 13.73 6.27 7.98
CA PHE A 61 13.78 7.71 7.78
C PHE A 61 13.82 8.06 6.29
N GLY A 62 13.95 7.05 5.45
CA GLY A 62 13.92 7.27 4.02
C GLY A 62 12.50 7.36 3.51
N GLU A 63 11.71 6.35 3.83
CA GLU A 63 10.31 6.29 3.41
C GLU A 63 9.41 6.91 4.46
N ILE A 64 10.04 7.63 5.39
CA ILE A 64 9.33 8.27 6.49
C ILE A 64 7.99 8.82 6.02
N ILE A 65 6.92 8.24 6.56
CA ILE A 65 5.59 8.46 6.04
C ILE A 65 5.07 9.85 6.36
N SER A 66 5.68 10.51 7.34
CA SER A 66 5.37 11.89 7.65
C SER A 66 5.83 12.80 6.51
N LYS A 67 6.67 12.25 5.62
CA LYS A 67 7.14 12.99 4.46
C LYS A 67 6.09 12.93 3.36
N TYR A 68 5.19 11.98 3.48
CA TYR A 68 4.07 11.86 2.57
C TYR A 68 2.98 12.82 2.99
N VAL A 69 2.55 12.68 4.24
CA VAL A 69 1.57 13.56 4.82
C VAL A 69 1.64 13.46 6.35
N GLU A 70 1.21 14.51 7.04
CA GLU A 70 1.32 14.58 8.49
C GLU A 70 0.56 13.43 9.17
N ARG A 71 -0.74 13.34 8.90
CA ARG A 71 -1.57 12.32 9.52
C ARG A 71 -1.63 11.06 8.67
N THR A 72 -0.63 10.21 8.82
CA THR A 72 -0.58 8.95 8.09
C THR A 72 -0.66 7.77 9.06
N GLU A 73 -1.46 6.77 8.70
CA GLU A 73 -1.61 5.59 9.53
C GLU A 73 -1.81 4.35 8.67
N LEU A 74 -1.11 3.28 8.99
CA LEU A 74 -1.24 2.04 8.24
C LEU A 74 -2.10 1.05 9.00
N LEU A 75 -3.32 0.83 8.49
CA LEU A 75 -4.24 -0.11 9.11
C LEU A 75 -3.80 -1.53 8.80
N LYS A 76 -3.26 -2.19 9.83
CA LYS A 76 -2.71 -3.54 9.71
C LYS A 76 -3.75 -4.56 10.14
N ASP A 77 -4.93 -4.08 10.49
CA ASP A 77 -6.04 -4.93 10.95
C ASP A 77 -6.28 -6.08 9.98
N GLY A 78 -6.17 -5.77 8.71
CA GLY A 78 -6.47 -6.73 7.67
C GLY A 78 -5.31 -7.65 7.35
N ILE A 79 -4.09 -7.29 7.77
CA ILE A 79 -2.87 -7.97 7.31
C ILE A 79 -2.91 -9.48 7.57
N GLY A 80 -3.51 -9.89 8.69
CA GLY A 80 -3.61 -11.32 8.99
C GLY A 80 -4.55 -12.04 8.06
N GLU A 81 -5.23 -11.28 7.21
CA GLU A 81 -6.12 -11.82 6.20
C GLU A 81 -5.63 -11.44 4.81
N GLY A 82 -4.50 -10.75 4.76
CA GLY A 82 -3.97 -10.27 3.50
C GLY A 82 -4.64 -9.01 3.04
N LYS A 83 -4.88 -8.08 3.95
CA LYS A 83 -5.51 -6.82 3.58
C LYS A 83 -4.78 -5.65 4.24
N VAL A 84 -4.48 -4.62 3.47
CA VAL A 84 -3.82 -3.45 4.02
C VAL A 84 -4.65 -2.21 3.74
N THR A 85 -4.84 -1.38 4.76
CA THR A 85 -5.58 -0.15 4.58
C THR A 85 -4.73 1.05 4.96
N LEU A 86 -4.22 1.76 3.98
CA LEU A 86 -3.39 2.93 4.23
C LEU A 86 -4.28 4.15 4.40
N ARG A 87 -4.22 4.74 5.59
CA ARG A 87 -4.99 5.92 5.89
C ARG A 87 -4.13 7.16 5.73
N ILE A 88 -4.39 7.91 4.69
CA ILE A 88 -3.66 9.14 4.42
C ILE A 88 -4.60 10.33 4.51
N PHE A 89 -4.44 11.13 5.55
CA PHE A 89 -5.26 12.31 5.72
C PHE A 89 -4.71 13.44 4.86
N ASN A 90 -5.57 13.97 3.99
CA ASN A 90 -5.21 15.06 3.06
C ASN A 90 -4.44 14.51 1.86
N VAL A 91 -5.18 13.88 0.96
CA VAL A 91 -4.61 13.40 -0.30
C VAL A 91 -4.36 14.56 -1.25
N THR A 92 -3.25 14.53 -1.96
CA THR A 92 -2.85 15.65 -2.81
C THR A 92 -3.11 15.38 -4.29
N VAL A 93 -3.10 16.45 -5.08
CA VAL A 93 -3.28 16.33 -6.52
C VAL A 93 -2.03 15.68 -7.15
N ASP A 94 -0.96 15.63 -6.38
CA ASP A 94 0.25 14.93 -6.81
C ASP A 94 0.04 13.42 -6.70
N ASP A 95 -0.89 13.04 -5.83
CA ASP A 95 -1.19 11.64 -5.58
C ASP A 95 -2.50 11.24 -6.27
N ASP A 96 -3.23 12.25 -6.76
CA ASP A 96 -4.50 12.06 -7.47
C ASP A 96 -4.38 11.21 -8.75
N GLY A 97 -3.21 10.65 -9.00
CA GLY A 97 -3.02 9.88 -10.21
C GLY A 97 -3.01 8.38 -9.98
N SER A 98 -1.98 7.74 -10.48
CA SER A 98 -1.84 6.30 -10.37
C SER A 98 -0.98 5.93 -9.17
N TYR A 99 -1.58 5.22 -8.23
CA TYR A 99 -0.87 4.74 -7.06
C TYR A 99 -0.22 3.40 -7.37
N HIS A 100 0.80 3.03 -6.62
CA HIS A 100 1.45 1.75 -6.82
C HIS A 100 1.34 0.90 -5.57
N CYS A 101 0.69 -0.24 -5.71
CA CYS A 101 0.59 -1.21 -4.64
C CYS A 101 1.50 -2.38 -4.96
N VAL A 102 2.50 -2.59 -4.12
CA VAL A 102 3.46 -3.66 -4.30
C VAL A 102 3.49 -4.54 -3.06
N PHE A 103 3.00 -5.76 -3.22
CA PHE A 103 2.94 -6.70 -2.11
C PHE A 103 4.14 -7.62 -2.16
N LYS A 104 4.91 -7.67 -1.09
CA LYS A 104 6.10 -8.52 -1.04
C LYS A 104 6.16 -9.33 0.24
N ASP A 105 6.51 -10.60 0.08
CA ASP A 105 6.75 -11.49 1.20
C ASP A 105 8.05 -12.23 0.96
N GLY A 106 9.15 -11.53 1.18
CA GLY A 106 10.45 -12.10 0.90
C GLY A 106 10.68 -12.30 -0.58
N ASP A 107 10.48 -13.51 -1.05
CA ASP A 107 10.67 -13.83 -2.46
C ASP A 107 9.36 -13.63 -3.24
N PHE A 108 8.22 -13.77 -2.58
CA PHE A 108 6.94 -13.56 -3.24
C PHE A 108 6.71 -12.08 -3.44
N TYR A 109 6.32 -11.68 -4.63
CA TYR A 109 6.05 -10.28 -4.90
C TYR A 109 5.00 -10.12 -6.00
N GLU A 110 4.11 -9.15 -5.82
CA GLU A 110 3.11 -8.83 -6.81
C GLU A 110 2.98 -7.32 -6.95
N GLU A 111 2.59 -6.87 -8.13
CA GLU A 111 2.52 -5.44 -8.42
C GLU A 111 1.17 -5.07 -9.01
N HIS A 112 0.62 -3.94 -8.57
CA HIS A 112 -0.68 -3.50 -9.05
C HIS A 112 -0.77 -1.97 -9.06
N ILE A 113 -1.35 -1.43 -10.12
CA ILE A 113 -1.52 0.01 -10.25
C ILE A 113 -2.94 0.42 -9.83
N THR A 114 -3.02 1.41 -8.97
CA THR A 114 -4.31 1.86 -8.47
C THR A 114 -4.63 3.26 -8.96
N GLU A 115 -5.92 3.61 -8.98
CA GLU A 115 -6.35 4.93 -9.42
C GLU A 115 -7.00 5.67 -8.27
N VAL A 116 -6.47 6.85 -7.94
CA VAL A 116 -7.10 7.68 -6.93
C VAL A 116 -7.85 8.81 -7.62
N LYS A 117 -9.17 8.80 -7.50
CA LYS A 117 -9.98 9.80 -8.17
C LYS A 117 -10.34 10.91 -7.20
N ILE A 118 -9.74 12.07 -7.40
CA ILE A 118 -9.94 13.20 -6.52
C ILE A 118 -11.28 13.88 -6.77
N THR A 119 -12.02 14.07 -5.69
CA THR A 119 -13.29 14.74 -5.73
C THR A 119 -13.25 15.97 -4.84
N MET A 1 2.52 -20.79 -16.84
CA MET A 1 2.77 -19.34 -16.81
C MET A 1 2.95 -18.85 -15.37
N SER A 2 1.89 -18.99 -14.58
CA SER A 2 1.93 -18.58 -13.19
C SER A 2 2.99 -19.36 -12.43
N SER A 3 3.78 -18.66 -11.63
CA SER A 3 4.84 -19.27 -10.85
C SER A 3 4.90 -18.62 -9.48
N GLU A 4 3.77 -18.07 -9.07
CA GLU A 4 3.66 -17.30 -7.85
C GLU A 4 3.29 -18.19 -6.66
N PRO A 5 4.07 -18.11 -5.57
CA PRO A 5 3.76 -18.82 -4.32
C PRO A 5 2.75 -18.07 -3.47
N PHE A 6 2.50 -16.82 -3.86
CA PHE A 6 1.56 -15.95 -3.18
C PHE A 6 1.24 -14.77 -4.11
N ILE A 7 0.03 -14.25 -4.04
CA ILE A 7 -0.39 -13.21 -4.99
C ILE A 7 -1.29 -12.17 -4.33
N VAL A 8 -1.63 -11.15 -5.11
CA VAL A 8 -2.57 -10.14 -4.70
C VAL A 8 -3.97 -10.56 -5.14
N ASN A 9 -4.98 -10.26 -4.33
CA ASN A 9 -6.35 -10.66 -4.63
C ASN A 9 -6.87 -9.90 -5.85
N GLY A 10 -7.58 -10.61 -6.72
CA GLY A 10 -8.10 -10.00 -7.94
C GLY A 10 -9.20 -8.99 -7.67
N LEU A 11 -8.80 -7.74 -7.54
CA LEU A 11 -9.75 -6.65 -7.37
C LEU A 11 -9.21 -5.39 -8.05
N GLU A 12 -10.09 -4.48 -8.43
CA GLU A 12 -9.68 -3.24 -9.08
C GLU A 12 -9.08 -2.29 -8.05
N GLY A 13 -9.81 -2.10 -6.96
CA GLY A 13 -9.34 -1.21 -5.91
C GLY A 13 -9.53 0.26 -6.27
N PRO A 14 -10.80 0.72 -6.37
CA PRO A 14 -11.09 2.11 -6.70
C PRO A 14 -10.96 3.01 -5.48
N VAL A 15 -9.75 3.52 -5.25
CA VAL A 15 -9.51 4.39 -4.11
C VAL A 15 -10.06 5.78 -4.36
N LEU A 16 -11.30 6.00 -3.94
CA LEU A 16 -11.94 7.29 -4.10
C LEU A 16 -11.57 8.21 -2.94
N ALA A 17 -10.60 9.07 -3.17
CA ALA A 17 -10.10 9.96 -2.14
C ALA A 17 -10.52 11.39 -2.41
N SER A 18 -10.53 12.22 -1.38
CA SER A 18 -10.96 13.59 -1.50
C SER A 18 -9.77 14.51 -1.28
N LEU A 19 -9.57 15.44 -2.20
CA LEU A 19 -8.41 16.31 -2.18
C LEU A 19 -8.34 17.09 -0.86
N GLY A 20 -7.20 16.98 -0.19
CA GLY A 20 -7.01 17.68 1.07
C GLY A 20 -7.46 16.85 2.26
N GLY A 21 -8.34 15.88 2.01
CA GLY A 21 -8.85 15.05 3.08
C GLY A 21 -8.03 13.79 3.26
N ASN A 22 -8.51 12.89 4.11
CA ASN A 22 -7.81 11.64 4.37
C ASN A 22 -8.06 10.64 3.25
N LEU A 23 -6.98 10.13 2.69
CA LEU A 23 -7.06 9.11 1.65
C LEU A 23 -6.85 7.74 2.27
N GLU A 24 -7.82 6.86 2.07
CA GLU A 24 -7.73 5.52 2.60
C GLU A 24 -7.53 4.52 1.47
N LEU A 25 -6.36 3.92 1.44
CA LEU A 25 -6.03 2.96 0.39
C LEU A 25 -6.30 1.54 0.86
N SER A 26 -7.04 0.79 0.06
CA SER A 26 -7.40 -0.57 0.41
C SER A 26 -6.70 -1.57 -0.51
N CYS A 27 -5.98 -2.51 0.08
CA CYS A 27 -5.32 -3.56 -0.69
C CYS A 27 -5.63 -4.91 -0.09
N GLN A 28 -5.79 -5.92 -0.94
CA GLN A 28 -6.11 -7.26 -0.48
C GLN A 28 -5.19 -8.28 -1.16
N LEU A 29 -4.59 -9.16 -0.38
CA LEU A 29 -3.71 -10.18 -0.92
C LEU A 29 -4.11 -11.55 -0.42
N SER A 30 -3.58 -12.59 -1.05
CA SER A 30 -3.78 -13.96 -0.61
C SER A 30 -2.60 -14.41 0.23
N PRO A 31 -2.73 -14.34 1.56
CA PRO A 31 -1.62 -14.55 2.49
C PRO A 31 -1.38 -16.03 2.83
N PRO A 32 -0.13 -16.48 2.71
CA PRO A 32 0.29 -17.79 3.18
C PRO A 32 0.26 -17.86 4.69
N GLN A 33 0.65 -16.76 5.32
CA GLN A 33 0.64 -16.64 6.77
C GLN A 33 0.01 -15.30 7.17
N GLN A 34 0.07 -14.98 8.46
CA GLN A 34 -0.51 -13.72 8.96
C GLN A 34 0.30 -12.52 8.47
N ALA A 35 1.59 -12.72 8.26
CA ALA A 35 2.49 -11.70 7.72
C ALA A 35 2.48 -10.41 8.56
N GLN A 36 2.16 -10.54 9.83
CA GLN A 36 2.00 -9.38 10.72
C GLN A 36 3.31 -8.60 10.87
N HIS A 37 4.43 -9.28 10.66
CA HIS A 37 5.74 -8.67 10.82
C HIS A 37 6.46 -8.57 9.48
N MET A 38 5.70 -8.68 8.40
CA MET A 38 6.28 -8.70 7.06
C MET A 38 6.42 -7.27 6.52
N GLU A 39 6.66 -7.14 5.22
CA GLU A 39 6.85 -5.84 4.60
C GLU A 39 5.76 -5.57 3.58
N ILE A 40 5.16 -4.39 3.65
CA ILE A 40 4.13 -4.01 2.71
C ILE A 40 4.39 -2.60 2.18
N ARG A 41 4.01 -2.37 0.93
CA ARG A 41 4.17 -1.08 0.32
C ARG A 41 2.85 -0.63 -0.30
N TRP A 42 2.32 0.47 0.20
CA TRP A 42 1.09 1.04 -0.29
C TRP A 42 1.34 2.49 -0.64
N PHE A 43 2.26 2.72 -1.56
CA PHE A 43 2.81 4.06 -1.72
C PHE A 43 2.94 4.47 -3.18
N ARG A 44 3.02 5.77 -3.40
CA ARG A 44 3.19 6.31 -4.74
C ARG A 44 4.65 6.24 -5.16
N ASN A 45 4.88 6.08 -6.45
CA ASN A 45 6.22 6.04 -7.00
C ASN A 45 6.28 6.94 -8.23
N LEU A 46 7.30 7.78 -8.30
CA LEU A 46 7.53 8.61 -9.47
C LEU A 46 8.83 8.20 -10.12
N TYR A 47 8.81 8.06 -11.44
CA TYR A 47 9.95 7.54 -12.19
C TYR A 47 10.31 6.14 -11.68
N THR A 48 11.34 6.04 -10.87
CA THR A 48 11.74 4.79 -10.24
C THR A 48 12.54 5.07 -8.97
N GLU A 49 11.85 5.07 -7.84
CA GLU A 49 12.51 5.25 -6.54
C GLU A 49 12.06 4.15 -5.58
N PRO A 50 12.75 3.00 -5.59
CA PRO A 50 12.42 1.86 -4.75
C PRO A 50 12.92 2.04 -3.32
N VAL A 51 12.52 3.14 -2.71
CA VAL A 51 12.91 3.45 -1.34
C VAL A 51 11.68 3.54 -0.44
N HIS A 52 10.51 3.38 -1.04
CA HIS A 52 9.26 3.51 -0.31
C HIS A 52 8.76 2.14 0.13
N LEU A 53 8.45 2.01 1.42
CA LEU A 53 8.02 0.72 1.98
C LEU A 53 7.63 0.87 3.46
N TYR A 54 6.66 0.09 3.89
CA TYR A 54 6.24 0.04 5.28
C TYR A 54 6.62 -1.32 5.86
N ARG A 55 7.56 -1.33 6.78
CA ARG A 55 8.08 -2.57 7.33
C ARG A 55 7.53 -2.79 8.73
N ASP A 56 6.85 -3.93 8.93
CA ASP A 56 6.28 -4.30 10.23
C ASP A 56 5.27 -3.24 10.71
N GLY A 57 4.76 -2.45 9.78
CA GLY A 57 3.82 -1.40 10.14
C GLY A 57 4.52 -0.12 10.55
N LYS A 58 5.83 -0.07 10.35
CA LYS A 58 6.62 1.11 10.66
C LYS A 58 7.17 1.72 9.38
N ASP A 59 7.47 3.01 9.43
CA ASP A 59 8.00 3.71 8.26
C ASP A 59 9.53 3.71 8.29
N MET A 60 10.13 3.70 7.12
CA MET A 60 11.59 3.67 7.02
C MET A 60 12.14 5.07 6.76
N PHE A 61 13.40 5.27 7.12
CA PHE A 61 14.04 6.58 6.96
C PHE A 61 14.17 6.95 5.48
N GLY A 62 14.20 5.93 4.62
CA GLY A 62 14.26 6.17 3.20
C GLY A 62 12.89 6.43 2.61
N GLU A 63 11.86 5.92 3.27
CA GLU A 63 10.48 6.11 2.80
C GLU A 63 9.97 7.46 3.27
N ILE A 64 10.26 7.76 4.54
CA ILE A 64 9.88 9.02 5.19
C ILE A 64 8.46 9.47 4.80
N ILE A 65 7.47 8.90 5.49
CA ILE A 65 6.06 9.15 5.17
C ILE A 65 5.63 10.58 5.48
N SER A 66 6.55 11.38 6.02
CA SER A 66 6.31 12.80 6.22
C SER A 66 6.14 13.50 4.87
N LYS A 67 6.52 12.82 3.80
CA LYS A 67 6.26 13.29 2.45
C LYS A 67 4.77 13.49 2.25
N TYR A 68 3.98 12.56 2.77
CA TYR A 68 2.52 12.67 2.77
C TYR A 68 2.09 13.57 3.92
N VAL A 69 2.63 13.26 5.11
CA VAL A 69 2.44 14.06 6.33
C VAL A 69 1.03 13.93 6.90
N GLU A 70 0.81 14.61 8.03
CA GLU A 70 -0.49 14.68 8.69
C GLU A 70 -0.85 13.37 9.37
N ARG A 71 -2.01 12.82 9.04
CA ARG A 71 -2.50 11.61 9.68
C ARG A 71 -2.13 10.39 8.85
N THR A 72 -1.04 9.76 9.22
CA THR A 72 -0.59 8.56 8.57
C THR A 72 -0.74 7.36 9.50
N GLU A 73 -1.62 6.44 9.13
CA GLU A 73 -1.88 5.27 9.94
C GLU A 73 -2.19 4.05 9.07
N LEU A 74 -1.44 2.99 9.24
CA LEU A 74 -1.69 1.77 8.49
C LEU A 74 -2.60 0.84 9.28
N LEU A 75 -3.80 0.64 8.78
CA LEU A 75 -4.74 -0.29 9.38
C LEU A 75 -4.31 -1.71 9.07
N LYS A 76 -3.77 -2.37 10.08
CA LYS A 76 -3.25 -3.73 9.95
C LYS A 76 -4.30 -4.72 10.44
N ASP A 77 -5.47 -4.19 10.79
CA ASP A 77 -6.58 -4.99 11.30
C ASP A 77 -6.91 -6.15 10.36
N GLY A 78 -6.75 -5.89 9.07
CA GLY A 78 -7.10 -6.85 8.05
C GLY A 78 -6.00 -7.87 7.77
N ILE A 79 -4.77 -7.58 8.19
CA ILE A 79 -3.59 -8.35 7.77
C ILE A 79 -3.76 -9.86 7.94
N GLY A 80 -4.39 -10.29 9.03
CA GLY A 80 -4.58 -11.71 9.28
C GLY A 80 -5.53 -12.36 8.29
N GLU A 81 -6.21 -11.53 7.52
CA GLU A 81 -7.12 -12.00 6.48
C GLU A 81 -6.64 -11.58 5.11
N GLY A 82 -5.49 -10.90 5.07
CA GLY A 82 -4.94 -10.43 3.81
C GLY A 82 -5.49 -9.10 3.39
N LYS A 83 -5.76 -8.23 4.35
CA LYS A 83 -6.27 -6.89 4.07
C LYS A 83 -5.38 -5.82 4.70
N VAL A 84 -5.15 -4.73 3.98
CA VAL A 84 -4.39 -3.60 4.53
C VAL A 84 -5.02 -2.29 4.10
N THR A 85 -5.19 -1.39 5.05
CA THR A 85 -5.80 -0.09 4.75
C THR A 85 -4.90 1.05 5.20
N LEU A 86 -4.24 1.69 4.25
CA LEU A 86 -3.34 2.79 4.56
C LEU A 86 -4.11 4.11 4.61
N ARG A 87 -4.15 4.70 5.79
CA ARG A 87 -4.78 5.99 5.98
C ARG A 87 -3.73 7.09 5.88
N ILE A 88 -3.76 7.84 4.79
CA ILE A 88 -2.85 8.95 4.60
C ILE A 88 -3.65 10.23 4.38
N PHE A 89 -3.55 11.16 5.31
CA PHE A 89 -4.23 12.44 5.19
C PHE A 89 -3.53 13.29 4.14
N ASN A 90 -4.33 14.10 3.42
CA ASN A 90 -3.85 14.99 2.37
C ASN A 90 -3.51 14.19 1.11
N VAL A 91 -4.50 14.03 0.24
CA VAL A 91 -4.27 13.47 -1.07
C VAL A 91 -4.37 14.57 -2.11
N THR A 92 -3.58 14.50 -3.17
CA THR A 92 -3.55 15.57 -4.15
C THR A 92 -3.68 15.02 -5.58
N VAL A 93 -3.76 15.93 -6.55
CA VAL A 93 -3.84 15.56 -7.96
C VAL A 93 -2.60 14.76 -8.36
N ASP A 94 -1.51 14.99 -7.66
CA ASP A 94 -0.27 14.24 -7.85
C ASP A 94 -0.47 12.78 -7.48
N ASP A 95 -1.37 12.53 -6.54
CA ASP A 95 -1.67 11.18 -6.08
C ASP A 95 -2.85 10.61 -6.85
N ASP A 96 -3.55 11.49 -7.54
CA ASP A 96 -4.68 11.10 -8.42
C ASP A 96 -4.22 10.24 -9.62
N GLY A 97 -3.11 9.54 -9.45
CA GLY A 97 -2.61 8.65 -10.47
C GLY A 97 -2.58 7.21 -10.02
N SER A 98 -1.43 6.57 -10.18
CA SER A 98 -1.28 5.16 -9.80
C SER A 98 -0.46 5.03 -8.52
N TYR A 99 -0.98 4.25 -7.58
CA TYR A 99 -0.27 3.92 -6.36
C TYR A 99 0.24 2.49 -6.46
N HIS A 100 1.42 2.24 -5.96
CA HIS A 100 2.00 0.90 -6.07
C HIS A 100 1.83 0.13 -4.78
N CYS A 101 1.13 -0.99 -4.88
CA CYS A 101 0.98 -1.93 -3.78
C CYS A 101 1.97 -3.07 -3.94
N VAL A 102 2.78 -3.31 -2.92
CA VAL A 102 3.77 -4.37 -2.94
C VAL A 102 3.72 -5.14 -1.63
N PHE A 103 3.74 -6.45 -1.70
CA PHE A 103 3.66 -7.27 -0.50
C PHE A 103 4.83 -8.23 -0.42
N LYS A 104 5.61 -8.11 0.64
CA LYS A 104 6.77 -8.97 0.85
C LYS A 104 6.52 -9.89 2.04
N ASP A 105 6.27 -11.17 1.73
CA ASP A 105 6.04 -12.17 2.77
C ASP A 105 7.15 -13.20 2.75
N GLY A 106 7.93 -13.24 3.82
CA GLY A 106 9.06 -14.13 3.89
C GLY A 106 10.15 -13.73 2.92
N ASP A 107 10.26 -14.46 1.82
CA ASP A 107 11.28 -14.19 0.82
C ASP A 107 10.67 -13.80 -0.52
N PHE A 108 9.36 -13.98 -0.66
CA PHE A 108 8.68 -13.71 -1.93
C PHE A 108 7.85 -12.44 -1.85
N TYR A 109 7.63 -11.82 -3.00
CA TYR A 109 6.91 -10.56 -3.04
C TYR A 109 6.03 -10.46 -4.28
N GLU A 110 4.89 -9.79 -4.13
CA GLU A 110 3.97 -9.57 -5.23
C GLU A 110 3.67 -8.08 -5.35
N GLU A 111 3.18 -7.65 -6.50
CA GLU A 111 2.91 -6.24 -6.73
C GLU A 111 1.60 -6.02 -7.48
N HIS A 112 0.98 -4.87 -7.23
CA HIS A 112 -0.27 -4.50 -7.88
C HIS A 112 -0.32 -2.98 -8.06
N ILE A 113 -0.69 -2.55 -9.26
CA ILE A 113 -0.91 -1.13 -9.52
C ILE A 113 -2.35 -0.78 -9.22
N THR A 114 -2.56 0.07 -8.24
CA THR A 114 -3.90 0.45 -7.84
C THR A 114 -4.13 1.94 -8.09
N GLU A 115 -5.27 2.27 -8.67
CA GLU A 115 -5.55 3.64 -9.10
C GLU A 115 -6.23 4.45 -8.00
N VAL A 116 -5.82 5.70 -7.87
CA VAL A 116 -6.45 6.62 -6.94
C VAL A 116 -7.31 7.63 -7.71
N LYS A 117 -8.53 7.81 -7.25
CA LYS A 117 -9.46 8.72 -7.90
C LYS A 117 -9.85 9.86 -6.96
N ILE A 118 -9.33 11.04 -7.23
CA ILE A 118 -9.69 12.21 -6.45
C ILE A 118 -11.12 12.64 -6.81
N THR A 119 -12.00 12.62 -5.83
CA THR A 119 -13.39 12.92 -6.03
C THR A 119 -13.87 13.93 -5.00
N MET A 1 3.65 -22.70 -15.64
CA MET A 1 4.92 -22.04 -15.26
C MET A 1 4.65 -20.85 -14.34
N SER A 2 3.66 -20.99 -13.47
CA SER A 2 3.36 -19.96 -12.50
C SER A 2 4.52 -19.80 -11.53
N SER A 3 5.06 -18.60 -11.44
CA SER A 3 6.24 -18.34 -10.64
C SER A 3 5.89 -17.41 -9.50
N GLU A 4 4.63 -17.03 -9.48
CA GLU A 4 4.09 -16.11 -8.52
C GLU A 4 3.61 -16.85 -7.26
N PRO A 5 4.27 -16.63 -6.13
CA PRO A 5 3.85 -17.20 -4.85
C PRO A 5 2.89 -16.28 -4.10
N PHE A 6 2.48 -15.22 -4.80
CA PHE A 6 1.60 -14.22 -4.25
C PHE A 6 0.70 -13.67 -5.35
N ILE A 7 -0.57 -13.46 -5.04
CA ILE A 7 -1.50 -12.88 -5.99
C ILE A 7 -2.54 -12.01 -5.28
N VAL A 8 -3.14 -11.12 -6.05
CA VAL A 8 -4.20 -10.26 -5.57
C VAL A 8 -5.56 -10.92 -5.80
N ASN A 9 -6.41 -10.89 -4.79
CA ASN A 9 -7.72 -11.52 -4.88
C ASN A 9 -8.82 -10.47 -4.82
N GLY A 10 -9.86 -10.66 -5.63
CA GLY A 10 -10.98 -9.74 -5.60
C GLY A 10 -11.09 -8.93 -6.86
N LEU A 11 -11.15 -7.61 -6.71
CA LEU A 11 -11.29 -6.71 -7.84
C LEU A 11 -9.97 -6.02 -8.11
N GLU A 12 -9.95 -5.19 -9.15
CA GLU A 12 -8.73 -4.51 -9.56
C GLU A 12 -8.33 -3.44 -8.55
N GLY A 13 -9.32 -2.80 -7.95
CA GLY A 13 -9.06 -1.80 -6.92
C GLY A 13 -9.53 -0.42 -7.30
N PRO A 14 -10.84 -0.16 -7.25
CA PRO A 14 -11.40 1.16 -7.53
C PRO A 14 -11.36 2.05 -6.30
N VAL A 15 -10.16 2.47 -5.91
CA VAL A 15 -9.99 3.29 -4.73
C VAL A 15 -10.30 4.75 -5.00
N LEU A 16 -11.44 5.22 -4.50
CA LEU A 16 -11.84 6.61 -4.68
C LEU A 16 -11.49 7.41 -3.43
N ALA A 17 -11.16 8.67 -3.62
CA ALA A 17 -10.75 9.52 -2.51
C ALA A 17 -11.39 10.89 -2.60
N SER A 18 -11.21 11.70 -1.55
CA SER A 18 -11.72 13.05 -1.52
C SER A 18 -10.59 14.04 -1.31
N LEU A 19 -10.42 14.96 -2.26
CA LEU A 19 -9.32 15.93 -2.22
C LEU A 19 -9.39 16.80 -0.98
N GLY A 20 -8.28 16.87 -0.26
CA GLY A 20 -8.23 17.67 0.95
C GLY A 20 -8.76 16.94 2.16
N GLY A 21 -9.46 15.84 1.92
CA GLY A 21 -10.04 15.08 3.02
C GLY A 21 -9.20 13.86 3.35
N ASN A 22 -9.83 12.87 3.96
CA ASN A 22 -9.13 11.64 4.32
C ASN A 22 -9.00 10.73 3.12
N LEU A 23 -7.79 10.24 2.89
CA LEU A 23 -7.53 9.33 1.80
C LEU A 23 -7.22 7.94 2.38
N GLU A 24 -8.13 7.01 2.17
CA GLU A 24 -7.97 5.67 2.70
C GLU A 24 -7.79 4.67 1.56
N LEU A 25 -6.62 4.07 1.50
CA LEU A 25 -6.31 3.10 0.44
C LEU A 25 -6.45 1.68 0.97
N SER A 26 -7.19 0.86 0.26
CA SER A 26 -7.38 -0.52 0.65
C SER A 26 -6.66 -1.46 -0.32
N CYS A 27 -5.75 -2.26 0.21
CA CYS A 27 -5.08 -3.27 -0.59
C CYS A 27 -5.31 -4.63 0.04
N GLN A 28 -5.53 -5.64 -0.77
CA GLN A 28 -5.81 -6.97 -0.26
C GLN A 28 -4.98 -8.03 -0.99
N LEU A 29 -4.52 -9.00 -0.23
CA LEU A 29 -3.71 -10.07 -0.77
C LEU A 29 -4.29 -11.42 -0.37
N SER A 30 -3.90 -12.47 -1.09
CA SER A 30 -4.23 -13.83 -0.69
C SER A 30 -3.22 -14.27 0.37
N PRO A 31 -3.68 -14.39 1.63
CA PRO A 31 -2.80 -14.54 2.80
C PRO A 31 -2.10 -15.89 2.88
N PRO A 32 -0.77 -15.90 2.71
CA PRO A 32 0.08 -17.06 2.99
C PRO A 32 0.57 -17.01 4.43
N GLN A 33 0.30 -15.88 5.08
CA GLN A 33 0.71 -15.61 6.45
C GLN A 33 -0.18 -14.52 7.02
N GLN A 34 0.14 -14.02 8.20
CA GLN A 34 -0.65 -12.97 8.82
C GLN A 34 -0.20 -11.59 8.32
N ALA A 35 0.91 -11.58 7.58
CA ALA A 35 1.41 -10.38 6.89
C ALA A 35 1.96 -9.33 7.86
N GLN A 36 1.88 -9.60 9.16
CA GLN A 36 2.32 -8.65 10.18
C GLN A 36 3.84 -8.42 10.11
N HIS A 37 4.53 -9.34 9.45
CA HIS A 37 5.98 -9.28 9.36
C HIS A 37 6.41 -8.96 7.93
N MET A 38 5.44 -8.65 7.08
CA MET A 38 5.72 -8.48 5.65
C MET A 38 6.10 -7.05 5.31
N GLU A 39 6.84 -6.90 4.21
CA GLU A 39 7.15 -5.60 3.63
C GLU A 39 5.97 -5.11 2.82
N ILE A 40 5.27 -4.11 3.32
CA ILE A 40 4.12 -3.59 2.62
C ILE A 40 4.41 -2.21 2.05
N ARG A 41 3.91 -1.95 0.85
CA ARG A 41 4.03 -0.66 0.21
C ARG A 41 2.68 -0.23 -0.32
N TRP A 42 2.30 0.99 -0.02
CA TRP A 42 1.03 1.54 -0.49
C TRP A 42 1.17 3.02 -0.72
N PHE A 43 2.10 3.40 -1.57
CA PHE A 43 2.46 4.81 -1.71
C PHE A 43 2.52 5.24 -3.17
N ARG A 44 2.31 6.51 -3.41
CA ARG A 44 2.38 7.06 -4.76
C ARG A 44 3.84 7.29 -5.15
N ASN A 45 4.39 6.35 -5.90
CA ASN A 45 5.76 6.45 -6.38
C ASN A 45 5.97 5.56 -7.60
N LEU A 46 6.80 6.04 -8.50
CA LEU A 46 7.14 5.31 -9.72
C LEU A 46 8.65 5.26 -9.87
N TYR A 47 9.14 4.33 -10.68
CA TYR A 47 10.58 4.16 -10.90
C TYR A 47 11.29 3.78 -9.61
N THR A 48 10.84 2.69 -9.00
CA THR A 48 11.38 2.25 -7.73
C THR A 48 12.71 1.53 -7.89
N GLU A 49 13.75 2.29 -8.16
CA GLU A 49 15.10 1.74 -8.18
C GLU A 49 15.56 1.45 -6.74
N PRO A 50 15.51 2.45 -5.83
CA PRO A 50 15.78 2.22 -4.42
C PRO A 50 14.54 1.76 -3.68
N VAL A 51 14.57 0.53 -3.17
CA VAL A 51 13.41 -0.06 -2.53
C VAL A 51 13.07 0.67 -1.23
N HIS A 52 11.77 0.89 -1.02
CA HIS A 52 11.29 1.53 0.20
C HIS A 52 10.01 0.86 0.64
N LEU A 53 9.89 0.61 1.94
CA LEU A 53 8.87 -0.30 2.44
C LEU A 53 8.51 -0.02 3.89
N TYR A 54 7.28 -0.35 4.24
CA TYR A 54 6.86 -0.36 5.63
C TYR A 54 6.91 -1.79 6.13
N ARG A 55 7.83 -2.08 7.03
CA ARG A 55 8.06 -3.46 7.46
C ARG A 55 8.49 -3.50 8.92
N ASP A 56 8.22 -4.62 9.58
CA ASP A 56 8.66 -4.84 10.96
C ASP A 56 8.00 -3.82 11.88
N GLY A 57 6.82 -3.35 11.46
CA GLY A 57 6.11 -2.33 12.21
C GLY A 57 6.87 -1.02 12.24
N LYS A 58 7.67 -0.78 11.21
CA LYS A 58 8.55 0.37 11.18
C LYS A 58 8.65 0.99 9.78
N ASP A 59 8.90 2.28 9.75
CA ASP A 59 9.20 3.00 8.51
C ASP A 59 10.60 3.61 8.63
N MET A 60 11.26 3.84 7.50
CA MET A 60 12.63 4.32 7.53
C MET A 60 12.74 5.73 6.95
N PHE A 61 13.95 6.10 6.54
CA PHE A 61 14.25 7.47 6.12
C PHE A 61 13.64 7.80 4.76
N GLY A 62 13.62 6.84 3.85
CA GLY A 62 13.13 7.09 2.51
C GLY A 62 11.63 6.95 2.41
N GLU A 63 11.12 5.90 3.02
CA GLU A 63 9.70 5.61 3.02
C GLU A 63 9.00 6.33 4.17
N ILE A 64 9.67 7.34 4.71
CA ILE A 64 9.15 8.10 5.83
C ILE A 64 7.72 8.56 5.56
N ILE A 65 6.78 7.94 6.26
CA ILE A 65 5.37 8.13 5.97
C ILE A 65 4.90 9.52 6.37
N SER A 66 5.71 10.20 7.18
CA SER A 66 5.45 11.57 7.55
C SER A 66 5.62 12.50 6.34
N LYS A 67 6.21 11.96 5.26
CA LYS A 67 6.49 12.73 4.05
C LYS A 67 5.21 13.29 3.44
N TYR A 68 4.07 12.70 3.78
CA TYR A 68 2.78 13.17 3.26
C TYR A 68 2.33 14.45 3.97
N VAL A 69 3.16 14.92 4.91
CA VAL A 69 2.94 16.18 5.62
C VAL A 69 1.60 16.20 6.34
N GLU A 70 1.22 15.06 6.92
CA GLU A 70 0.00 14.96 7.70
C GLU A 70 -0.01 13.64 8.46
N ARG A 71 -1.05 13.43 9.27
CA ARG A 71 -1.15 12.20 10.05
C ARG A 71 -1.48 11.00 9.14
N THR A 72 -0.88 9.87 9.46
CA THR A 72 -1.05 8.66 8.67
C THR A 72 -1.22 7.45 9.58
N GLU A 73 -2.10 6.53 9.17
CA GLU A 73 -2.33 5.31 9.92
C GLU A 73 -2.41 4.11 8.99
N LEU A 74 -1.35 3.32 8.94
CA LEU A 74 -1.37 2.08 8.19
C LEU A 74 -2.12 1.03 8.99
N LEU A 75 -3.43 0.95 8.77
CA LEU A 75 -4.27 0.03 9.51
C LEU A 75 -3.97 -1.41 9.14
N LYS A 76 -3.57 -2.17 10.16
CA LYS A 76 -3.21 -3.57 10.00
C LYS A 76 -4.28 -4.45 10.63
N ASP A 77 -5.38 -3.84 11.01
CA ASP A 77 -6.49 -4.57 11.62
C ASP A 77 -7.00 -5.66 10.68
N GLY A 78 -6.93 -5.38 9.38
CA GLY A 78 -7.32 -6.34 8.37
C GLY A 78 -6.19 -7.29 7.99
N ILE A 79 -4.96 -6.93 8.35
CA ILE A 79 -3.75 -7.58 7.84
C ILE A 79 -3.76 -9.10 8.03
N GLY A 80 -4.30 -9.58 9.15
CA GLY A 80 -4.34 -11.00 9.40
C GLY A 80 -5.22 -11.74 8.42
N GLU A 81 -6.15 -11.02 7.82
CA GLU A 81 -7.03 -11.59 6.82
C GLU A 81 -6.57 -11.20 5.42
N GLY A 82 -5.45 -10.48 5.36
CA GLY A 82 -4.88 -10.12 4.08
C GLY A 82 -5.35 -8.77 3.56
N LYS A 83 -5.75 -7.89 4.47
CA LYS A 83 -6.22 -6.56 4.05
C LYS A 83 -5.43 -5.46 4.75
N VAL A 84 -5.00 -4.47 3.99
CA VAL A 84 -4.31 -3.33 4.58
C VAL A 84 -5.02 -2.03 4.22
N THR A 85 -5.23 -1.18 5.20
CA THR A 85 -5.91 0.08 4.98
C THR A 85 -5.05 1.27 5.35
N LEU A 86 -4.56 1.99 4.36
CA LEU A 86 -3.71 3.13 4.60
C LEU A 86 -4.52 4.40 4.79
N ARG A 87 -4.50 4.93 6.00
CA ARG A 87 -5.18 6.17 6.31
C ARG A 87 -4.22 7.35 6.14
N ILE A 88 -4.41 8.13 5.09
CA ILE A 88 -3.59 9.31 4.87
C ILE A 88 -4.44 10.56 4.93
N PHE A 89 -4.08 11.50 5.79
CA PHE A 89 -4.78 12.77 5.83
C PHE A 89 -4.35 13.65 4.67
N ASN A 90 -5.34 14.11 3.90
CA ASN A 90 -5.13 15.02 2.76
C ASN A 90 -4.57 14.31 1.54
N VAL A 91 -5.29 14.43 0.44
CA VAL A 91 -4.84 13.91 -0.85
C VAL A 91 -5.06 14.97 -1.93
N THR A 92 -4.12 15.07 -2.85
CA THR A 92 -4.21 16.08 -3.90
C THR A 92 -4.17 15.44 -5.29
N VAL A 93 -4.35 16.26 -6.31
CA VAL A 93 -4.37 15.78 -7.69
C VAL A 93 -3.00 15.23 -8.11
N ASP A 94 -1.99 15.50 -7.29
CA ASP A 94 -0.66 14.96 -7.52
C ASP A 94 -0.57 13.51 -7.04
N ASP A 95 -1.44 13.15 -6.11
CA ASP A 95 -1.51 11.79 -5.61
C ASP A 95 -2.69 11.07 -6.25
N ASP A 96 -3.52 11.85 -6.94
CA ASP A 96 -4.65 11.34 -7.74
C ASP A 96 -4.17 10.56 -8.98
N GLY A 97 -2.98 9.97 -8.89
CA GLY A 97 -2.43 9.27 -10.02
C GLY A 97 -2.00 7.85 -9.68
N SER A 98 -0.74 7.55 -10.00
CA SER A 98 -0.20 6.21 -9.84
C SER A 98 0.14 5.91 -8.38
N TYR A 99 -0.57 4.95 -7.80
CA TYR A 99 -0.29 4.49 -6.45
C TYR A 99 0.27 3.08 -6.50
N HIS A 100 1.39 2.87 -5.86
CA HIS A 100 2.10 1.60 -5.93
C HIS A 100 1.87 0.77 -4.68
N CYS A 101 1.27 -0.39 -4.86
CA CYS A 101 1.07 -1.34 -3.78
C CYS A 101 2.04 -2.50 -3.92
N VAL A 102 2.58 -2.95 -2.80
CA VAL A 102 3.55 -4.05 -2.80
C VAL A 102 3.36 -4.92 -1.56
N PHE A 103 3.32 -6.23 -1.78
CA PHE A 103 3.22 -7.19 -0.69
C PHE A 103 4.42 -8.11 -0.71
N LYS A 104 5.23 -8.06 0.32
CA LYS A 104 6.42 -8.90 0.38
C LYS A 104 6.53 -9.64 1.71
N ASP A 105 6.18 -10.91 1.72
CA ASP A 105 6.41 -11.72 2.90
C ASP A 105 7.76 -12.40 2.78
N GLY A 106 8.80 -11.59 2.92
CA GLY A 106 10.15 -12.06 2.68
C GLY A 106 10.41 -12.20 1.20
N ASP A 107 10.47 -13.45 0.72
CA ASP A 107 10.67 -13.72 -0.70
C ASP A 107 9.34 -13.73 -1.44
N PHE A 108 8.25 -13.92 -0.69
CA PHE A 108 6.91 -13.88 -1.25
C PHE A 108 6.58 -12.44 -1.67
N TYR A 109 6.82 -12.14 -2.93
CA TYR A 109 6.69 -10.77 -3.40
C TYR A 109 5.65 -10.62 -4.51
N GLU A 110 4.86 -9.55 -4.40
CA GLU A 110 3.93 -9.16 -5.45
C GLU A 110 3.87 -7.64 -5.53
N GLU A 111 3.92 -7.09 -6.73
CA GLU A 111 3.82 -5.65 -6.92
C GLU A 111 2.66 -5.31 -7.82
N HIS A 112 1.92 -4.27 -7.46
CA HIS A 112 0.75 -3.87 -8.23
C HIS A 112 0.67 -2.34 -8.29
N ILE A 113 0.17 -1.81 -9.39
CA ILE A 113 0.05 -0.38 -9.54
C ILE A 113 -1.39 0.01 -9.83
N THR A 114 -1.99 0.71 -8.88
CA THR A 114 -3.37 1.12 -8.98
C THR A 114 -3.47 2.63 -9.12
N GLU A 115 -4.58 3.11 -9.63
CA GLU A 115 -4.79 4.54 -9.78
C GLU A 115 -5.76 5.04 -8.71
N VAL A 116 -5.37 6.09 -8.01
CA VAL A 116 -6.25 6.70 -7.03
C VAL A 116 -7.17 7.67 -7.75
N LYS A 117 -8.46 7.55 -7.50
CA LYS A 117 -9.43 8.39 -8.17
C LYS A 117 -10.19 9.25 -7.17
N ILE A 118 -9.76 10.48 -7.01
CA ILE A 118 -10.49 11.44 -6.20
C ILE A 118 -11.80 11.77 -6.88
N THR A 119 -12.90 11.39 -6.23
CA THR A 119 -14.22 11.55 -6.81
C THR A 119 -15.17 12.17 -5.80
#